data_1IGU
# 
_entry.id   1IGU 
# 
_audit_conform.dict_name       mmcif_pdbx.dic 
_audit_conform.dict_version    5.376 
_audit_conform.dict_location   http://mmcif.pdb.org/dictionaries/ascii/mmcif_pdbx.dic 
# 
loop_
_database_2.database_id 
_database_2.database_code 
_database_2.pdbx_database_accession 
_database_2.pdbx_DOI 
PDB   1IGU         pdb_00001igu 10.2210/pdb1igu/pdb 
RCSB  RCSB013251   ?            ?                   
WWPDB D_1000013251 ?            ?                   
# 
_pdbx_database_related.db_name        PDB 
_pdbx_database_related.db_id          1IGQ 
_pdbx_database_related.details        '1IGQ is the same structure in another space group' 
_pdbx_database_related.content_type   unspecified 
# 
_pdbx_database_status.status_code                     REL 
_pdbx_database_status.entry_id                        1IGU 
_pdbx_database_status.recvd_initial_deposition_date   2001-04-18 
_pdbx_database_status.deposit_site                    RCSB 
_pdbx_database_status.process_site                    RCSB 
_pdbx_database_status.status_code_sf                  REL 
_pdbx_database_status.SG_entry                        . 
_pdbx_database_status.pdb_format_compatible           Y 
_pdbx_database_status.status_code_mr                  ? 
_pdbx_database_status.status_code_cs                  ? 
_pdbx_database_status.methods_development_category    ? 
_pdbx_database_status.status_code_nmr_data            ? 
# 
loop_
_audit_author.name 
_audit_author.pdbx_ordinal 
'Delbruck, H.'  1 
'Heinemann, U.' 2 
# 
_citation.id                        primary 
_citation.title                     
;An Src homology 3-like domain is responsible for dimerization of the repressor protein KorB encoded by the promiscuous IncP plasmid RP4.
;
_citation.journal_abbrev            J.Biol.Chem. 
_citation.journal_volume            277 
_citation.page_first                4191 
_citation.page_last                 4198 
_citation.year                      2002 
_citation.journal_id_ASTM           JBCHA3 
_citation.country                   US 
_citation.journal_id_ISSN           0021-9258 
_citation.journal_id_CSD            0071 
_citation.book_publisher            ? 
_citation.pdbx_database_id_PubMed   11711548 
_citation.pdbx_database_id_DOI      10.1074/jbc.M110103200 
# 
loop_
_citation_author.citation_id 
_citation_author.name 
_citation_author.ordinal 
_citation_author.identifier_ORCID 
primary 'Delbruck, H.'  1 ? 
primary 'Ziegelin, G.'  2 ? 
primary 'Lanka, E.'     3 ? 
primary 'Heinemann, U.' 4 ? 
# 
_cell.entry_id           1IGU 
_cell.length_a           51.680 
_cell.length_b           51.680 
_cell.length_c           87.420 
_cell.angle_alpha        90.00 
_cell.angle_beta         90.00 
_cell.angle_gamma        120.00 
_cell.Z_PDB              12 
_cell.pdbx_unique_axis   ? 
# 
_symmetry.entry_id                         1IGU 
_symmetry.space_group_name_H-M             'P 65' 
_symmetry.pdbx_full_space_group_name_H-M   ? 
_symmetry.cell_setting                     ? 
_symmetry.Int_Tables_number                170 
# 
loop_
_entity.id 
_entity.type 
_entity.src_method 
_entity.pdbx_description 
_entity.formula_weight 
_entity.pdbx_number_of_molecules 
_entity.pdbx_ec 
_entity.pdbx_mutation 
_entity.pdbx_fragment 
_entity.details 
1 polymer man 'Transcriptional repressor protein KorB' 7110.020 2   ? ? 'C-terminal domain' ? 
2 water   nat water                                    18.015   125 ? ? ?                   ? 
# 
_entity_poly.entity_id                      1 
_entity_poly.type                           'polypeptide(L)' 
_entity_poly.nstd_linkage                   no 
_entity_poly.nstd_monomer                   no 
_entity_poly.pdbx_seq_one_letter_code       KEPDPDKLKKAIVQVEHDERPARLILNRRPPAEGYAWLKYEDDGQEFEANLADVKLVALIEG 
_entity_poly.pdbx_seq_one_letter_code_can   KEPDPDKLKKAIVQVEHDERPARLILNRRPPAEGYAWLKYEDDGQEFEANLADVKLVALIEG 
_entity_poly.pdbx_strand_id                 A,B 
_entity_poly.pdbx_target_identifier         ? 
# 
loop_
_entity_poly_seq.entity_id 
_entity_poly_seq.num 
_entity_poly_seq.mon_id 
_entity_poly_seq.hetero 
1 1  LYS n 
1 2  GLU n 
1 3  PRO n 
1 4  ASP n 
1 5  PRO n 
1 6  ASP n 
1 7  LYS n 
1 8  LEU n 
1 9  LYS n 
1 10 LYS n 
1 11 ALA n 
1 12 ILE n 
1 13 VAL n 
1 14 GLN n 
1 15 VAL n 
1 16 GLU n 
1 17 HIS n 
1 18 ASP n 
1 19 GLU n 
1 20 ARG n 
1 21 PRO n 
1 22 ALA n 
1 23 ARG n 
1 24 LEU n 
1 25 ILE n 
1 26 LEU n 
1 27 ASN n 
1 28 ARG n 
1 29 ARG n 
1 30 PRO n 
1 31 PRO n 
1 32 ALA n 
1 33 GLU n 
1 34 GLY n 
1 35 TYR n 
1 36 ALA n 
1 37 TRP n 
1 38 LEU n 
1 39 LYS n 
1 40 TYR n 
1 41 GLU n 
1 42 ASP n 
1 43 ASP n 
1 44 GLY n 
1 45 GLN n 
1 46 GLU n 
1 47 PHE n 
1 48 GLU n 
1 49 ALA n 
1 50 ASN n 
1 51 LEU n 
1 52 ALA n 
1 53 ASP n 
1 54 VAL n 
1 55 LYS n 
1 56 LEU n 
1 57 VAL n 
1 58 ALA n 
1 59 LEU n 
1 60 ILE n 
1 61 GLU n 
1 62 GLY n 
# 
_entity_src_gen.entity_id                          1 
_entity_src_gen.pdbx_src_id                        1 
_entity_src_gen.pdbx_alt_source_flag               sample 
_entity_src_gen.pdbx_seq_type                      ? 
_entity_src_gen.pdbx_beg_seq_num                   ? 
_entity_src_gen.pdbx_end_seq_num                   ? 
_entity_src_gen.gene_src_common_name               ? 
_entity_src_gen.gene_src_genus                     Escherichia 
_entity_src_gen.pdbx_gene_src_gene                 korb 
_entity_src_gen.gene_src_species                   ? 
_entity_src_gen.gene_src_strain                    ? 
_entity_src_gen.gene_src_tissue                    ? 
_entity_src_gen.gene_src_tissue_fraction           ? 
_entity_src_gen.gene_src_details                   ? 
_entity_src_gen.pdbx_gene_src_fragment             ? 
_entity_src_gen.pdbx_gene_src_scientific_name      'Escherichia coli' 
_entity_src_gen.pdbx_gene_src_ncbi_taxonomy_id     562 
_entity_src_gen.pdbx_gene_src_variant              ? 
_entity_src_gen.pdbx_gene_src_cell_line            ? 
_entity_src_gen.pdbx_gene_src_atcc                 ? 
_entity_src_gen.pdbx_gene_src_organ                ? 
_entity_src_gen.pdbx_gene_src_organelle            ? 
_entity_src_gen.pdbx_gene_src_cell                 ? 
_entity_src_gen.pdbx_gene_src_cellular_location    ? 
_entity_src_gen.host_org_common_name               ? 
_entity_src_gen.pdbx_host_org_scientific_name      'Escherichia coli' 
_entity_src_gen.pdbx_host_org_ncbi_taxonomy_id     562 
_entity_src_gen.host_org_genus                     Escherichia 
_entity_src_gen.pdbx_host_org_gene                 ? 
_entity_src_gen.pdbx_host_org_organ                ? 
_entity_src_gen.host_org_species                   ? 
_entity_src_gen.pdbx_host_org_tissue               ? 
_entity_src_gen.pdbx_host_org_tissue_fraction      ? 
_entity_src_gen.pdbx_host_org_strain               ? 
_entity_src_gen.pdbx_host_org_variant              ? 
_entity_src_gen.pdbx_host_org_cell_line            ? 
_entity_src_gen.pdbx_host_org_atcc                 ? 
_entity_src_gen.pdbx_host_org_culture_collection   ? 
_entity_src_gen.pdbx_host_org_cell                 ? 
_entity_src_gen.pdbx_host_org_organelle            ? 
_entity_src_gen.pdbx_host_org_cellular_location    ? 
_entity_src_gen.pdbx_host_org_vector_type          ? 
_entity_src_gen.pdbx_host_org_vector               ? 
_entity_src_gen.host_org_details                   ? 
_entity_src_gen.expression_system_id               ? 
_entity_src_gen.plasmid_name                       ? 
_entity_src_gen.plasmid_details                    ? 
_entity_src_gen.pdbx_description                   ? 
# 
_struct_ref.id                         1 
_struct_ref.db_name                    UNP 
_struct_ref.db_code                    KORB2_ECOLI 
_struct_ref.entity_id                  1 
_struct_ref.pdbx_seq_one_letter_code   KEPDPDKLKKAIVQVEHDERPARLILNRRPPAEGYAWLKYEDDGQEFEANLADVKLVALIEG 
_struct_ref.pdbx_align_begin           297 
_struct_ref.pdbx_db_accession          P07674 
_struct_ref.pdbx_db_isoform            ? 
# 
loop_
_struct_ref_seq.align_id 
_struct_ref_seq.ref_id 
_struct_ref_seq.pdbx_PDB_id_code 
_struct_ref_seq.pdbx_strand_id 
_struct_ref_seq.seq_align_beg 
_struct_ref_seq.pdbx_seq_align_beg_ins_code 
_struct_ref_seq.seq_align_end 
_struct_ref_seq.pdbx_seq_align_end_ins_code 
_struct_ref_seq.pdbx_db_accession 
_struct_ref_seq.db_align_beg 
_struct_ref_seq.pdbx_db_align_beg_ins_code 
_struct_ref_seq.db_align_end 
_struct_ref_seq.pdbx_db_align_end_ins_code 
_struct_ref_seq.pdbx_auth_seq_align_beg 
_struct_ref_seq.pdbx_auth_seq_align_end 
1 1 1IGU A 1 ? 62 ? P07674 297 ? 358 ? 297 358 
2 1 1IGU B 1 ? 62 ? P07674 297 ? 358 ? 297 358 
# 
loop_
_chem_comp.id 
_chem_comp.type 
_chem_comp.mon_nstd_flag 
_chem_comp.name 
_chem_comp.pdbx_synonyms 
_chem_comp.formula 
_chem_comp.formula_weight 
ALA 'L-peptide linking' y ALANINE         ? 'C3 H7 N O2'     89.093  
ARG 'L-peptide linking' y ARGININE        ? 'C6 H15 N4 O2 1' 175.209 
ASN 'L-peptide linking' y ASPARAGINE      ? 'C4 H8 N2 O3'    132.118 
ASP 'L-peptide linking' y 'ASPARTIC ACID' ? 'C4 H7 N O4'     133.103 
GLN 'L-peptide linking' y GLUTAMINE       ? 'C5 H10 N2 O3'   146.144 
GLU 'L-peptide linking' y 'GLUTAMIC ACID' ? 'C5 H9 N O4'     147.129 
GLY 'peptide linking'   y GLYCINE         ? 'C2 H5 N O2'     75.067  
HIS 'L-peptide linking' y HISTIDINE       ? 'C6 H10 N3 O2 1' 156.162 
HOH non-polymer         . WATER           ? 'H2 O'           18.015  
ILE 'L-peptide linking' y ISOLEUCINE      ? 'C6 H13 N O2'    131.173 
LEU 'L-peptide linking' y LEUCINE         ? 'C6 H13 N O2'    131.173 
LYS 'L-peptide linking' y LYSINE          ? 'C6 H15 N2 O2 1' 147.195 
PHE 'L-peptide linking' y PHENYLALANINE   ? 'C9 H11 N O2'    165.189 
PRO 'L-peptide linking' y PROLINE         ? 'C5 H9 N O2'     115.130 
TRP 'L-peptide linking' y TRYPTOPHAN      ? 'C11 H12 N2 O2'  204.225 
TYR 'L-peptide linking' y TYROSINE        ? 'C9 H11 N O3'    181.189 
VAL 'L-peptide linking' y VALINE          ? 'C5 H11 N O2'    117.146 
# 
_exptl.entry_id          1IGU 
_exptl.method            'X-RAY DIFFRACTION' 
_exptl.crystals_number   1 
# 
_exptl_crystal.id                    1 
_exptl_crystal.density_meas          ? 
_exptl_crystal.density_Matthews      2.37 
_exptl_crystal.density_percent_sol   48.06 
_exptl_crystal.description           ? 
# 
_exptl_crystal_grow.crystal_id      1 
_exptl_crystal_grow.method          'VAPOR DIFFUSION, HANGING DROP' 
_exptl_crystal_grow.temp            293 
_exptl_crystal_grow.temp_details    ? 
_exptl_crystal_grow.pH              4.6 
_exptl_crystal_grow.pdbx_details    
'PEG 4000, Na acetate, Ammonium acetate,, pH 4.6, VAPOR DIFFUSION, HANGING DROP, temperature 293K' 
_exptl_crystal_grow.pdbx_pH_range   . 
# 
_diffrn.id                     1 
_diffrn.ambient_temp           110 
_diffrn.ambient_temp_details   ? 
_diffrn.crystal_id             1 
# 
_diffrn_detector.diffrn_id              1 
_diffrn_detector.detector               'IMAGE PLATE' 
_diffrn_detector.type                   MARRESEARCH 
_diffrn_detector.pdbx_collection_date   1997-01-10 
_diffrn_detector.details                mirrors 
# 
_diffrn_radiation.diffrn_id                        1 
_diffrn_radiation.wavelength_id                    1 
_diffrn_radiation.pdbx_monochromatic_or_laue_m_l   M 
_diffrn_radiation.monochromator                    graphite 
_diffrn_radiation.pdbx_diffrn_protocol             'SINGLE WAVELENGTH' 
_diffrn_radiation.pdbx_scattering_type             x-ray 
# 
_diffrn_radiation_wavelength.id           1 
_diffrn_radiation_wavelength.wavelength   1.5418 
_diffrn_radiation_wavelength.wt           1.0 
# 
_diffrn_source.diffrn_id                   1 
_diffrn_source.source                      'ROTATING ANODE' 
_diffrn_source.type                        'RIGAKU RU200' 
_diffrn_source.pdbx_synchrotron_site       ? 
_diffrn_source.pdbx_synchrotron_beamline   ? 
_diffrn_source.pdbx_wavelength             ? 
_diffrn_source.pdbx_wavelength_list        1.5418 
# 
_reflns.entry_id                     1IGU 
_reflns.observed_criterion_sigma_I   0 
_reflns.observed_criterion_sigma_F   0 
_reflns.d_resolution_low             22 
_reflns.d_resolution_high            2.15 
_reflns.number_obs                   7157 
_reflns.number_all                   7188 
_reflns.percent_possible_obs         0.99 
_reflns.pdbx_Rmerge_I_obs            0.0710000 
_reflns.pdbx_Rsym_value              ? 
_reflns.pdbx_netI_over_sigmaI        8.5 
_reflns.B_iso_Wilson_estimate        25.20 
_reflns.pdbx_redundancy              3.4 
_reflns.R_free_details               ? 
_reflns.limit_h_max                  ? 
_reflns.limit_h_min                  ? 
_reflns.limit_k_max                  ? 
_reflns.limit_k_min                  ? 
_reflns.limit_l_max                  ? 
_reflns.limit_l_min                  ? 
_reflns.observed_criterion_F_max     ? 
_reflns.observed_criterion_F_min     ? 
_reflns.pdbx_diffrn_id               1 
_reflns.pdbx_ordinal                 1 
# 
_reflns_shell.d_res_high             2.15 
_reflns_shell.d_res_low              2.21 
_reflns_shell.percent_possible_all   87.9 
_reflns_shell.Rmerge_I_obs           0.1950000 
_reflns_shell.pdbx_Rsym_value        ? 
_reflns_shell.meanI_over_sigI_obs    3.9 
_reflns_shell.pdbx_redundancy        2.5 
_reflns_shell.percent_possible_obs   ? 
_reflns_shell.number_unique_all      466 
_reflns_shell.pdbx_diffrn_id         ? 
_reflns_shell.pdbx_ordinal           1 
# 
_refine.entry_id                                 1IGU 
_refine.ls_number_reflns_obs                     7157 
_refine.ls_number_reflns_all                     7157 
_refine.pdbx_ls_sigma_I                          0 
_refine.pdbx_ls_sigma_F                          0.0 
_refine.pdbx_data_cutoff_high_absF               ? 
_refine.pdbx_data_cutoff_low_absF                ? 
_refine.ls_d_res_low                             24. 
_refine.ls_d_res_high                            2.2 
_refine.ls_percent_reflns_obs                    100.0 
_refine.ls_R_factor_obs                          0.1596000 
_refine.ls_R_factor_all                          0.1596000 
_refine.ls_R_factor_R_work                       0.1517000 
_refine.ls_R_factor_R_free                       0.2270000 
_refine.ls_R_factor_R_free_error                 ? 
_refine.ls_R_factor_R_free_error_details         ? 
_refine.ls_percent_reflns_R_free                 ? 
_refine.ls_number_reflns_R_free                  735 
_refine.ls_number_parameters                     ? 
_refine.ls_number_restraints                     ? 
_refine.occupancy_min                            ? 
_refine.occupancy_max                            ? 
_refine.B_iso_mean                               33.71 
_refine.aniso_B[1][1]                            0. 
_refine.aniso_B[2][2]                            0. 
_refine.aniso_B[3][3]                            -0. 
_refine.aniso_B[1][2]                            0. 
_refine.aniso_B[1][3]                            0. 
_refine.aniso_B[2][3]                            0. 
_refine.solvent_model_details                    ? 
_refine.solvent_model_param_ksol                 ? 
_refine.solvent_model_param_bsol                 ? 
_refine.pdbx_ls_cross_valid_method               THROUGHOUT 
_refine.details                                  ? 
_refine.pdbx_starting_model                      'PDB ENTRY 1IGQ' 
_refine.pdbx_method_to_determine_struct          'MOLECULAR REPLACEMENT' 
_refine.pdbx_isotropic_thermal_model             Isotropic 
_refine.pdbx_stereochemistry_target_values       'Engh & Huber' 
_refine.pdbx_stereochem_target_val_spec_case     ? 
_refine.pdbx_R_Free_selection_details            RANDOM 
_refine.pdbx_overall_ESU_R_Free                  ? 
_refine.overall_SU_B                             ? 
_refine.ls_redundancy_reflns_obs                 ? 
_refine.B_iso_min                                ? 
_refine.B_iso_max                                ? 
_refine.correlation_coeff_Fo_to_Fc               ? 
_refine.overall_SU_R_Cruickshank_DPI             ? 
_refine.overall_SU_R_free                        ? 
_refine.overall_SU_ML                            ? 
_refine.pdbx_overall_ESU_R                       ? 
_refine.pdbx_data_cutoff_high_rms_absF           ? 
_refine.correlation_coeff_Fo_to_Fc_free          ? 
_refine.pdbx_solvent_vdw_probe_radii             ? 
_refine.pdbx_solvent_ion_probe_radii             ? 
_refine.pdbx_solvent_shrinkage_radii             ? 
_refine.pdbx_refine_id                           'X-RAY DIFFRACTION' 
_refine.pdbx_diffrn_id                           1 
_refine.pdbx_TLS_residual_ADP_flag               ? 
_refine.pdbx_overall_phase_error                 ? 
_refine.pdbx_overall_SU_R_free_Cruickshank_DPI   ? 
_refine.pdbx_overall_SU_R_Blow_DPI               ? 
_refine.pdbx_overall_SU_R_free_Blow_DPI          ? 
# 
_refine_hist.pdbx_refine_id                   'X-RAY DIFFRACTION' 
_refine_hist.cycle_id                         LAST 
_refine_hist.pdbx_number_atoms_protein        968 
_refine_hist.pdbx_number_atoms_nucleic_acid   0 
_refine_hist.pdbx_number_atoms_ligand         0 
_refine_hist.number_atoms_solvent             125 
_refine_hist.number_atoms_total               1093 
_refine_hist.d_res_high                       2.2 
_refine_hist.d_res_low                        24. 
# 
loop_
_refine_ls_restr.type 
_refine_ls_restr.dev_ideal 
_refine_ls_restr.dev_ideal_target 
_refine_ls_restr.weight 
_refine_ls_restr.number 
_refine_ls_restr.pdbx_refine_id 
_refine_ls_restr.pdbx_restraint_function 
p_bond_d    0.013 0.021 ? ? 'X-RAY DIFFRACTION' ? 
p_angle_deg 2.528 3.000 ? ? 'X-RAY DIFFRACTION' ? 
# 
_struct.entry_id                  1IGU 
_struct.title                     'C-terminal Domain of the Transcriptional Repressor Protein KorB' 
_struct.pdbx_model_details        ? 
_struct.pdbx_CASP_flag            ? 
_struct.pdbx_model_type_details   ? 
# 
_struct_keywords.entry_id        1IGU 
_struct_keywords.pdbx_keywords   TRANSCRIPTION 
_struct_keywords.text            'SH3 domain, dimerization domain, transcription' 
# 
loop_
_struct_asym.id 
_struct_asym.pdbx_blank_PDB_chainid_flag 
_struct_asym.pdbx_modified 
_struct_asym.entity_id 
_struct_asym.details 
A N N 1 ? 
B N N 1 ? 
C N N 2 ? 
D N N 2 ? 
# 
loop_
_struct_conf.conf_type_id 
_struct_conf.id 
_struct_conf.pdbx_PDB_helix_id 
_struct_conf.beg_label_comp_id 
_struct_conf.beg_label_asym_id 
_struct_conf.beg_label_seq_id 
_struct_conf.pdbx_beg_PDB_ins_code 
_struct_conf.end_label_comp_id 
_struct_conf.end_label_asym_id 
_struct_conf.end_label_seq_id 
_struct_conf.pdbx_end_PDB_ins_code 
_struct_conf.beg_auth_comp_id 
_struct_conf.beg_auth_asym_id 
_struct_conf.beg_auth_seq_id 
_struct_conf.end_auth_comp_id 
_struct_conf.end_auth_asym_id 
_struct_conf.end_auth_seq_id 
_struct_conf.pdbx_PDB_helix_class 
_struct_conf.details 
_struct_conf.pdbx_PDB_helix_length 
HELX_P HELX_P1 1 ALA A 52 ? VAL A 54 ? ALA A 348 VAL A 350 5 ? 3 
HELX_P HELX_P2 2 ALA B 52 ? VAL B 54 ? ALA B 348 VAL B 350 5 ? 3 
# 
_struct_conf_type.id          HELX_P 
_struct_conf_type.criteria    ? 
_struct_conf_type.reference   ? 
# 
loop_
_struct_sheet.id 
_struct_sheet.type 
_struct_sheet.number_strands 
_struct_sheet.details 
A ? 5 ? 
B ? 5 ? 
# 
loop_
_struct_sheet_order.sheet_id 
_struct_sheet_order.range_id_1 
_struct_sheet_order.range_id_2 
_struct_sheet_order.offset 
_struct_sheet_order.sense 
A 1 2 ? anti-parallel 
A 2 3 ? anti-parallel 
A 3 4 ? anti-parallel 
A 4 5 ? anti-parallel 
B 1 2 ? anti-parallel 
B 2 3 ? anti-parallel 
B 3 4 ? anti-parallel 
B 4 5 ? anti-parallel 
# 
loop_
_struct_sheet_range.sheet_id 
_struct_sheet_range.id 
_struct_sheet_range.beg_label_comp_id 
_struct_sheet_range.beg_label_asym_id 
_struct_sheet_range.beg_label_seq_id 
_struct_sheet_range.pdbx_beg_PDB_ins_code 
_struct_sheet_range.end_label_comp_id 
_struct_sheet_range.end_label_asym_id 
_struct_sheet_range.end_label_seq_id 
_struct_sheet_range.pdbx_end_PDB_ins_code 
_struct_sheet_range.beg_auth_comp_id 
_struct_sheet_range.beg_auth_asym_id 
_struct_sheet_range.beg_auth_seq_id 
_struct_sheet_range.end_auth_comp_id 
_struct_sheet_range.end_auth_asym_id 
_struct_sheet_range.end_auth_seq_id 
A 1 GLU A 46 ? ASN A 50 ? GLU A 342 ASN A 346 
A 2 TYR A 35 ? TYR A 40 ? TYR A 331 TYR A 336 
A 3 ARG A 20 ? LEU A 24 ? ARG A 316 LEU A 320 
A 4 ALA A 11 ? HIS A 17 ? ALA A 307 HIS A 313 
A 5 LYS A 55 ? GLU A 61 ? LYS A 351 GLU A 357 
B 1 GLU B 46 ? ASN B 50 ? GLU B 342 ASN B 346 
B 2 TYR B 35 ? TYR B 40 ? TYR B 331 TYR B 336 
B 3 ARG B 20 ? LEU B 24 ? ARG B 316 LEU B 320 
B 4 ALA B 11 ? HIS B 17 ? ALA B 307 HIS B 313 
B 5 LYS B 55 ? GLU B 61 ? LYS B 351 GLU B 357 
# 
loop_
_pdbx_struct_sheet_hbond.sheet_id 
_pdbx_struct_sheet_hbond.range_id_1 
_pdbx_struct_sheet_hbond.range_id_2 
_pdbx_struct_sheet_hbond.range_1_label_atom_id 
_pdbx_struct_sheet_hbond.range_1_label_comp_id 
_pdbx_struct_sheet_hbond.range_1_label_asym_id 
_pdbx_struct_sheet_hbond.range_1_label_seq_id 
_pdbx_struct_sheet_hbond.range_1_PDB_ins_code 
_pdbx_struct_sheet_hbond.range_1_auth_atom_id 
_pdbx_struct_sheet_hbond.range_1_auth_comp_id 
_pdbx_struct_sheet_hbond.range_1_auth_asym_id 
_pdbx_struct_sheet_hbond.range_1_auth_seq_id 
_pdbx_struct_sheet_hbond.range_2_label_atom_id 
_pdbx_struct_sheet_hbond.range_2_label_comp_id 
_pdbx_struct_sheet_hbond.range_2_label_asym_id 
_pdbx_struct_sheet_hbond.range_2_label_seq_id 
_pdbx_struct_sheet_hbond.range_2_PDB_ins_code 
_pdbx_struct_sheet_hbond.range_2_auth_atom_id 
_pdbx_struct_sheet_hbond.range_2_auth_comp_id 
_pdbx_struct_sheet_hbond.range_2_auth_asym_id 
_pdbx_struct_sheet_hbond.range_2_auth_seq_id 
A 1 2 N ALA A 49 ? N ALA A 345 O ALA A 36 ? O ALA A 332 
A 2 3 O LYS A 39 ? O LYS A 335 N ARG A 23 ? N ARG A 319 
A 3 4 N LEU A 24 ? N LEU A 320 O VAL A 13 ? O VAL A 309 
A 4 5 O GLU A 16 ? O GLU A 312 N LYS A 55 ? N LYS A 351 
B 1 2 N ALA B 49 ? N ALA B 345 O ALA B 36 ? O ALA B 332 
B 2 3 O LYS B 39 ? O LYS B 335 N ARG B 23 ? N ARG B 319 
B 3 4 N LEU B 24 ? N LEU B 320 O VAL B 13 ? O VAL B 309 
B 4 5 N GLU B 16 ? N GLU B 312 O LYS B 55 ? O LYS B 351 
# 
_atom_sites.entry_id                    1IGU 
_atom_sites.fract_transf_matrix[1][1]   0.02073092 
_atom_sites.fract_transf_matrix[1][2]   0.00050921 
_atom_sites.fract_transf_matrix[1][3]   0.00831631 
_atom_sites.fract_transf_matrix[2][1]   0.01542103 
_atom_sites.fract_transf_matrix[2][2]   -0.01428630 
_atom_sites.fract_transf_matrix[2][3]   -0.00756102 
_atom_sites.fract_transf_matrix[3][1]   0.00304232 
_atom_sites.fract_transf_matrix[3][2]   0.00754216 
_atom_sites.fract_transf_matrix[3][3]   -0.00804572 
_atom_sites.fract_transf_vector[1]      0.547913 
_atom_sites.fract_transf_vector[2]      0.598993 
_atom_sites.fract_transf_vector[3]      -0.003144 
# 
loop_
_atom_type.symbol 
C 
N 
O 
# 
loop_
_atom_site.group_PDB 
_atom_site.id 
_atom_site.type_symbol 
_atom_site.label_atom_id 
_atom_site.label_alt_id 
_atom_site.label_comp_id 
_atom_site.label_asym_id 
_atom_site.label_entity_id 
_atom_site.label_seq_id 
_atom_site.pdbx_PDB_ins_code 
_atom_site.Cartn_x 
_atom_site.Cartn_y 
_atom_site.Cartn_z 
_atom_site.occupancy 
_atom_site.B_iso_or_equiv 
_atom_site.pdbx_formal_charge 
_atom_site.auth_seq_id 
_atom_site.auth_comp_id 
_atom_site.auth_asym_id 
_atom_site.auth_atom_id 
_atom_site.pdbx_PDB_model_num 
ATOM   1    N N   . ASP A 1 4  ? 19.510  8.621   6.102   1.00 51.29 ? 300 ASP A N   1 
ATOM   2    C CA  . ASP A 1 4  ? 18.636  9.544   5.301   1.00 54.18 ? 300 ASP A CA  1 
ATOM   3    C C   . ASP A 1 4  ? 17.236  9.562   5.900   1.00 51.18 ? 300 ASP A C   1 
ATOM   4    O O   . ASP A 1 4  ? 16.402  8.699   5.675   1.00 51.46 ? 300 ASP A O   1 
ATOM   5    C CB  . ASP A 1 4  ? 18.571  9.199   3.820   1.00 54.36 ? 300 ASP A CB  1 
ATOM   6    C CG  . ASP A 1 4  ? 17.955  10.323  2.977   1.00 61.96 ? 300 ASP A CG  1 
ATOM   7    O OD1 . ASP A 1 4  ? 17.307  11.236  3.519   1.00 54.08 ? 300 ASP A OD1 1 
ATOM   8    O OD2 . ASP A 1 4  ? 18.047  10.400  1.732   1.00 67.53 ? 300 ASP A OD2 1 
ATOM   9    N N   . PRO A 1 5  ? 16.963  10.612  6.656   1.00 51.89 ? 301 PRO A N   1 
ATOM   10   C CA  . PRO A 1 5  ? 15.767  10.628  7.479   1.00 50.69 ? 301 PRO A CA  1 
ATOM   11   C C   . PRO A 1 5  ? 14.575  10.818  6.589   1.00 45.36 ? 301 PRO A C   1 
ATOM   12   O O   . PRO A 1 5  ? 13.539  10.509  7.168   1.00 39.23 ? 301 PRO A O   1 
ATOM   13   C CB  . PRO A 1 5  ? 15.964  11.858  8.350   1.00 55.58 ? 301 PRO A CB  1 
ATOM   14   C CG  . PRO A 1 5  ? 16.675  12.759  7.436   1.00 56.24 ? 301 PRO A CG  1 
ATOM   15   C CD  . PRO A 1 5  ? 17.685  11.886  6.749   1.00 55.51 ? 301 PRO A CD  1 
ATOM   16   N N   . ASP A 1 6  ? 14.718  11.250  5.336   1.00 44.33 ? 302 ASP A N   1 
ATOM   17   C CA  . ASP A 1 6  ? 13.547  11.370  4.461   1.00 52.07 ? 302 ASP A CA  1 
ATOM   18   C C   . ASP A 1 6  ? 13.167  10.052  3.809   1.00 47.52 ? 302 ASP A C   1 
ATOM   19   O O   . ASP A 1 6  ? 12.150  9.971   3.119   1.00 47.58 ? 302 ASP A O   1 
ATOM   20   C CB  A ASP A 1 6  ? 13.685  12.456  3.390   0.50 52.72 ? 302 ASP A CB  1 
ATOM   21   C CB  B ASP A 1 6  ? 13.796  12.338  3.297   0.50 52.63 ? 302 ASP A CB  1 
ATOM   22   C CG  A ASP A 1 6  ? 12.332  12.995  2.973   0.50 56.51 ? 302 ASP A CG  1 
ATOM   23   C CG  B ASP A 1 6  ? 14.270  13.698  3.750   0.50 58.04 ? 302 ASP A CG  1 
ATOM   24   O OD1 A ASP A 1 6  ? 11.353  12.608  3.647   0.50 65.57 ? 302 ASP A OD1 1 
ATOM   25   O OD1 B ASP A 1 6  ? 13.741  14.180  4.773   0.50 59.00 ? 302 ASP A OD1 1 
ATOM   26   O OD2 A ASP A 1 6  ? 12.114  13.776  2.018   0.50 59.77 ? 302 ASP A OD2 1 
ATOM   27   O OD2 B ASP A 1 6  ? 15.162  14.335  3.144   0.50 55.14 ? 302 ASP A OD2 1 
ATOM   28   N N   . LYS A 1 7  ? 14.014  9.052   3.964   1.00 44.53 ? 303 LYS A N   1 
ATOM   29   C CA  . LYS A 1 7  ? 13.735  7.758   3.362   1.00 50.05 ? 303 LYS A CA  1 
ATOM   30   C C   . LYS A 1 7  ? 13.223  6.730   4.363   1.00 50.66 ? 303 LYS A C   1 
ATOM   31   O O   . LYS A 1 7  ? 13.625  6.805   5.518   1.00 56.70 ? 303 LYS A O   1 
ATOM   32   C CB  . LYS A 1 7  ? 15.028  7.170   2.818   1.00 51.76 ? 303 LYS A CB  1 
ATOM   33   C CG  . LYS A 1 7  ? 15.282  7.406   1.356   1.00 65.20 ? 303 LYS A CG  1 
ATOM   34   C CD  . LYS A 1 7  ? 16.522  6.598   0.949   1.00 72.44 ? 303 LYS A CD  1 
ATOM   35   C CE  . LYS A 1 7  ? 16.402  5.873   -0.391  1.00 76.67 ? 303 LYS A CE  1 
ATOM   36   N NZ  . LYS A 1 7  ? 17.115  4.552   -0.377  1.00 73.64 ? 303 LYS A NZ  1 
ATOM   37   N N   . LEU A 1 8  ? 12.355  5.801   3.956   1.00 42.59 ? 304 LEU A N   1 
ATOM   38   C CA  . LEU A 1 8  ? 11.941  4.679   4.792   1.00 37.96 ? 304 LEU A CA  1 
ATOM   39   C C   . LEU A 1 8  ? 12.624  3.480   4.193   1.00 44.80 ? 304 LEU A C   1 
ATOM   40   O O   . LEU A 1 8  ? 12.579  3.264   2.975   1.00 45.77 ? 304 LEU A O   1 
ATOM   41   C CB  . LEU A 1 8  ? 10.454  4.363   4.677   1.00 39.00 ? 304 LEU A CB  1 
ATOM   42   C CG  . LEU A 1 8  ? 9.766   5.664   5.139   1.00 33.12 ? 304 LEU A CG  1 
ATOM   43   C CD1 . LEU A 1 8  ? 8.327   5.419   4.925   1.00 35.88 ? 304 LEU A CD1 1 
ATOM   44   C CD2 . LEU A 1 8  ? 10.087  6.127   6.599   1.00 35.47 ? 304 LEU A CD2 1 
ATOM   45   N N   . LYS A 1 9  ? 13.161  2.626   5.048   1.00 47.32 ? 305 LYS A N   1 
ATOM   46   C CA  . LYS A 1 9  ? 13.941  1.513   4.501   1.00 50.81 ? 305 LYS A CA  1 
ATOM   47   C C   . LYS A 1 9  ? 12.979  0.386   4.223   1.00 46.11 ? 305 LYS A C   1 
ATOM   48   O O   . LYS A 1 9  ? 12.966  -0.278  3.163   1.00 50.17 ? 305 LYS A O   1 
ATOM   49   C CB  . LYS A 1 9  ? 15.095  1.033   5.423   1.00 52.96 ? 305 LYS A CB  1 
ATOM   50   N N   . LYS A 1 10 ? 12.100  0.314   5.213   1.00 38.81 ? 306 LYS A N   1 
ATOM   51   C CA  . LYS A 1 10 ? 10.912  -0.515  5.157   1.00 37.20 ? 306 LYS A CA  1 
ATOM   52   C C   . LYS A 1 10 ? 9.650   0.297   5.453   1.00 37.37 ? 306 LYS A C   1 
ATOM   53   O O   . LYS A 1 10 ? 9.655   1.246   6.238   1.00 36.74 ? 306 LYS A O   1 
ATOM   54   C CB  . LYS A 1 10 ? 11.013  -1.552  6.273   1.00 44.23 ? 306 LYS A CB  1 
ATOM   55   C CG  . LYS A 1 10 ? 12.186  -2.491  6.133   1.00 54.80 ? 306 LYS A CG  1 
ATOM   56   C CD  . LYS A 1 10 ? 11.945  -3.780  6.941   1.00 64.75 ? 306 LYS A CD  1 
ATOM   57   C CE  . LYS A 1 10 ? 10.872  -4.722  6.349   1.00 70.47 ? 306 LYS A CE  1 
ATOM   58   N NZ  . LYS A 1 10 ? 9.623   -4.968  7.146   1.00 67.07 ? 306 LYS A NZ  1 
ATOM   59   N N   . ALA A 1 11 ? 8.540   -0.191  4.919   1.00 34.39 ? 307 ALA A N   1 
ATOM   60   C CA  . ALA A 1 11 ? 7.260   0.461   5.042   1.00 37.07 ? 307 ALA A CA  1 
ATOM   61   C C   . ALA A 1 11 ? 6.170   -0.450  5.568   1.00 33.11 ? 307 ALA A C   1 
ATOM   62   O O   . ALA A 1 11 ? 6.241   -1.653  5.375   1.00 34.58 ? 307 ALA A O   1 
ATOM   63   C CB  . ALA A 1 11 ? 6.858   0.927   3.697   1.00 37.06 ? 307 ALA A CB  1 
ATOM   64   N N   . ILE A 1 12 ? 5.206   0.155   6.250   1.00 27.70 ? 308 ILE A N   1 
ATOM   65   C CA  . ILE A 1 12 ? 3.979   -0.484  6.638   1.00 26.88 ? 308 ILE A CA  1 
ATOM   66   C C   . ILE A 1 12 ? 2.838   0.327   6.053   1.00 29.38 ? 308 ILE A C   1 
ATOM   67   O O   . ILE A 1 12 ? 2.716   1.536   6.256   1.00 30.64 ? 308 ILE A O   1 
ATOM   68   C CB  . ILE A 1 12 ? 3.899   -0.563  8.157   1.00 33.86 ? 308 ILE A CB  1 
ATOM   69   C CG1 . ILE A 1 12 ? 4.958   -1.545  8.651   1.00 30.03 ? 308 ILE A CG1 1 
ATOM   70   C CG2 . ILE A 1 12 ? 2.508   -0.938  8.696   1.00 35.86 ? 308 ILE A CG2 1 
ATOM   71   C CD1 . ILE A 1 12 ? 5.151   -1.376  10.156  1.00 34.58 ? 308 ILE A CD1 1 
ATOM   72   N N   . VAL A 1 13 ? 1.925   -0.400  5.422   1.00 27.38 ? 309 VAL A N   1 
ATOM   73   C CA  . VAL A 1 13 ? 0.827   0.219   4.737   1.00 29.50 ? 309 VAL A CA  1 
ATOM   74   C C   . VAL A 1 13 ? -0.397  -0.148  5.531   1.00 31.49 ? 309 VAL A C   1 
ATOM   75   O O   . VAL A 1 13 ? -0.879  -1.282  5.504   1.00 31.17 ? 309 VAL A O   1 
ATOM   76   C CB  . VAL A 1 13 ? 0.693   -0.169  3.269   1.00 30.46 ? 309 VAL A CB  1 
ATOM   77   C CG1 . VAL A 1 13 ? -0.534  0.502   2.647   1.00 25.01 ? 309 VAL A CG1 1 
ATOM   78   C CG2 . VAL A 1 13 ? 1.902   0.290   2.531   1.00 33.54 ? 309 VAL A CG2 1 
ATOM   79   N N   . GLN A 1 14 ? -0.887  0.869   6.224   1.00 28.11 ? 310 GLN A N   1 
ATOM   80   C CA  . GLN A 1 14 ? -1.989  0.675   7.144   1.00 33.82 ? 310 GLN A CA  1 
ATOM   81   C C   . GLN A 1 14 ? -3.295  0.967   6.409   1.00 31.34 ? 310 GLN A C   1 
ATOM   82   O O   . GLN A 1 14 ? -3.389  1.917   5.642   1.00 29.13 ? 310 GLN A O   1 
ATOM   83   C CB  . GLN A 1 14 ? -1.764  1.477   8.423   1.00 32.25 ? 310 GLN A CB  1 
ATOM   84   C CG  . GLN A 1 14 ? -0.742  0.880   9.364   1.00 34.34 ? 310 GLN A CG  1 
ATOM   85   C CD  . GLN A 1 14 ? -0.639  1.681   10.652  1.00 46.42 ? 310 GLN A CD  1 
ATOM   86   O OE1 . GLN A 1 14 ? -0.724  2.920   10.638  1.00 46.34 ? 310 GLN A OE1 1 
ATOM   87   N NE2 . GLN A 1 14 ? -0.484  0.975   11.765  1.00 45.12 ? 310 GLN A NE2 1 
ATOM   88   N N   . VAL A 1 15 ? -4.251  0.065   6.598   1.00 32.63 ? 311 VAL A N   1 
ATOM   89   C CA  . VAL A 1 15 ? -5.533  0.113   5.944   1.00 29.50 ? 311 VAL A CA  1 
ATOM   90   C C   . VAL A 1 15 ? -6.666  -0.233  6.883   1.00 34.29 ? 311 VAL A C   1 
ATOM   91   O O   . VAL A 1 15 ? -6.441  -0.557  8.061   1.00 31.86 ? 311 VAL A O   1 
ATOM   92   C CB  . VAL A 1 15 ? -5.583  -0.923  4.792   1.00 29.52 ? 311 VAL A CB  1 
ATOM   93   C CG1 . VAL A 1 15 ? -4.454  -0.678  3.810   1.00 25.91 ? 311 VAL A CG1 1 
ATOM   94   C CG2 . VAL A 1 15 ? -5.406  -2.362  5.245   1.00 37.21 ? 311 VAL A CG2 1 
ATOM   95   N N   . GLU A 1 16 ? -7.862  -0.163  6.302   1.00 27.52 ? 312 GLU A N   1 
ATOM   96   C CA  . GLU A 1 16 ? -9.087  -0.582  6.982   1.00 32.98 ? 312 GLU A CA  1 
ATOM   97   C C   . GLU A 1 16 ? -9.824  -1.541  6.071   1.00 28.00 ? 312 GLU A C   1 
ATOM   98   O O   . GLU A 1 16 ? -9.835  -1.362  4.863   1.00 33.81 ? 312 GLU A O   1 
ATOM   99   C CB  A GLU A 1 16 ? -9.975  0.621   7.300   0.50 29.71 ? 312 GLU A CB  1 
ATOM   100  C CB  B GLU A 1 16 ? -10.038 0.576   7.313   0.50 31.79 ? 312 GLU A CB  1 
ATOM   101  C CG  A GLU A 1 16 ? -11.112 0.380   8.275   0.50 33.18 ? 312 GLU A CG  1 
ATOM   102  C CG  B GLU A 1 16 ? -9.746  1.352   8.589   0.50 41.52 ? 312 GLU A CG  1 
ATOM   103  C CD  A GLU A 1 16 ? -12.021 1.590   8.387   0.50 32.84 ? 312 GLU A CD  1 
ATOM   104  C CD  B GLU A 1 16 ? -10.410 2.728   8.633   0.50 44.19 ? 312 GLU A CD  1 
ATOM   105  O OE1 A GLU A 1 16 ? -11.857 2.426   9.317   0.50 33.62 ? 312 GLU A OE1 1 
ATOM   106  O OE1 B GLU A 1 16 ? -11.213 3.065   7.735   0.50 45.63 ? 312 GLU A OE1 1 
ATOM   107  O OE2 A GLU A 1 16 ? -12.885 1.695   7.491   0.50 34.68 ? 312 GLU A OE2 1 
ATOM   108  O OE2 B GLU A 1 16 ? -10.105 3.504   9.560   0.50 30.59 ? 312 GLU A OE2 1 
ATOM   109  N N   . HIS A 1 17 ? -10.439 -2.542  6.664   1.00 30.76 ? 313 HIS A N   1 
ATOM   110  C CA  . HIS A 1 17 ? -11.207 -3.551  5.970   1.00 34.39 ? 313 HIS A CA  1 
ATOM   111  C C   . HIS A 1 17 ? -12.269 -4.000  6.963   1.00 32.65 ? 313 HIS A C   1 
ATOM   112  O O   . HIS A 1 17 ? -11.948 -4.242  8.126   1.00 40.61 ? 313 HIS A O   1 
ATOM   113  C CB  . HIS A 1 17 ? -10.320 -4.737  5.576   1.00 37.75 ? 313 HIS A CB  1 
ATOM   114  C CG  . HIS A 1 17 ? -11.074 -5.855  4.928   1.00 33.41 ? 313 HIS A CG  1 
ATOM   115  N ND1 . HIS A 1 17 ? -11.735 -6.812  5.677   1.00 32.40 ? 313 HIS A ND1 1 
ATOM   116  C CD2 . HIS A 1 17 ? -11.555 -5.970  3.667   1.00 40.41 ? 313 HIS A CD2 1 
ATOM   117  C CE1 . HIS A 1 17 ? -12.216 -7.694  4.817   1.00 38.90 ? 313 HIS A CE1 1 
ATOM   118  N NE2 . HIS A 1 17 ? -12.351 -7.090  3.650   1.00 38.00 ? 313 HIS A NE2 1 
ATOM   119  N N   . ASP A 1 18 ? -13.522 -4.099  6.540   1.00 38.75 ? 314 ASP A N   1 
ATOM   120  C CA  . ASP A 1 18 ? -14.652 -4.346  7.448   1.00 43.15 ? 314 ASP A CA  1 
ATOM   121  C C   . ASP A 1 18 ? -14.620 -3.463  8.690   1.00 41.19 ? 314 ASP A C   1 
ATOM   122  O O   . ASP A 1 18 ? -14.811 -3.974  9.796   1.00 40.99 ? 314 ASP A O   1 
ATOM   123  C CB  . ASP A 1 18 ? -14.693 -5.782  7.985   1.00 44.59 ? 314 ASP A CB  1 
ATOM   124  C CG  . ASP A 1 18 ? -15.110 -6.810  6.948   1.00 62.70 ? 314 ASP A CG  1 
ATOM   125  O OD1 . ASP A 1 18 ? -15.729 -6.433  5.924   1.00 79.16 ? 314 ASP A OD1 1 
ATOM   126  O OD2 . ASP A 1 18 ? -14.848 -8.033  7.097   1.00 75.60 ? 314 ASP A OD2 1 
ATOM   127  N N   . GLU A 1 19 ? -14.280 -2.187  8.524   1.00 37.71 ? 315 GLU A N   1 
ATOM   128  C CA  . GLU A 1 19 ? -14.261 -1.266  9.652   1.00 38.55 ? 315 GLU A CA  1 
ATOM   129  C C   . GLU A 1 19 ? -13.272 -1.757  10.697  1.00 40.69 ? 315 GLU A C   1 
ATOM   130  O O   . GLU A 1 19 ? -13.412 -1.467  11.873  1.00 41.04 ? 315 GLU A O   1 
ATOM   131  C CB  A GLU A 1 19 ? -15.656 -1.126  10.255  0.50 44.04 ? 315 GLU A CB  1 
ATOM   132  C CB  B GLU A 1 19 ? -15.654 -1.082  10.267  0.50 40.96 ? 315 GLU A CB  1 
ATOM   133  C CG  A GLU A 1 19 ? -16.768 -1.008  9.220   0.50 50.69 ? 315 GLU A CG  1 
ATOM   134  C CG  B GLU A 1 19 ? -16.618 -0.229  9.443   0.50 37.58 ? 315 GLU A CG  1 
ATOM   135  C CD  A GLU A 1 19 ? -16.785 0.320   8.486   0.50 58.83 ? 315 GLU A CD  1 
ATOM   136  C CD  B GLU A 1 19 ? -17.914 0.148   10.158  0.50 41.12 ? 315 GLU A CD  1 
ATOM   137  O OE1 A GLU A 1 19 ? -15.760 0.685   7.876   0.50 59.65 ? 315 GLU A OE1 1 
ATOM   138  O OE1 B GLU A 1 19 ? -18.707 0.928   9.591   0.50 46.86 ? 315 GLU A OE1 1 
ATOM   139  O OE2 A GLU A 1 19 ? -17.847 0.988   8.499   0.50 70.65 ? 315 GLU A OE2 1 
ATOM   140  O OE2 B GLU A 1 19 ? -18.172 -0.296  11.298  0.50 49.93 ? 315 GLU A OE2 1 
ATOM   141  N N   . ARG A 1 20 ? -12.257 -2.503  10.286  1.00 39.43 ? 316 ARG A N   1 
ATOM   142  C CA  . ARG A 1 20 ? -11.224 -2.841  11.240  1.00 41.54 ? 316 ARG A CA  1 
ATOM   143  C C   . ARG A 1 20 ? -9.861  -2.490  10.643  1.00 40.21 ? 316 ARG A C   1 
ATOM   144  O O   . ARG A 1 20 ? -9.708  -2.541  9.425   1.00 37.40 ? 316 ARG A O   1 
ATOM   145  C CB  . ARG A 1 20 ? -11.259 -4.341  11.485  1.00 42.72 ? 316 ARG A CB  1 
ATOM   146  C CG  . ARG A 1 20 ? -12.535 -4.852  12.107  1.00 42.38 ? 316 ARG A CG  1 
ATOM   147  C CD  . ARG A 1 20 ? -12.562 -6.396  12.068  1.00 42.37 ? 316 ARG A CD  1 
ATOM   148  N NE  . ARG A 1 20 ? -11.491 -7.030  12.833  1.00 41.55 ? 316 ARG A NE  1 
ATOM   149  C CZ  . ARG A 1 20 ? -11.239 -8.335  12.781  1.00 37.21 ? 316 ARG A CZ  1 
ATOM   150  N NH1 . ARG A 1 20 ? -11.976 -9.086  11.984  1.00 34.43 ? 316 ARG A NH1 1 
ATOM   151  N NH2 . ARG A 1 20 ? -10.207 -8.888  13.419  1.00 44.16 ? 316 ARG A NH2 1 
ATOM   152  N N   . PRO A 1 21 ? -8.915  -2.125  11.499  1.00 39.57 ? 317 PRO A N   1 
ATOM   153  C CA  . PRO A 1 21 ? -7.561  -1.746  11.106  1.00 41.80 ? 317 PRO A CA  1 
ATOM   154  C C   . PRO A 1 21 ? -6.707  -2.943  10.727  1.00 33.23 ? 317 PRO A C   1 
ATOM   155  O O   . PRO A 1 21 ? -6.672  -4.008  11.300  1.00 36.88 ? 317 PRO A O   1 
ATOM   156  C CB  . PRO A 1 21 ? -7.019  -1.029  12.338  1.00 41.76 ? 317 PRO A CB  1 
ATOM   157  C CG  . PRO A 1 21 ? -7.708  -1.689  13.435  1.00 54.07 ? 317 PRO A CG  1 
ATOM   158  C CD  . PRO A 1 21 ? -9.089  -2.025  12.953  1.00 47.09 ? 317 PRO A CD  1 
ATOM   159  N N   . ALA A 1 22 ? -6.045  -2.785  9.608   1.00 34.68 ? 318 ALA A N   1 
ATOM   160  C CA  . ALA A 1 22 ? -5.254  -3.906  9.148   1.00 33.10 ? 318 ALA A CA  1 
ATOM   161  C C   . ALA A 1 22 ? -4.041  -3.320  8.451   1.00 32.24 ? 318 ALA A C   1 
ATOM   162  O O   . ALA A 1 22 ? -3.886  -2.123  8.308   1.00 28.95 ? 318 ALA A O   1 
ATOM   163  C CB  . ALA A 1 22 ? -6.062  -4.716  8.174   1.00 30.41 ? 318 ALA A CB  1 
ATOM   164  N N   . ARG A 1 23 ? -3.177  -4.203  8.004   1.00 29.64 ? 319 ARG A N   1 
ATOM   165  C CA  . ARG A 1 23 ? -2.119  -3.760  7.142   1.00 30.13 ? 319 ARG A CA  1 
ATOM   166  C C   . ARG A 1 23 ? -1.969  -4.743  5.984   1.00 30.66 ? 319 ARG A C   1 
ATOM   167  O O   . ARG A 1 23 ? -2.289  -5.937  6.099   1.00 29.18 ? 319 ARG A O   1 
ATOM   168  C CB  . ARG A 1 23 ? -0.841  -3.612  7.940   1.00 27.19 ? 319 ARG A CB  1 
ATOM   169  C CG  . ARG A 1 23 ? -0.323  -4.840  8.559   1.00 30.59 ? 319 ARG A CG  1 
ATOM   170  C CD  . ARG A 1 23 ? 0.921   -4.594  9.419   1.00 30.92 ? 319 ARG A CD  1 
ATOM   171  N NE  . ARG A 1 23 ? 0.860   -3.598  10.483  1.00 38.65 ? 319 ARG A NE  1 
ATOM   172  C CZ  . ARG A 1 23 ? 1.851   -3.440  11.367  1.00 34.50 ? 319 ARG A CZ  1 
ATOM   173  N NH1 . ARG A 1 23 ? 2.944   -4.195  11.311  1.00 29.14 ? 319 ARG A NH1 1 
ATOM   174  N NH2 . ARG A 1 23 ? 1.770   -2.530  12.318  1.00 34.53 ? 319 ARG A NH2 1 
ATOM   175  N N   . LEU A 1 24 ? -1.455  -4.215  4.883   1.00 27.44 ? 320 LEU A N   1 
ATOM   176  C CA  . LEU A 1 24 ? -1.021  -5.071  3.787   1.00 28.28 ? 320 LEU A CA  1 
ATOM   177  C C   . LEU A 1 24 ? 0.129   -5.953  4.212   1.00 30.42 ? 320 LEU A C   1 
ATOM   178  O O   . LEU A 1 24 ? 0.982   -5.572  4.996   1.00 33.56 ? 320 LEU A O   1 
ATOM   179  C CB  . LEU A 1 24 ? -0.504  -4.272  2.589   1.00 26.28 ? 320 LEU A CB  1 
ATOM   180  C CG  . LEU A 1 24 ? -1.511  -3.305  2.003   1.00 28.31 ? 320 LEU A CG  1 
ATOM   181  C CD1 . LEU A 1 24 ? -1.016  -2.604  0.727   1.00 38.45 ? 320 LEU A CD1 1 
ATOM   182  C CD2 . LEU A 1 24 ? -2.787  -4.098  1.755   1.00 37.86 ? 320 LEU A CD2 1 
ATOM   183  N N   . ILE A 1 25 ? 0.141   -7.169  3.680   1.00 31.55 ? 321 ILE A N   1 
ATOM   184  C CA  . ILE A 1 25 ? 1.337   -7.980  3.810   1.00 28.68 ? 321 ILE A CA  1 
ATOM   185  C C   . ILE A 1 25 ? 2.063   -7.884  2.491   1.00 27.57 ? 321 ILE A C   1 
ATOM   186  O O   . ILE A 1 25 ? 1.772   -8.614  1.526   1.00 28.54 ? 321 ILE A O   1 
ATOM   187  C CB  . ILE A 1 25 ? 0.980   -9.407  4.203   1.00 32.89 ? 321 ILE A CB  1 
ATOM   188  C CG1 . ILE A 1 25 ? 0.126   -9.307  5.470   1.00 39.27 ? 321 ILE A CG1 1 
ATOM   189  C CG2 . ILE A 1 25 ? 2.246   -10.232 4.403   1.00 33.01 ? 321 ILE A CG2 1 
ATOM   190  C CD1 . ILE A 1 25 ? -0.541  -10.557 5.804   1.00 38.15 ? 321 ILE A CD1 1 
ATOM   191  N N   . LEU A 1 26 ? 3.069   -7.024  2.517   1.00 26.89 ? 322 LEU A N   1 
ATOM   192  C CA  . LEU A 1 26 ? 3.758   -6.685  1.287   1.00 27.27 ? 322 LEU A CA  1 
ATOM   193  C C   . LEU A 1 26 ? 4.678   -7.750  0.701   1.00 30.97 ? 322 LEU A C   1 
ATOM   194  O O   . LEU A 1 26 ? 5.132   -7.617  -0.439  1.00 31.79 ? 322 LEU A O   1 
ATOM   195  C CB  . LEU A 1 26 ? 4.657   -5.474  1.508   1.00 29.05 ? 322 LEU A CB  1 
ATOM   196  C CG  . LEU A 1 26 ? 3.875   -4.226  1.914   1.00 32.73 ? 322 LEU A CG  1 
ATOM   197  C CD1 . LEU A 1 26 ? 4.836   -3.087  2.201   1.00 36.01 ? 322 LEU A CD1 1 
ATOM   198  C CD2 . LEU A 1 26 ? 2.839   -3.863  0.880   1.00 31.86 ? 322 LEU A CD2 1 
ATOM   199  N N   . ASN A 1 27 ? 5.047   -8.716  1.523   1.00 33.31 ? 323 ASN A N   1 
ATOM   200  C CA  . ASN A 1 27 ? 6.000   -9.747  1.126   1.00 34.67 ? 323 ASN A CA  1 
ATOM   201  C C   . ASN A 1 27 ? 5.315   -11.046 0.699   1.00 32.97 ? 323 ASN A C   1 
ATOM   202  O O   . ASN A 1 27 ? 5.968   -12.035 0.438   1.00 37.44 ? 323 ASN A O   1 
ATOM   203  C CB  . ASN A 1 27 ? 7.052   -9.963  2.206   1.00 34.26 ? 323 ASN A CB  1 
ATOM   204  C CG  . ASN A 1 27 ? 6.506   -10.550 3.497   1.00 38.53 ? 323 ASN A CG  1 
ATOM   205  O OD1 . ASN A 1 27 ? 5.309   -10.550 3.774   1.00 40.00 ? 323 ASN A OD1 1 
ATOM   206  N ND2 . ASN A 1 27 ? 7.417   -11.080 4.301   1.00 38.53 ? 323 ASN A ND2 1 
ATOM   207  N N   . ARG A 1 28 ? 4.004   -11.037 0.532   1.00 27.93 ? 324 ARG A N   1 
ATOM   208  C CA  . ARG A 1 28 ? 3.303   -12.250 0.143   1.00 32.76 ? 324 ARG A CA  1 
ATOM   209  C C   . ARG A 1 28 ? 2.650   -12.006 -1.190  1.00 28.35 ? 324 ARG A C   1 
ATOM   210  O O   . ARG A 1 28 ? 1.843   -11.080 -1.314  1.00 32.76 ? 324 ARG A O   1 
ATOM   211  C CB  . ARG A 1 28 ? 2.223   -12.641 1.165   1.00 31.46 ? 324 ARG A CB  1 
ATOM   212  C CG  . ARG A 1 28 ? 2.711   -12.968 2.559   1.00 42.83 ? 324 ARG A CG  1 
ATOM   213  C CD  . ARG A 1 28 ? 1.701   -13.568 3.524   1.00 42.05 ? 324 ARG A CD  1 
ATOM   214  N NE  . ARG A 1 28 ? 1.239   -14.890 3.131   1.00 40.78 ? 324 ARG A NE  1 
ATOM   215  C CZ  . ARG A 1 28 ? 0.272   -15.578 3.731   1.00 50.63 ? 324 ARG A CZ  1 
ATOM   216  N NH1 . ARG A 1 28 ? -0.375  -15.033 4.740   1.00 41.15 ? 324 ARG A NH1 1 
ATOM   217  N NH2 . ARG A 1 28 ? -0.070  -16.813 3.345   1.00 55.05 ? 324 ARG A NH2 1 
ATOM   218  N N   . ARG A 1 29 ? 2.890   -12.902 -2.133  1.00 29.51 ? 325 ARG A N   1 
ATOM   219  C CA  . ARG A 1 29 ? 2.336   -12.820 -3.477  1.00 30.02 ? 325 ARG A CA  1 
ATOM   220  C C   . ARG A 1 29 ? 0.826   -13.006 -3.357  1.00 30.45 ? 325 ARG A C   1 
ATOM   221  O O   . ARG A 1 29 ? 0.311   -13.966 -2.808  1.00 32.04 ? 325 ARG A O   1 
ATOM   222  C CB  . ARG A 1 29 ? 3.030   -13.821 -4.428  1.00 33.54 ? 325 ARG A CB  1 
ATOM   223  C CG  . ARG A 1 29 ? 2.581   -13.970 -5.906  1.00 33.69 ? 325 ARG A CG  1 
ATOM   224  C CD  . ARG A 1 29 ? 3.307   -15.089 -6.732  1.00 29.57 ? 325 ARG A CD  1 
ATOM   225  N NE  . ARG A 1 29 ? 4.743   -14.841 -6.691  1.00 34.38 ? 325 ARG A NE  1 
ATOM   226  C CZ  . ARG A 1 29 ? 5.354   -13.887 -7.382  1.00 29.09 ? 325 ARG A CZ  1 
ATOM   227  N NH1 . ARG A 1 29 ? 4.684   -13.197 -8.290  1.00 37.74 ? 325 ARG A NH1 1 
ATOM   228  N NH2 . ARG A 1 29 ? 6.655   -13.672 -7.248  1.00 32.77 ? 325 ARG A NH2 1 
ATOM   229  N N   . PRO A 1 30 ? 0.061   -12.027 -3.794  1.00 30.61 ? 326 PRO A N   1 
ATOM   230  C CA  . PRO A 1 30 ? -1.393  -12.145 -3.765  1.00 32.26 ? 326 PRO A CA  1 
ATOM   231  C C   . PRO A 1 30 ? -1.904  -13.204 -4.746  1.00 32.69 ? 326 PRO A C   1 
ATOM   232  O O   . PRO A 1 30 ? -1.223  -13.620 -5.677  1.00 32.31 ? 326 PRO A O   1 
ATOM   233  C CB  . PRO A 1 30 ? -1.828  -10.769 -4.255  1.00 37.60 ? 326 PRO A CB  1 
ATOM   234  C CG  . PRO A 1 30 ? -0.649  -9.891  -4.135  1.00 35.44 ? 326 PRO A CG  1 
ATOM   235  C CD  . PRO A 1 30 ? 0.511   -10.765 -4.383  1.00 34.44 ? 326 PRO A CD  1 
ATOM   236  N N   . PRO A 1 31 ? -3.094  -13.725 -4.502  1.00 33.79 ? 327 PRO A N   1 
ATOM   237  C CA  . PRO A 1 31 ? -3.596  -14.839 -5.302  1.00 37.66 ? 327 PRO A CA  1 
ATOM   238  C C   . PRO A 1 31 ? -3.887  -14.438 -6.740  1.00 39.56 ? 327 PRO A C   1 
ATOM   239  O O   . PRO A 1 31 ? -3.736  -15.302 -7.622  1.00 36.45 ? 327 PRO A O   1 
ATOM   240  C CB  . PRO A 1 31 ? -4.858  -15.257 -4.563  1.00 37.28 ? 327 PRO A CB  1 
ATOM   241  C CG  . PRO A 1 31 ? -5.252  -14.073 -3.859  1.00 41.14 ? 327 PRO A CG  1 
ATOM   242  C CD  . PRO A 1 31 ? -3.994  -13.391 -3.395  1.00 38.21 ? 327 PRO A CD  1 
ATOM   243  N N   . ALA A 1 32 ? -4.193  -13.157 -6.946  1.00 38.75 ? 328 ALA A N   1 
ATOM   244  C CA  . ALA A 1 32 ? -4.467  -12.580 -8.264  1.00 39.29 ? 328 ALA A CA  1 
ATOM   245  C C   . ALA A 1 32 ? -4.419  -11.049 -8.229  1.00 37.45 ? 328 ALA A C   1 
ATOM   246  O O   . ALA A 1 32 ? -4.563  -10.443 -7.162  1.00 32.86 ? 328 ALA A O   1 
ATOM   247  C CB  . ALA A 1 32 ? -5.866  -13.020 -8.692  1.00 38.01 ? 328 ALA A CB  1 
ATOM   248  N N   . GLU A 1 33 ? -4.230  -10.445 -9.396  1.00 34.92 ? 329 GLU A N   1 
ATOM   249  C CA  . GLU A 1 33 ? -4.346  -9.002  -9.537  1.00 39.86 ? 329 GLU A CA  1 
ATOM   250  C C   . GLU A 1 33 ? -5.623  -8.377  -8.964  1.00 33.39 ? 329 GLU A C   1 
ATOM   251  O O   . GLU A 1 33 ? -6.731  -8.816  -9.252  1.00 31.43 ? 329 GLU A O   1 
ATOM   252  C CB  . GLU A 1 33 ? -4.326  -8.704  -11.034 1.00 44.56 ? 329 GLU A CB  1 
ATOM   253  C CG  . GLU A 1 33 ? -3.889  -7.282  -11.387 1.00 57.62 ? 329 GLU A CG  1 
ATOM   254  C CD  . GLU A 1 33 ? -4.120  -6.903  -12.853 1.00 72.58 ? 329 GLU A CD  1 
ATOM   255  O OE1 . GLU A 1 33 ? -4.585  -7.746  -13.667 1.00 72.46 ? 329 GLU A OE1 1 
ATOM   256  O OE2 . GLU A 1 33 ? -3.838  -5.731  -13.215 1.00 74.21 ? 329 GLU A OE2 1 
ATOM   257  N N   . GLY A 1 34 ? -5.470  -7.327  -8.170  1.00 31.68 ? 330 GLY A N   1 
ATOM   258  C CA  . GLY A 1 34 ? -6.573  -6.635  -7.519  1.00 29.12 ? 330 GLY A CA  1 
ATOM   259  C C   . GLY A 1 34 ? -6.726  -7.174  -6.104  1.00 31.78 ? 330 GLY A C   1 
ATOM   260  O O   . GLY A 1 34 ? -7.527  -6.664  -5.346  1.00 31.37 ? 330 GLY A O   1 
ATOM   261  N N   . TYR A 1 35 ? -5.936  -8.183  -5.736  1.00 33.38 ? 331 TYR A N   1 
ATOM   262  C CA  . TYR A 1 35 ? -6.027  -8.816  -4.432  1.00 33.50 ? 331 TYR A CA  1 
ATOM   263  C C   . TYR A 1 35 ? -4.714  -8.613  -3.667  1.00 34.81 ? 331 TYR A C   1 
ATOM   264  O O   . TYR A 1 35 ? -3.695  -8.173  -4.225  1.00 33.12 ? 331 TYR A O   1 
ATOM   265  C CB  . TYR A 1 35 ? -6.328  -10.317 -4.613  1.00 36.04 ? 331 TYR A CB  1 
ATOM   266  C CG  . TYR A 1 35 ? -7.754  -10.644 -5.017  1.00 35.03 ? 331 TYR A CG  1 
ATOM   267  C CD1 . TYR A 1 35 ? -8.161  -10.552 -6.327  1.00 37.10 ? 331 TYR A CD1 1 
ATOM   268  C CD2 . TYR A 1 35 ? -8.711  -10.983 -4.070  1.00 43.41 ? 331 TYR A CD2 1 
ATOM   269  C CE1 . TYR A 1 35 ? -9.440  -10.831 -6.700  1.00 41.34 ? 331 TYR A CE1 1 
ATOM   270  C CE2 . TYR A 1 35 ? -10.012 -11.240 -4.428  1.00 38.36 ? 331 TYR A CE2 1 
ATOM   271  C CZ  . TYR A 1 35 ? -10.357 -11.163 -5.740  1.00 41.06 ? 331 TYR A CZ  1 
ATOM   272  O OH  . TYR A 1 35 ? -11.632 -11.427 -6.153  1.00 50.37 ? 331 TYR A OH  1 
ATOM   273  N N   . ALA A 1 36 ? -4.764  -8.948  -2.385  1.00 29.97 ? 332 ALA A N   1 
ATOM   274  C CA  . ALA A 1 36 ? -3.586  -8.914  -1.521  1.00 31.60 ? 332 ALA A CA  1 
ATOM   275  C C   . ALA A 1 36 ? -3.854  -9.666  -0.232  1.00 33.58 ? 332 ALA A C   1 
ATOM   276  O O   . ALA A 1 36 ? -5.013  -9.904  0.144   1.00 36.09 ? 332 ALA A O   1 
ATOM   277  C CB  . ALA A 1 36 ? -3.259  -7.464  -1.161  1.00 33.69 ? 332 ALA A CB  1 
ATOM   278  N N   . TRP A 1 37 ? -2.773  -10.123 0.385   1.00 30.61 ? 333 TRP A N   1 
ATOM   279  C CA  . TRP A 1 37 ? -2.863  -10.602 1.762   1.00 34.79 ? 333 TRP A CA  1 
ATOM   280  C C   . TRP A 1 37 ? -2.809  -9.396  2.719   1.00 30.24 ? 333 TRP A C   1 
ATOM   281  O O   . TRP A 1 37 ? -2.022  -8.465  2.502   1.00 35.16 ? 333 TRP A O   1 
ATOM   282  C CB  . TRP A 1 37 ? -1.733  -11.587 2.054   1.00 33.09 ? 333 TRP A CB  1 
ATOM   283  C CG  . TRP A 1 37 ? -1.959  -12.926 1.443   1.00 36.93 ? 333 TRP A CG  1 
ATOM   284  C CD1 . TRP A 1 37 ? -1.503  -13.359 0.219   1.00 28.52 ? 333 TRP A CD1 1 
ATOM   285  C CD2 . TRP A 1 37 ? -2.638  -14.041 2.044   1.00 36.76 ? 333 TRP A CD2 1 
ATOM   286  N NE1 . TRP A 1 37 ? -1.900  -14.660 0.026   1.00 36.47 ? 333 TRP A NE1 1 
ATOM   287  C CE2 . TRP A 1 37 ? -2.595  -15.105 1.123   1.00 31.03 ? 333 TRP A CE2 1 
ATOM   288  C CE3 . TRP A 1 37 ? -3.319  -14.237 3.253   1.00 34.25 ? 333 TRP A CE3 1 
ATOM   289  C CZ2 . TRP A 1 37 ? -3.202  -16.336 1.377   1.00 34.09 ? 333 TRP A CZ2 1 
ATOM   290  C CZ3 . TRP A 1 37 ? -3.927  -15.460 3.499   1.00 32.90 ? 333 TRP A CZ3 1 
ATOM   291  C CH2 . TRP A 1 37 ? -3.841  -16.506 2.582   1.00 39.30 ? 333 TRP A CH2 1 
ATOM   292  N N   . LEU A 1 38 ? -3.704  -9.387  3.704   1.00 31.18 ? 334 LEU A N   1 
ATOM   293  C CA  . LEU A 1 38 ? -3.805  -8.425  4.799   1.00 27.11 ? 334 LEU A CA  1 
ATOM   294  C C   . LEU A 1 38 ? -3.689  -9.134  6.146   1.00 33.13 ? 334 LEU A C   1 
ATOM   295  O O   . LEU A 1 38 ? -3.872  -10.352 6.239   1.00 30.01 ? 334 LEU A O   1 
ATOM   296  C CB  . LEU A 1 38 ? -5.179  -7.780  4.856   1.00 33.56 ? 334 LEU A CB  1 
ATOM   297  C CG  . LEU A 1 38 ? -5.342  -6.534  3.997   1.00 34.08 ? 334 LEU A CG  1 
ATOM   298  C CD1 . LEU A 1 38 ? -5.154  -6.880  2.554   1.00 36.88 ? 334 LEU A CD1 1 
ATOM   299  C CD2 . LEU A 1 38 ? -6.729  -6.040  4.169   1.00 36.80 ? 334 LEU A CD2 1 
ATOM   300  N N   . LYS A 1 39 ? -3.441  -8.350  7.191   1.00 29.78 ? 335 LYS A N   1 
ATOM   301  C CA  . LYS A 1 39 ? -3.447  -8.838  8.571   1.00 35.24 ? 335 LYS A CA  1 
ATOM   302  C C   . LYS A 1 39 ? -4.196  -7.812  9.414   1.00 34.28 ? 335 LYS A C   1 
ATOM   303  O O   . LYS A 1 39 ? -3.859  -6.616  9.354   1.00 32.10 ? 335 LYS A O   1 
ATOM   304  C CB  . LYS A 1 39 ? -2.001  -9.003  9.081   1.00 34.27 ? 335 LYS A CB  1 
ATOM   305  C CG  . LYS A 1 39 ? -1.746  -9.743  10.380  1.00 41.43 ? 335 LYS A CG  1 
ATOM   306  C CD  . LYS A 1 39 ? -0.361  -9.434  10.975  1.00 41.01 ? 335 LYS A CD  1 
ATOM   307  C CE  . LYS A 1 39 ? 0.757   -10.443 10.958  1.00 47.42 ? 335 LYS A CE  1 
ATOM   308  N NZ  . LYS A 1 39 ? 0.913   -11.396 12.090  1.00 48.95 ? 335 LYS A NZ  1 
ATOM   309  N N   . TYR A 1 40 ? -5.204  -8.245  10.174  1.00 35.22 ? 336 TYR A N   1 
ATOM   310  C CA  . TYR A 1 40 ? -5.882  -7.365  11.113  1.00 35.30 ? 336 TYR A CA  1 
ATOM   311  C C   . TYR A 1 40 ? -4.947  -7.021  12.285  1.00 36.18 ? 336 TYR A C   1 
ATOM   312  O O   . TYR A 1 40 ? -4.240  -7.882  12.771  1.00 33.17 ? 336 TYR A O   1 
ATOM   313  C CB  . TYR A 1 40 ? -7.196  -7.990  11.579  1.00 36.26 ? 336 TYR A CB  1 
ATOM   314  C CG  . TYR A 1 40 ? -8.351  -8.063  10.601  1.00 38.97 ? 336 TYR A CG  1 
ATOM   315  C CD1 . TYR A 1 40 ? -8.869  -9.287  10.190  1.00 47.49 ? 336 TYR A CD1 1 
ATOM   316  C CD2 . TYR A 1 40 ? -8.909  -6.918  10.051  1.00 35.80 ? 336 TYR A CD2 1 
ATOM   317  C CE1 . TYR A 1 40 ? -9.909  -9.357  9.260   1.00 41.26 ? 336 TYR A CE1 1 
ATOM   318  C CE2 . TYR A 1 40 ? -9.911  -6.982  9.112   1.00 36.06 ? 336 TYR A CE2 1 
ATOM   319  C CZ  . TYR A 1 40 ? -10.435 -8.194  8.721   1.00 42.65 ? 336 TYR A CZ  1 
ATOM   320  O OH  . TYR A 1 40 ? -11.482 -8.205  7.817   1.00 40.21 ? 336 TYR A OH  1 
ATOM   321  N N   . GLU A 1 41 ? -4.906  -5.759  12.697  1.00 35.62 ? 337 GLU A N   1 
ATOM   322  C CA  . GLU A 1 41 ? -4.089  -5.318  13.815  1.00 40.09 ? 337 GLU A CA  1 
ATOM   323  C C   . GLU A 1 41 ? -4.675  -5.663  15.174  1.00 36.10 ? 337 GLU A C   1 
ATOM   324  O O   . GLU A 1 41 ? -3.939  -5.967  16.091  1.00 40.99 ? 337 GLU A O   1 
ATOM   325  C CB  . GLU A 1 41 ? -3.725  -3.838  13.645  1.00 42.90 ? 337 GLU A CB  1 
ATOM   326  C CG  . GLU A 1 41 ? -2.634  -3.719  12.565  1.00 51.05 ? 337 GLU A CG  1 
ATOM   327  C CD  . GLU A 1 41 ? -2.302  -2.309  12.084  1.00 48.31 ? 337 GLU A CD  1 
ATOM   328  O OE1 . GLU A 1 41 ? -1.414  -2.105  11.223  1.00 47.18 ? 337 GLU A OE1 1 
ATOM   329  O OE2 . GLU A 1 41 ? -2.920  -1.369  12.596  1.00 48.54 ? 337 GLU A OE2 1 
ATOM   330  N N   . ASP A 1 42 ? -5.991  -5.654  15.293  1.00 45.17 ? 338 ASP A N   1 
ATOM   331  C CA  . ASP A 1 42 ? -6.749  -6.122  16.453  1.00 43.82 ? 338 ASP A CA  1 
ATOM   332  C C   . ASP A 1 42 ? -6.251  -7.509  16.871  1.00 40.31 ? 338 ASP A C   1 
ATOM   333  O O   . ASP A 1 42 ? -5.658  -7.719  17.922  1.00 37.73 ? 338 ASP A O   1 
ATOM   334  C CB  . ASP A 1 42 ? -8.303  -6.017  16.275  1.00 48.19 ? 338 ASP A CB  1 
ATOM   335  C CG  . ASP A 1 42 ? -8.882  -6.453  14.918  1.00 54.30 ? 338 ASP A CG  1 
ATOM   336  O OD1 . ASP A 1 42 ? -8.160  -7.178  14.208  1.00 55.53 ? 338 ASP A OD1 1 
ATOM   337  O OD2 . ASP A 1 42 ? -10.066 -6.228  14.488  1.00 45.59 ? 338 ASP A OD2 1 
ATOM   338  N N   . ASP A 1 43 ? -6.466  -8.519  16.042  1.00 39.27 ? 339 ASP A N   1 
ATOM   339  C CA  . ASP A 1 43 ? -6.128  -9.856  16.509  1.00 34.82 ? 339 ASP A CA  1 
ATOM   340  C C   . ASP A 1 43 ? -5.150  -10.673 15.692  1.00 32.73 ? 339 ASP A C   1 
ATOM   341  O O   . ASP A 1 43 ? -5.060  -11.861 15.926  1.00 35.31 ? 339 ASP A O   1 
ATOM   342  C CB  . ASP A 1 43 ? -7.426  -10.643 16.565  1.00 33.78 ? 339 ASP A CB  1 
ATOM   343  C CG  . ASP A 1 43 ? -8.041  -10.795 15.189  1.00 37.07 ? 339 ASP A CG  1 
ATOM   344  O OD1 . ASP A 1 43 ? -9.156  -11.327 15.130  1.00 40.83 ? 339 ASP A OD1 1 
ATOM   345  O OD2 . ASP A 1 43 ? -7.498  -10.397 14.133  1.00 37.86 ? 339 ASP A OD2 1 
ATOM   346  N N   . GLY A 1 44 ? -4.478  -10.094 14.706  1.00 32.89 ? 340 GLY A N   1 
ATOM   347  C CA  . GLY A 1 44 ? -3.419  -10.773 13.967  1.00 29.08 ? 340 GLY A CA  1 
ATOM   348  C C   . GLY A 1 44 ? -3.858  -11.775 12.908  1.00 34.47 ? 340 GLY A C   1 
ATOM   349  O O   . GLY A 1 44 ? -3.016  -12.473 12.357  1.00 37.27 ? 340 GLY A O   1 
ATOM   350  N N   . GLN A 1 45 ? -5.151  -11.910 12.640  1.00 33.84 ? 341 GLN A N   1 
ATOM   351  C CA  . GLN A 1 45 ? -5.621  -12.802 11.593  1.00 37.09 ? 341 GLN A CA  1 
ATOM   352  C C   . GLN A 1 45 ? -5.236  -12.321 10.191  1.00 41.33 ? 341 GLN A C   1 
ATOM   353  O O   . GLN A 1 45 ? -5.488  -11.168 9.819   1.00 35.89 ? 341 GLN A O   1 
ATOM   354  C CB  . GLN A 1 45 ? -7.147  -12.922 11.706  1.00 42.27 ? 341 GLN A CB  1 
ATOM   355  C CG  . GLN A 1 45 ? -7.820  -13.460 10.448  1.00 54.55 ? 341 GLN A CG  1 
ATOM   356  C CD  . GLN A 1 45 ? -9.353  -13.430 10.476  1.00 60.91 ? 341 GLN A CD  1 
ATOM   357  O OE1 . GLN A 1 45 ? -9.986  -14.009 9.584   1.00 72.74 ? 341 GLN A OE1 1 
ATOM   358  N NE2 . GLN A 1 45 ? -9.947  -12.748 11.457  1.00 61.45 ? 341 GLN A NE2 1 
ATOM   359  N N   . GLU A 1 46 ? -4.589  -13.202 9.424   1.00 40.50 ? 342 GLU A N   1 
ATOM   360  C CA  . GLU A 1 46 ? -4.195  -12.990 8.034   1.00 39.10 ? 342 GLU A CA  1 
ATOM   361  C C   . GLU A 1 46 ? -5.305  -13.479 7.121   1.00 38.15 ? 342 GLU A C   1 
ATOM   362  O O   . GLU A 1 46 ? -5.951  -14.504 7.349   1.00 38.20 ? 342 GLU A O   1 
ATOM   363  C CB  . GLU A 1 46 ? -2.901  -13.708 7.720   1.00 37.46 ? 342 GLU A CB  1 
ATOM   364  C CG  . GLU A 1 46 ? -1.795  -13.090 8.561   1.00 42.49 ? 342 GLU A CG  1 
ATOM   365  C CD  . GLU A 1 46 ? -0.417  -13.625 8.261   1.00 49.36 ? 342 GLU A CD  1 
ATOM   366  O OE1 . GLU A 1 46 ? -0.331  -14.423 7.317   1.00 59.05 ? 342 GLU A OE1 1 
ATOM   367  O OE2 . GLU A 1 46 ? 0.550   -13.275 8.964   1.00 57.63 ? 342 GLU A OE2 1 
ATOM   368  N N   . PHE A 1 47 ? -5.565  -12.718 6.061   1.00 39.22 ? 343 PHE A N   1 
ATOM   369  C CA  . PHE A 1 47 ? -6.649  -13.054 5.144   1.00 37.84 ? 343 PHE A CA  1 
ATOM   370  C C   . PHE A 1 47 ? -6.432  -12.496 3.761   1.00 39.59 ? 343 PHE A C   1 
ATOM   371  O O   . PHE A 1 47 ? -5.686  -11.536 3.567   1.00 35.36 ? 343 PHE A O   1 
ATOM   372  C CB  . PHE A 1 47 ? -8.029  -12.585 5.626   1.00 38.57 ? 343 PHE A CB  1 
ATOM   373  C CG  . PHE A 1 47 ? -8.184  -11.089 5.754   1.00 44.52 ? 343 PHE A CG  1 
ATOM   374  C CD1 . PHE A 1 47 ? -8.926  -10.356 4.843   1.00 35.61 ? 343 PHE A CD1 1 
ATOM   375  C CD2 . PHE A 1 47 ? -7.627  -10.412 6.816   1.00 36.93 ? 343 PHE A CD2 1 
ATOM   376  C CE1 . PHE A 1 47 ? -9.060  -9.008  4.972   1.00 34.24 ? 343 PHE A CE1 1 
ATOM   377  C CE2 . PHE A 1 47 ? -7.776  -9.057  6.962   1.00 39.05 ? 343 PHE A CE2 1 
ATOM   378  C CZ  . PHE A 1 47 ? -8.469  -8.345  6.019   1.00 41.47 ? 343 PHE A CZ  1 
ATOM   379  N N   . GLU A 1 48 ? -7.127  -13.106 2.810   1.00 37.56 ? 344 GLU A N   1 
ATOM   380  C CA  . GLU A 1 48 ? -7.041  -12.639 1.439   1.00 38.88 ? 344 GLU A CA  1 
ATOM   381  C C   . GLU A 1 48 ? -8.181  -11.689 1.108   1.00 38.54 ? 344 GLU A C   1 
ATOM   382  O O   . GLU A 1 48 ? -9.316  -11.932 1.456   1.00 40.71 ? 344 GLU A O   1 
ATOM   383  C CB  . GLU A 1 48 ? -6.985  -13.826 0.495   1.00 41.49 ? 344 GLU A CB  1 
ATOM   384  C CG  . GLU A 1 48 ? -5.655  -14.540 0.574   1.00 44.46 ? 344 GLU A CG  1 
ATOM   385  C CD  . GLU A 1 48 ? -5.707  -15.805 -0.253  1.00 48.60 ? 344 GLU A CD  1 
ATOM   386  O OE1 . GLU A 1 48 ? -4.956  -15.840 -1.254  1.00 42.29 ? 344 GLU A OE1 1 
ATOM   387  O OE2 . GLU A 1 48 ? -6.486  -16.719 0.124   1.00 34.24 ? 344 GLU A OE2 1 
ATOM   388  N N   . ALA A 1 49 ? -7.897  -10.569 0.462   1.00 38.60 ? 345 ALA A N   1 
ATOM   389  C CA  . ALA A 1 49 ? -8.943  -9.609  0.209   1.00 38.36 ? 345 ALA A CA  1 
ATOM   390  C C   . ALA A 1 49 ? -8.839  -8.959  -1.154  1.00 38.15 ? 345 ALA A C   1 
ATOM   391  O O   . ALA A 1 49 ? -7.748  -8.832  -1.692  1.00 31.79 ? 345 ALA A O   1 
ATOM   392  C CB  . ALA A 1 49 ? -8.798  -8.517  1.231   1.00 44.69 ? 345 ALA A CB  1 
ATOM   393  N N   . ASN A 1 50 ? -9.973  -8.491  -1.671  1.00 35.79 ? 346 ASN A N   1 
ATOM   394  C CA  . ASN A 1 50 ? -9.971  -7.703  -2.892  1.00 34.17 ? 346 ASN A CA  1 
ATOM   395  C C   . ASN A 1 50 ? -9.689  -6.256  -2.472  1.00 33.05 ? 346 ASN A C   1 
ATOM   396  O O   . ASN A 1 50 ? -10.338 -5.705  -1.581  1.00 29.74 ? 346 ASN A O   1 
ATOM   397  C CB  . ASN A 1 50 ? -11.330 -7.744  -3.589  1.00 35.70 ? 346 ASN A CB  1 
ATOM   398  C CG  . ASN A 1 50 ? -11.272 -7.172  -4.961  1.00 34.11 ? 346 ASN A CG  1 
ATOM   399  O OD1 . ASN A 1 50 ? -10.835 -6.039  -5.234  1.00 36.33 ? 346 ASN A OD1 1 
ATOM   400  N ND2 . ASN A 1 50 ? -11.598 -8.058  -5.893  1.00 49.73 ? 346 ASN A ND2 1 
ATOM   401  N N   . LEU A 1 51 ? -8.706  -5.649  -3.118  1.00 31.65 ? 347 LEU A N   1 
ATOM   402  C CA  . LEU A 1 51 ? -8.270  -4.342  -2.694  1.00 36.16 ? 347 LEU A CA  1 
ATOM   403  C C   . LEU A 1 51 ? -9.387  -3.315  -2.903  1.00 38.02 ? 347 LEU A C   1 
ATOM   404  O O   . LEU A 1 51 ? -9.361  -2.242  -2.306  1.00 33.37 ? 347 LEU A O   1 
ATOM   405  C CB  . LEU A 1 51 ? -7.000  -4.010  -3.454  1.00 36.91 ? 347 LEU A CB  1 
ATOM   406  C CG  . LEU A 1 51 ? -5.735  -4.728  -2.955  1.00 41.44 ? 347 LEU A CG  1 
ATOM   407  C CD1 . LEU A 1 51 ? -4.559  -4.638  -3.957  1.00 40.42 ? 347 LEU A CD1 1 
ATOM   408  C CD2 . LEU A 1 51 ? -5.305  -4.134  -1.633  1.00 40.76 ? 347 LEU A CD2 1 
ATOM   409  N N   . ALA A 1 52 ? -10.382 -3.657  -3.724  1.00 40.36 ? 348 ALA A N   1 
ATOM   410  C CA  . ALA A 1 52 ? -11.495 -2.730  -3.927  1.00 44.95 ? 348 ALA A CA  1 
ATOM   411  C C   . ALA A 1 52 ? -12.233 -2.569  -2.606  1.00 40.66 ? 348 ALA A C   1 
ATOM   412  O O   . ALA A 1 52 ? -12.902 -1.580  -2.396  1.00 36.52 ? 348 ALA A O   1 
ATOM   413  C CB  . ALA A 1 52 ? -12.467 -3.176  -5.020  1.00 47.77 ? 348 ALA A CB  1 
ATOM   414  N N   . ASP A 1 53 ? -12.134 -3.556  -1.730  1.00 38.63 ? 349 ASP A N   1 
ATOM   415  C CA  . ASP A 1 53 ? -12.786 -3.477  -0.433  1.00 37.41 ? 349 ASP A CA  1 
ATOM   416  C C   . ASP A 1 53 ? -11.831 -3.092  0.692   1.00 37.31 ? 349 ASP A C   1 
ATOM   417  O O   . ASP A 1 53 ? -12.131 -3.342  1.855   1.00 32.61 ? 349 ASP A O   1 
ATOM   418  C CB  . ASP A 1 53 ? -13.401 -4.831  -0.102  1.00 37.91 ? 349 ASP A CB  1 
ATOM   419  C CG  . ASP A 1 53 ? -14.578 -5.147  -1.013  1.00 50.65 ? 349 ASP A CG  1 
ATOM   420  O OD1 . ASP A 1 53 ? -14.785 -6.343  -1.321  1.00 47.71 ? 349 ASP A OD1 1 
ATOM   421  O OD2 . ASP A 1 53 ? -15.276 -4.237  -1.520  1.00 40.40 ? 349 ASP A OD2 1 
ATOM   422  N N   . VAL A 1 54 ? -10.679 -2.543  0.338   1.00 36.58 ? 350 VAL A N   1 
ATOM   423  C CA  . VAL A 1 54 ? -9.774  -2.031  1.348   1.00 33.41 ? 350 VAL A CA  1 
ATOM   424  C C   . VAL A 1 54 ? -9.630  -0.548  1.157   1.00 33.96 ? 350 VAL A C   1 
ATOM   425  O O   . VAL A 1 54 ? -9.470  -0.105  0.014   1.00 32.41 ? 350 VAL A O   1 
ATOM   426  C CB  . VAL A 1 54 ? -8.395  -2.674  1.137   1.00 37.83 ? 350 VAL A CB  1 
ATOM   427  C CG1 . VAL A 1 54 ? -7.347  -2.126  2.097   1.00 37.31 ? 350 VAL A CG1 1 
ATOM   428  C CG2 . VAL A 1 54 ? -8.539  -4.163  1.316   1.00 37.22 ? 350 VAL A CG2 1 
ATOM   429  N N   . LYS A 1 55 ? -9.677  0.151   2.291   1.00 35.59 ? 351 LYS A N   1 
ATOM   430  C CA  . LYS A 1 55 ? -9.372  1.572   2.456   1.00 35.60 ? 351 LYS A CA  1 
ATOM   431  C C   . LYS A 1 55 ? -7.965  1.867   2.979   1.00 32.73 ? 351 LYS A C   1 
ATOM   432  O O   . LYS A 1 55 ? -7.522  1.360   3.997   1.00 28.66 ? 351 LYS A O   1 
ATOM   433  C CB  . LYS A 1 55 ? -10.389 2.198   3.419   1.00 38.43 ? 351 LYS A CB  1 
ATOM   434  C CG  . LYS A 1 55 ? -10.300 3.718   3.519   1.00 45.39 ? 351 LYS A CG  1 
ATOM   435  C CD  . LYS A 1 55 ? -10.950 4.311   4.775   1.00 62.70 ? 351 LYS A CD  1 
ATOM   436  C CE  . LYS A 1 55 ? -12.479 4.231   4.864   1.00 71.93 ? 351 LYS A CE  1 
ATOM   437  N NZ  . LYS A 1 55 ? -13.042 5.119   5.959   1.00 71.84 ? 351 LYS A NZ  1 
ATOM   438  N N   . LEU A 1 56 ? -7.268  2.751   2.288   1.00 32.91 ? 352 LEU A N   1 
ATOM   439  C CA  . LEU A 1 56 ? -5.936  3.137   2.666   1.00 37.09 ? 352 LEU A CA  1 
ATOM   440  C C   . LEU A 1 56 ? -5.964  4.188   3.778   1.00 37.69 ? 352 LEU A C   1 
ATOM   441  O O   . LEU A 1 56 ? -6.757  5.106   3.713   1.00 32.53 ? 352 LEU A O   1 
ATOM   442  C CB  . LEU A 1 56 ? -5.320  3.703   1.416   1.00 34.38 ? 352 LEU A CB  1 
ATOM   443  C CG  . LEU A 1 56 ? -3.830  3.692   1.227   1.00 47.80 ? 352 LEU A CG  1 
ATOM   444  C CD1 . LEU A 1 56 ? -3.188  2.427   1.657   1.00 52.73 ? 352 LEU A CD1 1 
ATOM   445  C CD2 . LEU A 1 56 ? -3.748  3.818   -0.274  1.00 47.86 ? 352 LEU A CD2 1 
ATOM   446  N N   . VAL A 1 57 ? -5.128  4.031   4.799   1.00 34.10 ? 353 VAL A N   1 
ATOM   447  C CA  . VAL A 1 57 ? -5.122  4.925   5.948   1.00 37.34 ? 353 VAL A CA  1 
ATOM   448  C C   . VAL A 1 57 ? -3.789  5.606   6.225   1.00 37.72 ? 353 VAL A C   1 
ATOM   449  O O   . VAL A 1 57 ? -3.730  6.793   6.487   1.00 34.37 ? 353 VAL A O   1 
ATOM   450  C CB  . VAL A 1 57 ? -5.453  4.166   7.241   1.00 40.34 ? 353 VAL A CB  1 
ATOM   451  C CG1 . VAL A 1 57 ? -5.393  5.122   8.453   1.00 47.58 ? 353 VAL A CG1 1 
ATOM   452  C CG2 . VAL A 1 57 ? -6.831  3.506   7.125   1.00 41.45 ? 353 VAL A CG2 1 
ATOM   453  N N   . ALA A 1 58 ? -2.681  4.888   6.185   1.00 37.00 ? 354 ALA A N   1 
ATOM   454  C CA  . ALA A 1 58 ? -1.435  5.570   6.509   1.00 34.73 ? 354 ALA A CA  1 
ATOM   455  C C   . ALA A 1 58 ? -0.310  4.737   5.951   1.00 31.69 ? 354 ALA A C   1 
ATOM   456  O O   . ALA A 1 58 ? -0.429  3.540   5.727   1.00 28.51 ? 354 ALA A O   1 
ATOM   457  C CB  . ALA A 1 58 ? -1.251  5.741   8.019   1.00 33.66 ? 354 ALA A CB  1 
ATOM   458  N N   . LEU A 1 59 ? 0.787   5.424   5.711   1.00 32.79 ? 355 LEU A N   1 
ATOM   459  C CA  . LEU A 1 59 ? 2.026   4.775   5.335   1.00 29.90 ? 355 LEU A CA  1 
ATOM   460  C C   . LEU A 1 59 ? 3.005   5.166   6.447   1.00 31.32 ? 355 LEU A C   1 
ATOM   461  O O   . LEU A 1 59 ? 3.198   6.346   6.623   1.00 32.12 ? 355 LEU A O   1 
ATOM   462  C CB  . LEU A 1 59 ? 2.461   5.307   3.967   1.00 31.56 ? 355 LEU A CB  1 
ATOM   463  C CG  . LEU A 1 59 ? 3.876   5.179   3.422   1.00 39.34 ? 355 LEU A CG  1 
ATOM   464  C CD1 . LEU A 1 59 ? 4.219   3.757   3.622   1.00 42.57 ? 355 LEU A CD1 1 
ATOM   465  C CD2 . LEU A 1 59 ? 3.916   5.420   1.954   1.00 43.06 ? 355 LEU A CD2 1 
ATOM   466  N N   . ILE A 1 60 ? 3.546   4.233   7.230   1.00 30.77 ? 356 ILE A N   1 
ATOM   467  C CA  . ILE A 1 60 ? 4.500   4.513   8.308   1.00 29.47 ? 356 ILE A CA  1 
ATOM   468  C C   . ILE A 1 60 ? 5.770   3.704   8.133   1.00 27.80 ? 356 ILE A C   1 
ATOM   469  O O   . ILE A 1 60 ? 5.840   2.757   7.327   1.00 28.47 ? 356 ILE A O   1 
ATOM   470  C CB  . ILE A 1 60 ? 3.902   4.192   9.686   1.00 29.36 ? 356 ILE A CB  1 
ATOM   471  C CG1 . ILE A 1 60 ? 3.552   2.713   9.778   1.00 30.17 ? 356 ILE A CG1 1 
ATOM   472  C CG2 . ILE A 1 60 ? 2.623   5.027   9.908   1.00 30.04 ? 356 ILE A CG2 1 
ATOM   473  C CD1 . ILE A 1 60 ? 3.013   2.225   11.105  1.00 37.81 ? 356 ILE A CD1 1 
ATOM   474  N N   . GLU A 1 61 ? 6.776   4.083   8.892   1.00 28.15 ? 357 GLU A N   1 
ATOM   475  C CA  . GLU A 1 61 ? 8.075   3.416   8.801   1.00 32.25 ? 357 GLU A CA  1 
ATOM   476  C C   . GLU A 1 61 ? 7.954   2.015   9.344   1.00 35.78 ? 357 GLU A C   1 
ATOM   477  O O   . GLU A 1 61 ? 7.333   1.814   10.396  1.00 32.94 ? 357 GLU A O   1 
ATOM   478  C CB  . GLU A 1 61 ? 9.157   4.084   9.640   1.00 31.80 ? 357 GLU A CB  1 
ATOM   479  C CG  . GLU A 1 61 ? 10.526  3.448   9.422   1.00 33.68 ? 357 GLU A CG  1 
ATOM   480  C CD  . GLU A 1 61 ? 11.612  4.341   9.975   1.00 35.68 ? 357 GLU A CD  1 
ATOM   481  O OE1 . GLU A 1 61 ? 11.228  5.342   10.612  1.00 38.80 ? 357 GLU A OE1 1 
ATOM   482  O OE2 . GLU A 1 61 ? 12.821  4.091   9.817   1.00 45.45 ? 357 GLU A OE2 1 
ATOM   483  N N   . GLY A 1 62 ? 8.466   1.048   8.590   1.00 38.35 ? 358 GLY A N   1 
ATOM   484  C CA  . GLY A 1 62 ? 8.482   -0.310  9.103   1.00 42.13 ? 358 GLY A CA  1 
ATOM   485  C C   . GLY A 1 62 ? 9.883   -0.632  9.590   1.00 47.25 ? 358 GLY A C   1 
ATOM   486  O O   . GLY A 1 62 ? 10.793  0.209   9.642   1.00 48.93 ? 358 GLY A O   1 
ATOM   487  O OXT . GLY A 1 62 ? 10.189  -1.783  9.910   1.00 49.34 ? 358 GLY A OXT 1 
ATOM   488  N N   . PRO B 1 3  ? 14.538  -18.058 -2.449  1.00 77.47 ? 299 PRO B N   1 
ATOM   489  C CA  . PRO B 1 3  ? 13.970  -19.282 -3.089  1.00 78.14 ? 299 PRO B CA  1 
ATOM   490  C C   . PRO B 1 3  ? 12.460  -19.535 -2.900  1.00 76.02 ? 299 PRO B C   1 
ATOM   491  O O   . PRO B 1 3  ? 11.975  -20.491 -3.505  1.00 76.75 ? 299 PRO B O   1 
ATOM   492  C CB  . PRO B 1 3  ? 14.789  -20.525 -2.702  1.00 78.76 ? 299 PRO B CB  1 
ATOM   493  N N   . ASP B 1 4  ? 11.752  -18.868 -1.983  1.00 70.88 ? 300 ASP B N   1 
ATOM   494  C CA  . ASP B 1 4  ? 10.278  -18.843 -1.929  1.00 64.38 ? 300 ASP B CA  1 
ATOM   495  C C   . ASP B 1 4  ? 9.457   -18.077 -2.991  1.00 55.73 ? 300 ASP B C   1 
ATOM   496  O O   . ASP B 1 4  ? 9.225   -16.872 -2.940  1.00 50.30 ? 300 ASP B O   1 
ATOM   497  C CB  . ASP B 1 4  ? 9.870   -18.420 -0.518  1.00 65.86 ? 300 ASP B CB  1 
ATOM   498  C CG  . ASP B 1 4  ? 8.429   -18.771 -0.188  1.00 71.79 ? 300 ASP B CG  1 
ATOM   499  O OD1 . ASP B 1 4  ? 7.665   -19.150 -1.104  1.00 78.67 ? 300 ASP B OD1 1 
ATOM   500  O OD2 . ASP B 1 4  ? 7.975   -18.673 0.973   1.00 73.04 ? 300 ASP B OD2 1 
ATOM   501  N N   . PRO B 1 5  ? 8.940   -18.791 -3.979  1.00 48.16 ? 301 PRO B N   1 
ATOM   502  C CA  . PRO B 1 5  ? 8.142   -18.189 -5.051  1.00 46.18 ? 301 PRO B CA  1 
ATOM   503  C C   . PRO B 1 5  ? 6.892   -17.470 -4.585  1.00 44.45 ? 301 PRO B C   1 
ATOM   504  O O   . PRO B 1 5  ? 6.329   -16.704 -5.342  1.00 41.39 ? 301 PRO B O   1 
ATOM   505  C CB  . PRO B 1 5  ? 7.662   -19.391 -5.850  1.00 45.64 ? 301 PRO B CB  1 
ATOM   506  C CG  . PRO B 1 5  ? 8.637   -20.435 -5.560  1.00 52.24 ? 301 PRO B CG  1 
ATOM   507  C CD  . PRO B 1 5  ? 9.078   -20.240 -4.147  1.00 50.10 ? 301 PRO B CD  1 
ATOM   508  N N   . ASP B 1 6  ? 6.440   -17.769 -3.383  1.00 45.26 ? 302 ASP B N   1 
ATOM   509  C CA  . ASP B 1 6  ? 5.374   -17.006 -2.749  1.00 51.40 ? 302 ASP B CA  1 
ATOM   510  C C   . ASP B 1 6  ? 5.694   -15.670 -2.142  1.00 47.99 ? 302 ASP B C   1 
ATOM   511  O O   . ASP B 1 6  ? 4.770   -14.994 -1.653  1.00 43.16 ? 302 ASP B O   1 
ATOM   512  C CB  . ASP B 1 6  ? 5.052   -17.692 -1.431  1.00 56.08 ? 302 ASP B CB  1 
ATOM   513  C CG  . ASP B 1 6  ? 3.818   -18.515 -1.488  1.00 67.50 ? 302 ASP B CG  1 
ATOM   514  O OD1 . ASP B 1 6  ? 3.314   -18.687 -2.618  1.00 64.58 ? 302 ASP B OD1 1 
ATOM   515  O OD2 . ASP B 1 6  ? 3.348   -18.983 -0.423  1.00 84.20 ? 302 ASP B OD2 1 
ATOM   516  N N   . LYS B 1 7  ? 6.991   -15.431 -1.997  1.00 41.66 ? 303 LYS B N   1 
ATOM   517  C CA  . LYS B 1 7  ? 7.449   -14.256 -1.266  1.00 46.55 ? 303 LYS B CA  1 
ATOM   518  C C   . LYS B 1 7  ? 7.869   -13.123 -2.201  1.00 43.03 ? 303 LYS B C   1 
ATOM   519  O O   . LYS B 1 7  ? 8.493   -13.349 -3.237  1.00 42.35 ? 303 LYS B O   1 
ATOM   520  C CB  . LYS B 1 7  ? 8.571   -14.561 -0.275  1.00 49.67 ? 303 LYS B CB  1 
ATOM   521  C CG  . LYS B 1 7  ? 8.336   -15.724 0.682   1.00 61.51 ? 303 LYS B CG  1 
ATOM   522  C CD  . LYS B 1 7  ? 6.933   -15.868 1.237   1.00 74.16 ? 303 LYS B CD  1 
ATOM   523  C CE  . LYS B 1 7  ? 6.607   -14.852 2.313   1.00 77.01 ? 303 LYS B CE  1 
ATOM   524  N NZ  . LYS B 1 7  ? 5.481   -15.366 3.144   1.00 77.97 ? 303 LYS B NZ  1 
ATOM   525  N N   . LEU B 1 8  ? 7.454   -11.909 -1.865  1.00 38.38 ? 304 LEU B N   1 
ATOM   526  C CA  . LEU B 1 8  ? 7.828   -10.748 -2.661  1.00 40.20 ? 304 LEU B CA  1 
ATOM   527  C C   . LEU B 1 8  ? 8.975   -10.086 -1.910  1.00 39.05 ? 304 LEU B C   1 
ATOM   528  O O   . LEU B 1 8  ? 8.811   -9.627  -0.783  1.00 39.00 ? 304 LEU B O   1 
ATOM   529  C CB  . LEU B 1 8  ? 6.689   -9.732  -2.728  1.00 38.39 ? 304 LEU B CB  1 
ATOM   530  C CG  . LEU B 1 8  ? 5.431   -10.249 -3.402  1.00 38.61 ? 304 LEU B CG  1 
ATOM   531  C CD1 . LEU B 1 8  ? 4.496   -9.104  -3.696  1.00 32.66 ? 304 LEU B CD1 1 
ATOM   532  C CD2 . LEU B 1 8  ? 5.723   -11.038 -4.654  1.00 42.42 ? 304 LEU B CD2 1 
ATOM   533  N N   . LYS B 1 9  ? 10.135  -9.983  -2.531  1.00 40.53 ? 305 LYS B N   1 
ATOM   534  C CA  . LYS B 1 9  ? 11.228  -9.304  -1.850  1.00 43.39 ? 305 LYS B CA  1 
ATOM   535  C C   . LYS B 1 9  ? 10.978  -7.808  -1.824  1.00 40.40 ? 305 LYS B C   1 
ATOM   536  O O   . LYS B 1 9  ? 11.391  -7.106  -0.904  1.00 43.35 ? 305 LYS B O   1 
ATOM   537  C CB  . LYS B 1 9  ? 12.575  -9.647  -2.493  1.00 49.39 ? 305 LYS B CB  1 
ATOM   538  N N   . LYS B 1 10 ? 10.264  -7.333  -2.835  1.00 40.24 ? 306 LYS B N   1 
ATOM   539  C CA  . LYS B 1 10 ? 9.995   -5.924  -2.951  1.00 40.95 ? 306 LYS B CA  1 
ATOM   540  C C   . LYS B 1 10 ? 8.593   -5.844  -3.541  1.00 41.19 ? 306 LYS B C   1 
ATOM   541  O O   . LYS B 1 10 ? 8.202   -6.719  -4.296  1.00 36.59 ? 306 LYS B O   1 
ATOM   542  C CB  . LYS B 1 10 ? 11.058  -5.251  -3.842  1.00 43.46 ? 306 LYS B CB  1 
ATOM   543  N N   . ALA B 1 11 ? 7.838   -4.838  -3.138  1.00 38.73 ? 307 ALA B N   1 
ATOM   544  C CA  . ALA B 1 11 ? 6.508   -4.565  -3.647  1.00 38.31 ? 307 ALA B CA  1 
ATOM   545  C C   . ALA B 1 11 ? 6.301   -3.187  -4.280  1.00 31.23 ? 307 ALA B C   1 
ATOM   546  O O   . ALA B 1 11 ? 7.008   -2.208  -4.049  1.00 32.35 ? 307 ALA B O   1 
ATOM   547  C CB  . ALA B 1 11 ? 5.485   -4.762  -2.560  1.00 34.77 ? 307 ALA B CB  1 
ATOM   548  N N   . ILE B 1 12 ? 5.257   -3.165  -5.101  1.00 29.61 ? 308 ILE B N   1 
ATOM   549  C CA  . ILE B 1 12 ? 4.772   -1.988  -5.739  1.00 27.99 ? 308 ILE B CA  1 
ATOM   550  C C   . ILE B 1 12 ? 3.304   -2.054  -5.442  1.00 26.79 ? 308 ILE B C   1 
ATOM   551  O O   . ILE B 1 12 ? 2.552   -2.949  -5.837  1.00 30.47 ? 308 ILE B O   1 
ATOM   552  C CB  . ILE B 1 12 ? 4.976   -2.026  -7.253  1.00 29.69 ? 308 ILE B CB  1 
ATOM   553  C CG1 . ILE B 1 12 ? 6.432   -1.850  -7.620  1.00 36.86 ? 308 ILE B CG1 1 
ATOM   554  C CG2 . ILE B 1 12 ? 4.095   -1.037  -7.943  1.00 32.22 ? 308 ILE B CG2 1 
ATOM   555  C CD1 . ILE B 1 12 ? 6.666   -2.349  -9.055  1.00 35.37 ? 308 ILE B CD1 1 
ATOM   556  N N   . VAL B 1 13 ? 2.894   -0.950  -4.858  1.00 29.01 ? 309 VAL B N   1 
ATOM   557  C CA  . VAL B 1 13 ? 1.513   -0.754  -4.554  1.00 31.27 ? 309 VAL B CA  1 
ATOM   558  C C   . VAL B 1 13 ? 0.906   0.261   -5.499  1.00 26.80 ? 309 VAL B C   1 
ATOM   559  O O   . VAL B 1 13 ? 1.123   1.468   -5.383  1.00 28.19 ? 309 VAL B O   1 
ATOM   560  C CB  . VAL B 1 13 ? 1.375   -0.270  -3.120  1.00 31.07 ? 309 VAL B CB  1 
ATOM   561  C CG1 . VAL B 1 13 ? -0.104  -0.116  -2.824  1.00 31.92 ? 309 VAL B CG1 1 
ATOM   562  C CG2 . VAL B 1 13 ? 1.786   -1.347  -2.210  1.00 32.26 ? 309 VAL B CG2 1 
ATOM   563  N N   . GLN B 1 14 ? 0.057   -0.274  -6.363  1.00 30.83 ? 310 GLN B N   1 
ATOM   564  C CA  . GLN B 1 14 ? -0.641  0.529   -7.364  1.00 33.69 ? 310 GLN B CA  1 
ATOM   565  C C   . GLN B 1 14 ? -1.946  1.092   -6.858  1.00 32.90 ? 310 GLN B C   1 
ATOM   566  O O   . GLN B 1 14 ? -2.710  0.399   -6.186  1.00 30.68 ? 310 GLN B O   1 
ATOM   567  C CB  . GLN B 1 14 ? -0.892  -0.257  -8.641  1.00 34.16 ? 310 GLN B CB  1 
ATOM   568  C CG  . GLN B 1 14 ? 0.424   -0.647  -9.334  1.00 34.61 ? 310 GLN B CG  1 
ATOM   569  C CD  . GLN B 1 14 ? 0.272   -1.541  -10.585 1.00 32.40 ? 310 GLN B CD  1 
ATOM   570  O OE1 . GLN B 1 14 ? -0.319  -2.606  -10.536 1.00 38.61 ? 310 GLN B OE1 1 
ATOM   571  N NE2 . GLN B 1 14 ? 0.943   -1.164  -11.659 1.00 33.10 ? 310 GLN B NE2 1 
ATOM   572  N N   . VAL B 1 15 ? -2.189  2.353   -7.208  1.00 26.78 ? 311 VAL B N   1 
ATOM   573  C CA  . VAL B 1 15 ? -3.382  3.019   -6.722  1.00 25.08 ? 311 VAL B CA  1 
ATOM   574  C C   . VAL B 1 15 ? -3.988  3.894   -7.808  1.00 29.37 ? 311 VAL B C   1 
ATOM   575  O O   . VAL B 1 15 ? -3.394  4.075   -8.870  1.00 31.51 ? 311 VAL B O   1 
ATOM   576  C CB  . VAL B 1 15 ? -2.987  3.968   -5.569  1.00 22.94 ? 311 VAL B CB  1 
ATOM   577  C CG1 . VAL B 1 15 ? -2.319  3.194   -4.464  1.00 22.58 ? 311 VAL B CG1 1 
ATOM   578  C CG2 . VAL B 1 15 ? -1.961  4.980   -6.027  1.00 25.93 ? 311 VAL B CG2 1 
ATOM   579  N N   . GLU B 1 16 ? -5.102  4.526   -7.470  1.00 28.38 ? 312 GLU B N   1 
ATOM   580  C CA  . GLU B 1 16 ? -5.703  5.502   -8.358  1.00 32.36 ? 312 GLU B CA  1 
ATOM   581  C C   . GLU B 1 16 ? -5.856  6.828   -7.635  1.00 30.72 ? 312 GLU B C   1 
ATOM   582  O O   . GLU B 1 16 ? -6.192  6.851   -6.461  1.00 33.03 ? 312 GLU B O   1 
ATOM   583  C CB  . GLU B 1 16 ? -7.094  5.014   -8.751  1.00 35.05 ? 312 GLU B CB  1 
ATOM   584  C CG  . GLU B 1 16 ? -7.663  5.751   -9.943  1.00 39.41 ? 312 GLU B CG  1 
ATOM   585  C CD  . GLU B 1 16 ? -9.081  5.364   -10.314 1.00 39.93 ? 312 GLU B CD  1 
ATOM   586  O OE1 . GLU B 1 16 ? -9.343  5.176   -11.517 1.00 51.71 ? 312 GLU B OE1 1 
ATOM   587  O OE2 . GLU B 1 16 ? -9.950  5.254   -9.423  1.00 55.09 ? 312 GLU B OE2 1 
ATOM   588  N N   . HIS B 1 17 ? -5.527  7.923   -8.310  1.00 33.37 ? 313 HIS B N   1 
ATOM   589  C CA  . HIS B 1 17 ? -5.711  9.252   -7.785  1.00 31.94 ? 313 HIS B CA  1 
ATOM   590  C C   . HIS B 1 17 ? -6.075  10.193  -8.941  1.00 34.61 ? 313 HIS B C   1 
ATOM   591  O O   . HIS B 1 17 ? -5.442  10.220  -10.021 1.00 31.13 ? 313 HIS B O   1 
ATOM   592  C CB  . HIS B 1 17 ? -4.480  9.694   -6.984  1.00 31.09 ? 313 HIS B CB  1 
ATOM   593  C CG  . HIS B 1 17 ? -4.563  11.107  -6.493  1.00 30.72 ? 313 HIS B CG  1 
ATOM   594  N ND1 . HIS B 1 17 ? -4.178  12.184  -7.261  1.00 33.57 ? 313 HIS B ND1 1 
ATOM   595  C CD2 . HIS B 1 17 ? -5.069  11.632  -5.352  1.00 35.73 ? 313 HIS B CD2 1 
ATOM   596  C CE1 . HIS B 1 17 ? -4.209  13.272  -6.511  1.00 40.02 ? 313 HIS B CE1 1 
ATOM   597  N NE2 . HIS B 1 17 ? -4.751  12.969  -5.346  1.00 36.69 ? 313 HIS B NE2 1 
ATOM   598  N N   . ASP B 1 18 ? -7.102  11.000  -8.664  1.00 38.30 ? 314 ASP B N   1 
ATOM   599  C CA  . ASP B 1 18 ? -7.655  11.888  -9.683  1.00 35.78 ? 314 ASP B CA  1 
ATOM   600  C C   . ASP B 1 18 ? -7.932  11.069  -10.927 1.00 29.92 ? 314 ASP B C   1 
ATOM   601  O O   . ASP B 1 18 ? -7.698  11.470  -12.045 1.00 26.44 ? 314 ASP B O   1 
ATOM   602  C CB  . ASP B 1 18 ? -6.681  13.042  -9.945  1.00 33.97 ? 314 ASP B CB  1 
ATOM   603  C CG  . ASP B 1 18 ? -6.634  14.029  -8.774  1.00 48.81 ? 314 ASP B CG  1 
ATOM   604  O OD1 . ASP B 1 18 ? -7.501  13.913  -7.865  1.00 45.85 ? 314 ASP B OD1 1 
ATOM   605  O OD2 . ASP B 1 18 ? -5.830  15.002  -8.708  1.00 43.26 ? 314 ASP B OD2 1 
ATOM   606  N N   . GLU B 1 19 ? -8.479  9.868   -10.738 1.00 32.47 ? 315 GLU B N   1 
ATOM   607  C CA  . GLU B 1 19 ? -8.906  9.062   -11.872 1.00 35.65 ? 315 GLU B CA  1 
ATOM   608  C C   . GLU B 1 19 ? -7.722  8.652   -12.758 1.00 36.24 ? 315 GLU B C   1 
ATOM   609  O O   . GLU B 1 19 ? -7.887  8.268   -13.905 1.00 34.68 ? 315 GLU B O   1 
ATOM   610  C CB  . GLU B 1 19 ? -10.012 9.792   -12.657 1.00 37.51 ? 315 GLU B CB  1 
ATOM   611  C CG  . GLU B 1 19 ? -11.370 9.845   -11.963 1.00 52.21 ? 315 GLU B CG  1 
ATOM   612  C CD  . GLU B 1 19 ? -12.486 10.502  -12.783 1.00 63.78 ? 315 GLU B CD  1 
ATOM   613  O OE1 . GLU B 1 19 ? -12.820 11.660  -12.420 1.00 72.44 ? 315 GLU B OE1 1 
ATOM   614  O OE2 . GLU B 1 19 ? -13.036 9.907   -13.754 1.00 60.32 ? 315 GLU B OE2 1 
ATOM   615  N N   . ARG B 1 20 ? -6.503  8.750   -12.249 1.00 34.96 ? 316 ARG B N   1 
ATOM   616  C CA  . ARG B 1 20 ? -5.400  8.254   -13.019 1.00 33.60 ? 316 ARG B CA  1 
ATOM   617  C C   . ARG B 1 20 ? -4.566  7.271   -12.182 1.00 33.50 ? 316 ARG B C   1 
ATOM   618  O O   . ARG B 1 20 ? -4.538  7.282   -10.953 1.00 30.64 ? 316 ARG B O   1 
ATOM   619  C CB  . ARG B 1 20 ? -4.492  9.446   -13.193 1.00 36.86 ? 316 ARG B CB  1 
ATOM   620  C CG  . ARG B 1 20 ? -5.000  10.585  -14.010 1.00 38.87 ? 316 ARG B CG  1 
ATOM   621  C CD  . ARG B 1 20 ? -4.102  11.843  -13.838 1.00 35.81 ? 316 ARG B CD  1 
ATOM   622  N NE  . ARG B 1 20 ? -2.739  11.636  -14.331 1.00 32.31 ? 316 ARG B NE  1 
ATOM   623  C CZ  . ARG B 1 20 ? -1.750  12.509  -14.249 1.00 42.28 ? 316 ARG B CZ  1 
ATOM   624  N NH1 . ARG B 1 20 ? -1.979  13.666  -13.632 1.00 36.71 ? 316 ARG B NH1 1 
ATOM   625  N NH2 . ARG B 1 20 ? -0.545  12.210  -14.761 1.00 35.30 ? 316 ARG B NH2 1 
ATOM   626  N N   . PRO B 1 21 ? -3.881  6.408   -12.908 1.00 29.11 ? 317 PRO B N   1 
ATOM   627  C CA  . PRO B 1 21 ? -3.097  5.337   -12.313 1.00 30.49 ? 317 PRO B CA  1 
ATOM   628  C C   . PRO B 1 21 ? -1.824  5.882   -11.679 1.00 29.47 ? 317 PRO B C   1 
ATOM   629  O O   . PRO B 1 21 ? -1.101  6.664   -12.264 1.00 25.39 ? 317 PRO B O   1 
ATOM   630  C CB  . PRO B 1 21 ? -2.762  4.443   -13.516 1.00 33.06 ? 317 PRO B CB  1 
ATOM   631  C CG  . PRO B 1 21 ? -2.646  5.450   -14.662 1.00 35.91 ? 317 PRO B CG  1 
ATOM   632  C CD  . PRO B 1 21 ? -3.762  6.443   -14.380 1.00 28.59 ? 317 PRO B CD  1 
ATOM   633  N N   . ALA B 1 22 ? -1.561  5.462   -10.450 1.00 27.09 ? 318 ALA B N   1 
ATOM   634  C CA  . ALA B 1 22 ? -0.350  5.897   -9.791  1.00 30.36 ? 318 ALA B CA  1 
ATOM   635  C C   . ALA B 1 22 ? 0.186   4.803   -8.878  1.00 30.45 ? 318 ALA B C   1 
ATOM   636  O O   . ALA B 1 22 ? -0.330  3.717   -8.834  1.00 31.54 ? 318 ALA B O   1 
ATOM   637  C CB  . ALA B 1 22 ? -0.593  7.141   -9.003  1.00 31.91 ? 318 ALA B CB  1 
ATOM   638  N N   . ARG B 1 23 ? 1.270   5.070   -8.167  1.00 31.05 ? 319 ARG B N   1 
ATOM   639  C CA  . ARG B 1 23 ? 1.759   4.109   -7.206  1.00 32.73 ? 319 ARG B CA  1 
ATOM   640  C C   . ARG B 1 23 ? 2.223   4.902   -5.993  1.00 29.12 ? 319 ARG B C   1 
ATOM   641  O O   . ARG B 1 23 ? 2.606   6.063   -6.073  1.00 26.19 ? 319 ARG B O   1 
ATOM   642  C CB  . ARG B 1 23 ? 2.904   3.253   -7.797  1.00 25.28 ? 319 ARG B CB  1 
ATOM   643  C CG  . ARG B 1 23 ? 4.130   3.952   -8.271  1.00 34.70 ? 319 ARG B CG  1 
ATOM   644  C CD  . ARG B 1 23 ? 5.160   2.973   -8.817  1.00 35.63 ? 319 ARG B CD  1 
ATOM   645  N NE  . ARG B 1 23 ? 4.721   2.144   -9.939  1.00 35.80 ? 319 ARG B NE  1 
ATOM   646  C CZ  . ARG B 1 23 ? 5.498   1.254   -10.547 1.00 39.75 ? 319 ARG B CZ  1 
ATOM   647  N NH1 . ARG B 1 23 ? 6.712   1.055   -10.057 1.00 38.61 ? 319 ARG B NH1 1 
ATOM   648  N NH2 . ARG B 1 23 ? 5.079   0.545   -11.596 1.00 33.14 ? 319 ARG B NH2 1 
ATOM   649  N N   . LEU B 1 24 ? 2.175   4.219   -4.873  1.00 26.95 ? 320 LEU B N   1 
ATOM   650  C CA  . LEU B 1 24 ? 2.843   4.676   -3.674  1.00 31.15 ? 320 LEU B CA  1 
ATOM   651  C C   . LEU B 1 24 ? 4.348   4.727   -3.797  1.00 30.85 ? 320 LEU B C   1 
ATOM   652  O O   . LEU B 1 24 ? 4.956   3.838   -4.379  1.00 34.37 ? 320 LEU B O   1 
ATOM   653  C CB  . LEU B 1 24 ? 2.584   3.682   -2.549  1.00 32.27 ? 320 LEU B CB  1 
ATOM   654  C CG  . LEU B 1 24 ? 1.142   3.636   -2.071  1.00 30.59 ? 320 LEU B CG  1 
ATOM   655  C CD1 . LEU B 1 24 ? 0.990   2.856   -0.756  1.00 31.38 ? 320 LEU B CD1 1 
ATOM   656  C CD2 . LEU B 1 24 ? 0.680   5.044   -1.822  1.00 36.86 ? 320 LEU B CD2 1 
ATOM   657  N N   . ILE B 1 25 ? 4.926   5.791   -3.261  1.00 27.61 ? 321 ILE B N   1 
ATOM   658  C CA  . ILE B 1 25 ? 6.367   5.827   -3.064  1.00 30.15 ? 321 ILE B CA  1 
ATOM   659  C C   . ILE B 1 25 ? 6.617   5.324   -1.654  1.00 28.21 ? 321 ILE B C   1 
ATOM   660  O O   . ILE B 1 25 ? 6.501   6.031   -0.667  1.00 27.80 ? 321 ILE B O   1 
ATOM   661  C CB  . ILE B 1 25 ? 6.936   7.215   -3.262  1.00 31.55 ? 321 ILE B CB  1 
ATOM   662  C CG1 . ILE B 1 25 ? 6.422   7.729   -4.609  1.00 30.48 ? 321 ILE B CG1 1 
ATOM   663  C CG2 . ILE B 1 25 ? 8.454   7.154   -3.252  1.00 32.04 ? 321 ILE B CG2 1 
ATOM   664  C CD1 . ILE B 1 25 ? 7.123   8.952   -5.115  1.00 32.16 ? 321 ILE B CD1 1 
ATOM   665  N N   . LEU B 1 26 ? 6.889   4.038   -1.581  1.00 24.23 ? 322 LEU B N   1 
ATOM   666  C CA  . LEU B 1 26 ? 7.060   3.355   -0.315  1.00 31.72 ? 322 LEU B CA  1 
ATOM   667  C C   . LEU B 1 26 ? 8.292   3.793   0.446   1.00 31.73 ? 322 LEU B C   1 
ATOM   668  O O   . LEU B 1 26 ? 8.292   3.631   1.637   1.00 30.51 ? 322 LEU B O   1 
ATOM   669  C CB  . LEU B 1 26 ? 7.106   1.847   -0.510  1.00 29.84 ? 322 LEU B CB  1 
ATOM   670  C CG  . LEU B 1 26 ? 5.773   1.261   -1.028  1.00 32.42 ? 322 LEU B CG  1 
ATOM   671  C CD1 . LEU B 1 26 ? 5.954   -0.175  -1.413  1.00 38.57 ? 322 LEU B CD1 1 
ATOM   672  C CD2 . LEU B 1 26 ? 4.566   1.399   -0.099  1.00 40.99 ? 322 LEU B CD2 1 
ATOM   673  N N   . ASN B 1 27 ? 9.306   4.347   -0.205  1.00 33.96 ? 323 ASN B N   1 
ATOM   674  C CA  . ASN B 1 27 ? 10.533  4.645   0.515   1.00 36.62 ? 323 ASN B CA  1 
ATOM   675  C C   . ASN B 1 27 ? 10.710  6.111   0.862   1.00 33.72 ? 323 ASN B C   1 
ATOM   676  O O   . ASN B 1 27 ? 11.805  6.513   1.254   1.00 33.56 ? 323 ASN B O   1 
ATOM   677  C CB  . ASN B 1 27 ? 11.739  4.072   -0.207  1.00 34.65 ? 323 ASN B CB  1 
ATOM   678  C CG  . ASN B 1 27 ? 12.042  4.796   -1.507  1.00 45.19 ? 323 ASN B CG  1 
ATOM   679  O OD1 . ASN B 1 27 ? 11.219  5.561   -2.007  1.00 36.05 ? 323 ASN B OD1 1 
ATOM   680  N ND2 . ASN B 1 27 ? 13.218  4.524   -2.085  1.00 44.19 ? 323 ASN B ND2 1 
ATOM   681  N N   . ARG B 1 28 ? 9.641   6.886   0.714   1.00 36.69 ? 324 ARG B N   1 
ATOM   682  C CA  . ARG B 1 28 ? 9.613   8.284   1.184   1.00 34.38 ? 324 ARG B CA  1 
ATOM   683  C C   . ARG B 1 28 ? 8.746   8.508   2.399   1.00 32.80 ? 324 ARG B C   1 
ATOM   684  O O   . ARG B 1 28 ? 7.540   8.209   2.395   1.00 33.21 ? 324 ARG B O   1 
ATOM   685  C CB  A ARG B 1 28 ? 8.939   9.219   0.195   0.60 32.90 ? 324 ARG B CB  1 
ATOM   686  C CB  B ARG B 1 28 ? 9.168   9.258   0.100   0.40 32.43 ? 324 ARG B CB  1 
ATOM   687  C CG  A ARG B 1 28 ? 9.693   9.552   -1.027  0.60 41.99 ? 324 ARG B CG  1 
ATOM   688  C CG  B ARG B 1 28 ? 10.263  10.265  -0.204  0.40 40.57 ? 324 ARG B CG  1 
ATOM   689  C CD  A ARG B 1 28 ? 10.083  11.007  -1.165  0.60 44.14 ? 324 ARG B CD  1 
ATOM   690  C CD  B ARG B 1 28 ? 9.831   11.677  -0.545  0.40 38.27 ? 324 ARG B CD  1 
ATOM   691  N NE  A ARG B 1 28 ? 10.814  10.809  -2.406  0.60 44.54 ? 324 ARG B NE  1 
ATOM   692  N NE  B ARG B 1 28 ? 9.654   11.858  -1.983  0.40 40.03 ? 324 ARG B NE  1 
ATOM   693  C CZ  A ARG B 1 28 ? 10.450  11.253  -3.590  0.60 44.30 ? 324 ARG B CZ  1 
ATOM   694  C CZ  B ARG B 1 28 ? 9.786   13.005  -2.639  0.40 37.73 ? 324 ARG B CZ  1 
ATOM   695  N NH1 A ARG B 1 28 ? 9.401   12.064  -3.740  0.60 46.79 ? 324 ARG B NH1 1 
ATOM   696  N NH1 B ARG B 1 28 ? 10.163  14.104  -2.020  0.40 25.02 ? 324 ARG B NH1 1 
ATOM   697  N NH2 A ARG B 1 28 ? 11.160  10.858  -4.633  0.60 41.57 ? 324 ARG B NH2 1 
ATOM   698  N NH2 B ARG B 1 28 ? 9.618   13.054  -3.953  0.40 41.78 ? 324 ARG B NH2 1 
ATOM   699  N N   . ARG B 1 29 ? 9.320   9.266   3.322   1.00 34.24 ? 325 ARG B N   1 
ATOM   700  C CA  . ARG B 1 29 ? 8.688   9.467   4.607   1.00 34.99 ? 325 ARG B CA  1 
ATOM   701  C C   . ARG B 1 29 ? 7.597   10.523  4.491   1.00 34.11 ? 325 ARG B C   1 
ATOM   702  O O   . ARG B 1 29 ? 7.878   11.623  4.076   1.00 27.83 ? 325 ARG B O   1 
ATOM   703  C CB  . ARG B 1 29 ? 9.729   9.971   5.602   1.00 34.65 ? 325 ARG B CB  1 
ATOM   704  C CG  . ARG B 1 29 ? 9.066   10.372  6.912   1.00 33.18 ? 325 ARG B CG  1 
ATOM   705  C CD  . ARG B 1 29 ? 10.071  10.732  7.987   1.00 36.02 ? 325 ARG B CD  1 
ATOM   706  N NE  . ARG B 1 29 ? 11.083  9.709   8.212   1.00 34.76 ? 325 ARG B NE  1 
ATOM   707  C CZ  . ARG B 1 29 ? 10.942  8.724   9.095   1.00 31.58 ? 325 ARG B CZ  1 
ATOM   708  N NH1 . ARG B 1 29 ? 11.924  7.866   9.226   1.00 31.01 ? 325 ARG B NH1 1 
ATOM   709  N NH2 . ARG B 1 29 ? 9.846   8.585   9.840   1.00 35.40 ? 325 ARG B NH2 1 
ATOM   710  N N   . PRO B 1 30 ? 6.351   10.192  4.795   1.00 32.79 ? 326 PRO B N   1 
ATOM   711  C CA  . PRO B 1 30 ? 5.307   11.220  4.845   1.00 35.56 ? 326 PRO B CA  1 
ATOM   712  C C   . PRO B 1 30 ? 5.473   12.125  6.047   1.00 33.71 ? 326 PRO B C   1 
ATOM   713  O O   . PRO B 1 30 ? 5.631   11.660  7.167   1.00 40.95 ? 326 PRO B O   1 
ATOM   714  C CB  . PRO B 1 30 ? 4.022   10.432  5.024   1.00 31.75 ? 326 PRO B CB  1 
ATOM   715  C CG  . PRO B 1 30 ? 4.350   9.005   4.714   1.00 33.77 ? 326 PRO B CG  1 
ATOM   716  C CD  . PRO B 1 30 ? 5.813   8.848   5.036   1.00 34.88 ? 326 PRO B CD  1 
ATOM   717  N N   . PRO B 1 31 ? 5.330   13.417  5.840   1.00 36.65 ? 327 PRO B N   1 
ATOM   718  C CA  . PRO B 1 31 ? 5.516   14.374  6.938   1.00 40.09 ? 327 PRO B CA  1 
ATOM   719  C C   . PRO B 1 31 ? 4.460   14.294  8.020   1.00 37.47 ? 327 PRO B C   1 
ATOM   720  O O   . PRO B 1 31 ? 4.723   14.796  9.118   1.00 36.12 ? 327 PRO B O   1 
ATOM   721  C CB  . PRO B 1 31 ? 5.418   15.738  6.234   1.00 41.87 ? 327 PRO B CB  1 
ATOM   722  C CG  . PRO B 1 31 ? 5.729   15.397  4.815   1.00 38.12 ? 327 PRO B CG  1 
ATOM   723  C CD  . PRO B 1 31 ? 4.970   14.101  4.589   1.00 38.76 ? 327 PRO B CD  1 
ATOM   724  N N   . ALA B 1 32 ? 3.319   13.705  7.662   1.00 36.27 ? 328 ALA B N   1 
ATOM   725  C CA  . ALA B 1 32 ? 2.209   13.531  8.573   1.00 35.47 ? 328 ALA B CA  1 
ATOM   726  C C   . ALA B 1 32 ? 1.350   12.313  8.224   1.00 41.42 ? 328 ALA B C   1 
ATOM   727  O O   . ALA B 1 32 ? 1.055   11.957  7.065   1.00 33.84 ? 328 ALA B O   1 
ATOM   728  C CB  . ALA B 1 32 ? 1.362   14.793  8.590   1.00 40.33 ? 328 ALA B CB  1 
ATOM   729  N N   . GLU B 1 33 ? 0.922   11.693  9.315   1.00 42.12 ? 329 GLU B N   1 
ATOM   730  C CA  . GLU B 1 33 ? -0.028  10.592  9.235   1.00 45.79 ? 329 GLU B CA  1 
ATOM   731  C C   . GLU B 1 33 ? -1.212  10.884  8.347   1.00 42.02 ? 329 GLU B C   1 
ATOM   732  O O   . GLU B 1 33 ? -1.841  11.939  8.396   1.00 43.39 ? 329 GLU B O   1 
ATOM   733  C CB  . GLU B 1 33 ? -0.530  10.242  10.657  1.00 50.90 ? 329 GLU B CB  1 
ATOM   734  C CG  . GLU B 1 33 ? -0.938  8.796   10.873  1.00 59.99 ? 329 GLU B CG  1 
ATOM   735  C CD  . GLU B 1 33 ? -0.768  8.336   12.311  1.00 69.56 ? 329 GLU B CD  1 
ATOM   736  O OE1 . GLU B 1 33 ? -1.794  8.004   12.939  1.00 74.70 ? 329 GLU B OE1 1 
ATOM   737  O OE2 . GLU B 1 33 ? 0.380   8.282   12.806  1.00 71.96 ? 329 GLU B OE2 1 
ATOM   738  N N   . GLY B 1 34 ? -1.510  9.885   7.545   1.00 34.58 ? 330 GLY B N   1 
ATOM   739  C CA  . GLY B 1 34 ? -2.610  9.940   6.621   1.00 32.35 ? 330 GLY B CA  1 
ATOM   740  C C   . GLY B 1 34 ? -2.286  10.540  5.255   1.00 33.99 ? 330 GLY B C   1 
ATOM   741  O O   . GLY B 1 34 ? -3.142  10.638  4.370   1.00 33.54 ? 330 GLY B O   1 
ATOM   742  N N   . TYR B 1 35 ? -1.044  10.963  5.094   1.00 30.09 ? 331 TYR B N   1 
ATOM   743  C CA  . TYR B 1 35 ? -0.501  11.337  3.800   1.00 30.98 ? 331 TYR B CA  1 
ATOM   744  C C   . TYR B 1 35 ? 0.593   10.374  3.318   1.00 31.10 ? 331 TYR B C   1 
ATOM   745  O O   . TYR B 1 35 ? 1.139   9.589   4.076   1.00 29.08 ? 331 TYR B O   1 
ATOM   746  C CB  . TYR B 1 35 ? 0.139   12.732  3.897   1.00 36.62 ? 331 TYR B CB  1 
ATOM   747  C CG  . TYR B 1 35 ? -0.892  13.780  4.262   1.00 38.41 ? 331 TYR B CG  1 
ATOM   748  C CD1 . TYR B 1 35 ? -1.280  13.976  5.583   1.00 44.25 ? 331 TYR B CD1 1 
ATOM   749  C CD2 . TYR B 1 35 ? -1.519  14.524  3.281   1.00 36.56 ? 331 TYR B CD2 1 
ATOM   750  C CE1 . TYR B 1 35 ? -2.265  14.899  5.909   1.00 44.67 ? 331 TYR B CE1 1 
ATOM   751  C CE2 . TYR B 1 35 ? -2.492  15.456  3.581   1.00 36.35 ? 331 TYR B CE2 1 
ATOM   752  C CZ  . TYR B 1 35 ? -2.862  15.631  4.905   1.00 46.29 ? 331 TYR B CZ  1 
ATOM   753  O OH  . TYR B 1 35 ? -3.825  16.545  5.224   1.00 46.26 ? 331 TYR B OH  1 
ATOM   754  N N   . ALA B 1 36 ? 0.928   10.472  2.034   1.00 31.19 ? 332 ALA B N   1 
ATOM   755  C CA  . ALA B 1 36 ? 2.036   9.739   1.465   1.00 30.62 ? 332 ALA B CA  1 
ATOM   756  C C   . ALA B 1 36 ? 2.397   10.428  0.165   1.00 29.74 ? 332 ALA B C   1 
ATOM   757  O O   . ALA B 1 36 ? 1.630   11.207  -0.416  1.00 28.90 ? 332 ALA B O   1 
ATOM   758  C CB  . ALA B 1 36 ? 1.675   8.238   1.283   1.00 33.02 ? 332 ALA B CB  1 
ATOM   759  N N   . TRP B 1 37 ? 3.635   10.202  -0.252  1.00 29.06 ? 333 TRP B N   1 
ATOM   760  C CA  . TRP B 1 37 ? 4.045   10.572  -1.596  1.00 29.63 ? 333 TRP B CA  1 
ATOM   761  C C   . TRP B 1 37 ? 3.619   9.446   -2.546  1.00 30.46 ? 333 TRP B C   1 
ATOM   762  O O   . TRP B 1 37 ? 3.742   8.248   -2.230  1.00 27.63 ? 333 TRP B O   1 
ATOM   763  C CB  . TRP B 1 37 ? 5.565   10.653  -1.693  1.00 33.95 ? 333 TRP B CB  1 
ATOM   764  C CG  . TRP B 1 37 ? 6.105   11.896  -1.100  1.00 32.57 ? 333 TRP B CG  1 
ATOM   765  C CD1 . TRP B 1 37 ? 6.525   12.077  0.175   1.00 34.60 ? 333 TRP B CD1 1 
ATOM   766  C CD2 . TRP B 1 37 ? 6.295   13.145  -1.767  1.00 37.71 ? 333 TRP B CD2 1 
ATOM   767  N NE1 . TRP B 1 37 ? 6.888   13.389  0.368   1.00 35.62 ? 333 TRP B NE1 1 
ATOM   768  C CE2 . TRP B 1 37 ? 6.794   14.058  -0.818  1.00 29.93 ? 333 TRP B CE2 1 
ATOM   769  C CE3 . TRP B 1 37 ? 6.107   13.584  -3.074  1.00 41.31 ? 333 TRP B CE3 1 
ATOM   770  C CZ2 . TRP B 1 37 ? 7.129   15.356  -1.132  1.00 35.55 ? 333 TRP B CZ2 1 
ATOM   771  C CZ3 . TRP B 1 37 ? 6.428   14.898  -3.391  1.00 52.31 ? 333 TRP B CZ3 1 
ATOM   772  C CH2 . TRP B 1 37 ? 6.922   15.778  -2.414  1.00 45.68 ? 333 TRP B CH2 1 
ATOM   773  N N   . LEU B 1 38 ? 3.234   9.875   -3.743  1.00 28.95 ? 334 LEU B N   1 
ATOM   774  C CA  . LEU B 1 38 ? 2.740   9.044   -4.832  1.00 28.49 ? 334 LEU B CA  1 
ATOM   775  C C   . LEU B 1 38 ? 3.402   9.531   -6.123  1.00 29.66 ? 334 LEU B C   1 
ATOM   776  O O   . LEU B 1 38 ? 3.970   10.621  -6.161  1.00 30.55 ? 334 LEU B O   1 
ATOM   777  C CB  . LEU B 1 38 ? 1.230   9.251   -4.999  1.00 34.05 ? 334 LEU B CB  1 
ATOM   778  C CG  . LEU B 1 38 ? 0.212   8.321   -4.348  1.00 38.38 ? 334 LEU B CG  1 
ATOM   779  C CD1 . LEU B 1 38 ? 0.456   8.541   -2.895  1.00 39.99 ? 334 LEU B CD1 1 
ATOM   780  C CD2 . LEU B 1 38 ? -1.252  8.593   -4.715  1.00 37.96 ? 334 LEU B CD2 1 
ATOM   781  N N   . LYS B 1 39 ? 3.332   8.735   -7.180  1.00 29.64 ? 335 LYS B N   1 
ATOM   782  C CA  . LYS B 1 39 ? 3.830   9.073   -8.515  1.00 32.01 ? 335 LYS B CA  1 
ATOM   783  C C   . LYS B 1 39 ? 2.751   8.643   -9.518  1.00 29.95 ? 335 LYS B C   1 
ATOM   784  O O   . LYS B 1 39 ? 2.228   7.542   -9.380  1.00 28.54 ? 335 LYS B O   1 
ATOM   785  C CB  . LYS B 1 39 ? 5.099   8.234   -8.736  1.00 35.33 ? 335 LYS B CB  1 
ATOM   786  C CG  . LYS B 1 39 ? 6.035   8.453   -9.911  1.00 49.64 ? 335 LYS B CG  1 
ATOM   787  C CD  . LYS B 1 39 ? 7.417   7.771   -9.673  1.00 44.91 ? 335 LYS B CD  1 
ATOM   788  C CE  . LYS B 1 39 ? 8.545   8.121   -10.637 1.00 52.48 ? 335 LYS B CE  1 
ATOM   789  N NZ  . LYS B 1 39 ? 8.845   9.547   -11.118 1.00 58.38 ? 335 LYS B NZ  1 
ATOM   790  N N   . TYR B 1 40 ? 2.389   9.487   -10.475 1.00 27.62 ? 336 TYR B N   1 
ATOM   791  C CA  . TYR B 1 40 ? 1.506   9.044   -11.540 1.00 32.44 ? 336 TYR B CA  1 
ATOM   792  C C   . TYR B 1 40 ? 2.282   8.150   -12.501 1.00 30.02 ? 336 TYR B C   1 
ATOM   793  O O   . TYR B 1 40 ? 3.441   8.365   -12.860 1.00 30.95 ? 336 TYR B O   1 
ATOM   794  C CB  . TYR B 1 40 ? 0.852   10.197  -12.288 1.00 27.31 ? 336 TYR B CB  1 
ATOM   795  C CG  . TYR B 1 40 ? -0.115  11.014  -11.486 1.00 33.81 ? 336 TYR B CG  1 
ATOM   796  C CD1 . TYR B 1 40 ? 0.166   12.317  -11.115 1.00 28.67 ? 336 TYR B CD1 1 
ATOM   797  C CD2 . TYR B 1 40 ? -1.344  10.495  -11.123 1.00 33.56 ? 336 TYR B CD2 1 
ATOM   798  C CE1 . TYR B 1 40 ? -0.756  13.111  -10.439 1.00 32.55 ? 336 TYR B CE1 1 
ATOM   799  C CE2 . TYR B 1 40 ? -2.224  11.259  -10.431 1.00 31.53 ? 336 TYR B CE2 1 
ATOM   800  C CZ  . TYR B 1 40 ? -1.988  12.558  -10.121 1.00 28.29 ? 336 TYR B CZ  1 
ATOM   801  O OH  . TYR B 1 40 ? -3.010  13.114  -9.377  1.00 29.79 ? 336 TYR B OH  1 
ATOM   802  N N   . GLU B 1 41 ? 1.641   7.052   -12.829 1.00 34.16 ? 337 GLU B N   1 
ATOM   803  C CA  . GLU B 1 41 ? 2.339   6.124   -13.712 1.00 36.58 ? 337 GLU B CA  1 
ATOM   804  C C   . GLU B 1 41 ? 2.359   6.608   -15.159 1.00 37.63 ? 337 GLU B C   1 
ATOM   805  O O   . GLU B 1 41 ? 3.271   6.261   -15.914 1.00 33.13 ? 337 GLU B O   1 
ATOM   806  C CB  . GLU B 1 41 ? 1.741   4.711   -13.637 1.00 37.47 ? 337 GLU B CB  1 
ATOM   807  C CG  . GLU B 1 41 ? 1.826   4.161   -12.214 1.00 35.72 ? 337 GLU B CG  1 
ATOM   808  C CD  . GLU B 1 41 ? 1.628   2.657   -12.148 1.00 33.87 ? 337 GLU B CD  1 
ATOM   809  O OE1 . GLU B 1 41 ? 0.718   2.124   -12.802 1.00 33.06 ? 337 GLU B OE1 1 
ATOM   810  O OE2 . GLU B 1 41 ? 2.379   2.005   -11.416 1.00 33.89 ? 337 GLU B OE2 1 
ATOM   811  N N   . ASP B 1 42 ? 1.379   7.415   -15.541 1.00 33.03 ? 338 ASP B N   1 
ATOM   812  C CA  . ASP B 1 42 ? 1.296   7.835   -16.937 1.00 37.02 ? 338 ASP B CA  1 
ATOM   813  C C   . ASP B 1 42 ? 2.314   8.923   -17.273 1.00 38.35 ? 338 ASP B C   1 
ATOM   814  O O   . ASP B 1 42 ? 2.784   8.974   -18.392 1.00 42.86 ? 338 ASP B O   1 
ATOM   815  C CB  . ASP B 1 42 ? -0.129  8.188   -17.404 1.00 32.78 ? 338 ASP B CB  1 
ATOM   816  C CG  . ASP B 1 42 ? -0.848  9.127   -16.470 1.00 35.38 ? 338 ASP B CG  1 
ATOM   817  O OD1 . ASP B 1 42 ? -0.215  9.602   -15.497 1.00 33.23 ? 338 ASP B OD1 1 
ATOM   818  O OD2 . ASP B 1 42 ? -2.048  9.442   -16.665 1.00 36.44 ? 338 ASP B OD2 1 
ATOM   819  N N   . ASP B 1 43 ? 2.718   9.776   -16.347 1.00 37.46 ? 339 ASP B N   1 
ATOM   820  C CA  . ASP B 1 43 ? 3.626   10.853  -16.720 1.00 37.45 ? 339 ASP B CA  1 
ATOM   821  C C   . ASP B 1 43 ? 4.758   10.979  -15.725 1.00 35.40 ? 339 ASP B C   1 
ATOM   822  O O   . ASP B 1 43 ? 5.543   11.880  -15.905 1.00 34.05 ? 339 ASP B O   1 
ATOM   823  C CB  . ASP B 1 43 ? 2.974   12.235  -16.840 1.00 42.99 ? 339 ASP B CB  1 
ATOM   824  C CG  . ASP B 1 43 ? 2.444   12.759  -15.515 1.00 44.14 ? 339 ASP B CG  1 
ATOM   825  O OD1 . ASP B 1 43 ? 1.960   13.927  -15.469 1.00 41.94 ? 339 ASP B OD1 1 
ATOM   826  O OD2 . ASP B 1 43 ? 2.436   12.033  -14.486 1.00 31.28 ? 339 ASP B OD2 1 
ATOM   827  N N   . GLY B 1 44 ? 4.837   10.116  -14.713 1.00 33.77 ? 340 GLY B N   1 
ATOM   828  C CA  . GLY B 1 44 ? 5.925   10.137  -13.754 1.00 33.74 ? 340 GLY B CA  1 
ATOM   829  C C   . GLY B 1 44 ? 5.895   11.268  -12.729 1.00 37.92 ? 340 GLY B C   1 
ATOM   830  O O   . GLY B 1 44 ? 6.853   11.340  -11.953 1.00 33.45 ? 340 GLY B O   1 
ATOM   831  N N   . GLN B 1 45 ? 4.881   12.141  -12.680 1.00 28.90 ? 341 GLN B N   1 
ATOM   832  C CA  . GLN B 1 45 ? 4.962   13.226  -11.712 1.00 29.97 ? 341 GLN B CA  1 
ATOM   833  C C   . GLN B 1 45 ? 4.705   12.674  -10.317 1.00 33.57 ? 341 GLN B C   1 
ATOM   834  O O   . GLN B 1 45 ? 3.782   11.879  -10.138 1.00 34.00 ? 341 GLN B O   1 
ATOM   835  C CB  . GLN B 1 45 ? 4.017   14.388  -11.986 1.00 37.19 ? 341 GLN B CB  1 
ATOM   836  C CG  . GLN B 1 45 ? 4.369   15.173  -13.256 1.00 44.04 ? 341 GLN B CG  1 
ATOM   837  C CD  . GLN B 1 45 ? 5.708   15.919  -13.218 1.00 43.05 ? 341 GLN B CD  1 
ATOM   838  O OE1 . GLN B 1 45 ? 6.045   16.558  -12.223 1.00 57.62 ? 341 GLN B OE1 1 
ATOM   839  N NE2 . GLN B 1 45 ? 6.411   15.936  -14.350 1.00 42.16 ? 341 GLN B NE2 1 
ATOM   840  N N   . GLU B 1 46 ? 5.571   13.078  -9.396  1.00 33.10 ? 342 GLU B N   1 
ATOM   841  C CA  . GLU B 1 46 ? 5.508   12.832  -7.957  1.00 38.71 ? 342 GLU B CA  1 
ATOM   842  C C   . GLU B 1 46 ? 4.675   13.869  -7.206  1.00 35.65 ? 342 GLU B C   1 
ATOM   843  O O   . GLU B 1 46 ? 4.753   15.054  -7.490  1.00 36.61 ? 342 GLU B O   1 
ATOM   844  C CB  . GLU B 1 46 ? 6.927   12.849  -7.391  1.00 35.84 ? 342 GLU B CB  1 
ATOM   845  C CG  . GLU B 1 46 ? 7.750   11.708  -8.003  1.00 43.83 ? 342 GLU B CG  1 
ATOM   846  C CD  . GLU B 1 46 ? 9.143   11.455  -7.451  1.00 45.25 ? 342 GLU B CD  1 
ATOM   847  O OE1 . GLU B 1 46 ? 9.847   10.584  -7.999  1.00 53.23 ? 342 GLU B OE1 1 
ATOM   848  O OE2 . GLU B 1 46 ? 9.594   12.154  -6.539  1.00 38.68 ? 342 GLU B OE2 1 
ATOM   849  N N   . PHE B 1 47 ? 3.879   13.455  -6.236  1.00 25.47 ? 343 PHE B N   1 
ATOM   850  C CA  . PHE B 1 47 ? 3.093   14.443  -5.531  1.00 31.96 ? 343 PHE B CA  1 
ATOM   851  C C   . PHE B 1 47 ? 2.726   13.832  -4.199  1.00 30.97 ? 343 PHE B C   1 
ATOM   852  O O   . PHE B 1 47 ? 2.885   12.648  -3.960  1.00 33.22 ? 343 PHE B O   1 
ATOM   853  C CB  . PHE B 1 47 ? 1.772   14.786  -6.275  1.00 34.98 ? 343 PHE B CB  1 
ATOM   854  C CG  . PHE B 1 47 ? 0.876   13.598  -6.532  1.00 37.97 ? 343 PHE B CG  1 
ATOM   855  C CD1 . PHE B 1 47 ? -0.312  13.309  -5.836  1.00 31.26 ? 343 PHE B CD1 1 
ATOM   856  C CD2 . PHE B 1 47 ? 1.270   12.720  -7.526  1.00 27.92 ? 343 PHE B CD2 1 
ATOM   857  C CE1 . PHE B 1 47 ? -1.006  12.136  -6.129  1.00 42.06 ? 343 PHE B CE1 1 
ATOM   858  C CE2 . PHE B 1 47 ? 0.557   11.605  -7.888  1.00 37.11 ? 343 PHE B CE2 1 
ATOM   859  C CZ  . PHE B 1 47 ? -0.584  11.287  -7.164  1.00 35.41 ? 343 PHE B CZ  1 
ATOM   860  N N   . GLU B 1 48 ? 2.156   14.674  -3.354  1.00 28.68 ? 344 GLU B N   1 
ATOM   861  C CA  . GLU B 1 48 ? 1.672   14.241  -2.073  1.00 31.34 ? 344 GLU B CA  1 
ATOM   862  C C   . GLU B 1 48 ? 0.175   14.216  -2.151  1.00 29.47 ? 344 GLU B C   1 
ATOM   863  O O   . GLU B 1 48 ? -0.461  15.056  -2.757  1.00 34.94 ? 344 GLU B O   1 
ATOM   864  C CB  . GLU B 1 48 ? 2.117   15.199  -0.983  1.00 33.66 ? 344 GLU B CB  1 
ATOM   865  C CG  . GLU B 1 48 ? 3.611   15.191  -0.735  1.00 39.83 ? 344 GLU B CG  1 
ATOM   866  C CD  . GLU B 1 48 ? 3.943   15.977  0.522   1.00 46.52 ? 344 GLU B CD  1 
ATOM   867  O OE1 . GLU B 1 48 ? 3.750   15.458  1.659   1.00 46.80 ? 344 GLU B OE1 1 
ATOM   868  O OE2 . GLU B 1 48 ? 4.306   17.153  0.312   1.00 44.55 ? 344 GLU B OE2 1 
ATOM   869  N N   . ALA B 1 49 ? -0.394  13.290  -1.404  1.00 28.62 ? 345 ALA B N   1 
ATOM   870  C CA  . ALA B 1 49 ? -1.832  13.214  -1.366  1.00 31.68 ? 345 ALA B CA  1 
ATOM   871  C C   . ALA B 1 49 ? -2.259  12.759  0.018   1.00 34.48 ? 345 ALA B C   1 
ATOM   872  O O   . ALA B 1 49 ? -1.520  12.065  0.706   1.00 30.45 ? 345 ALA B O   1 
ATOM   873  C CB  . ALA B 1 49 ? -2.279  12.190  -2.409  1.00 39.48 ? 345 ALA B CB  1 
ATOM   874  N N   . ASN B 1 50 ? -3.402  13.285  0.431   1.00 33.29 ? 346 ASN B N   1 
ATOM   875  C CA  . ASN B 1 50 ? -4.193  12.716  1.501   1.00 41.05 ? 346 ASN B CA  1 
ATOM   876  C C   . ASN B 1 50 ? -4.651  11.322  1.063   1.00 37.44 ? 346 ASN B C   1 
ATOM   877  O O   . ASN B 1 50 ? -5.381  11.137  0.080   1.00 29.59 ? 346 ASN B O   1 
ATOM   878  C CB  . ASN B 1 50 ? -5.440  13.589  1.721   1.00 42.29 ? 346 ASN B CB  1 
ATOM   879  C CG  . ASN B 1 50 ? -6.257  13.192  2.941   1.00 50.55 ? 346 ASN B CG  1 
ATOM   880  O OD1 . ASN B 1 50 ? -6.463  12.005  3.232   1.00 46.95 ? 346 ASN B OD1 1 
ATOM   881  N ND2 . ASN B 1 50 ? -6.760  14.212  3.658   1.00 53.12 ? 346 ASN B ND2 1 
ATOM   882  N N   . LEU B 1 51 ? -4.278  10.345  1.880   1.00 34.33 ? 347 LEU B N   1 
ATOM   883  C CA  . LEU B 1 51 ? -4.621  8.965   1.572   1.00 30.52 ? 347 LEU B CA  1 
ATOM   884  C C   . LEU B 1 51 ? -6.110  8.715   1.476   1.00 33.15 ? 347 LEU B C   1 
ATOM   885  O O   . LEU B 1 51 ? -6.534  7.722   0.862   1.00 30.49 ? 347 LEU B O   1 
ATOM   886  C CB  . LEU B 1 51 ? -3.990  8.056   2.591   1.00 29.21 ? 347 LEU B CB  1 
ATOM   887  C CG  . LEU B 1 51 ? -2.481  8.002   2.405   1.00 36.08 ? 347 LEU B CG  1 
ATOM   888  C CD1 . LEU B 1 51 ? -1.765  6.917   3.158   1.00 40.51 ? 347 LEU B CD1 1 
ATOM   889  C CD2 . LEU B 1 51 ? -2.167  7.781   0.965   1.00 48.65 ? 347 LEU B CD2 1 
ATOM   890  N N   . ALA B 1 52 ? -6.899  9.633   2.032   1.00 35.08 ? 348 ALA B N   1 
ATOM   891  C CA  . ALA B 1 52 ? -8.345  9.448   2.001   1.00 37.33 ? 348 ALA B CA  1 
ATOM   892  C C   . ALA B 1 52 ? -8.827  9.549   0.574   1.00 40.80 ? 348 ALA B C   1 
ATOM   893  O O   . ALA B 1 52 ? -9.872  9.027   0.217   1.00 39.66 ? 348 ALA B O   1 
ATOM   894  C CB  . ALA B 1 52 ? -9.114  10.421  2.864   1.00 41.63 ? 348 ALA B CB  1 
ATOM   895  N N   . ASP B 1 53 ? -8.019  10.225  -0.225  1.00 40.31 ? 349 ASP B N   1 
ATOM   896  C CA  . ASP B 1 53 ? -8.342  10.451  -1.609  1.00 41.67 ? 349 ASP B CA  1 
ATOM   897  C C   . ASP B 1 53 ? -7.598  9.515   -2.546  1.00 39.22 ? 349 ASP B C   1 
ATOM   898  O O   . ASP B 1 53 ? -7.495  9.815   -3.728  1.00 34.45 ? 349 ASP B O   1 
ATOM   899  C CB  . ASP B 1 53 ? -7.850  11.859  -1.983  1.00 46.29 ? 349 ASP B CB  1 
ATOM   900  C CG  . ASP B 1 53 ? -8.599  12.944  -1.250  1.00 55.73 ? 349 ASP B CG  1 
ATOM   901  O OD1 . ASP B 1 53 ? -7.945  13.931  -0.835  1.00 56.30 ? 349 ASP B OD1 1 
ATOM   902  O OD2 . ASP B 1 53 ? -9.834  12.825  -1.060  1.00 52.31 ? 349 ASP B OD2 1 
ATOM   903  N N   . VAL B 1 54 ? -7.096  8.389   -2.063  1.00 36.44 ? 350 VAL B N   1 
ATOM   904  C CA  . VAL B 1 54 ? -6.386  7.459   -2.933  1.00 30.86 ? 350 VAL B CA  1 
ATOM   905  C C   . VAL B 1 54 ? -7.057  6.120   -2.855  1.00 33.32 ? 350 VAL B C   1 
ATOM   906  O O   . VAL B 1 54 ? -7.274  5.667   -1.739  1.00 33.77 ? 350 VAL B O   1 
ATOM   907  C CB  . VAL B 1 54 ? -4.944  7.306   -2.433  1.00 29.41 ? 350 VAL B CB  1 
ATOM   908  C CG1 . VAL B 1 54 ? -4.204  6.164   -3.107  1.00 25.48 ? 350 VAL B CG1 1 
ATOM   909  C CG2 . VAL B 1 54 ? -4.242  8.613   -2.636  1.00 29.89 ? 350 VAL B CG2 1 
ATOM   910  N N   . LYS B 1 55 ? -7.255  5.469   -3.999  1.00 32.25 ? 351 LYS B N   1 
ATOM   911  C CA  . LYS B 1 55 ? -7.926  4.177   -4.054  1.00 38.30 ? 351 LYS B CA  1 
ATOM   912  C C   . LYS B 1 55 ? -6.885  3.079   -4.354  1.00 33.75 ? 351 LYS B C   1 
ATOM   913  O O   . LYS B 1 55 ? -6.168  3.160   -5.348  1.00 36.42 ? 351 LYS B O   1 
ATOM   914  C CB  . LYS B 1 55 ? -9.054  4.243   -5.113  1.00 38.47 ? 351 LYS B CB  1 
ATOM   915  C CG  . LYS B 1 55 ? -9.747  2.942   -5.479  1.00 54.73 ? 351 LYS B CG  1 
ATOM   916  C CD  . LYS B 1 55 ? -10.159 2.835   -6.948  1.00 66.50 ? 351 LYS B CD  1 
ATOM   917  C CE  . LYS B 1 55 ? -11.650 3.022   -7.185  1.00 76.11 ? 351 LYS B CE  1 
ATOM   918  N NZ  . LYS B 1 55 ? -11.985 3.491   -8.572  1.00 81.09 ? 351 LYS B NZ  1 
ATOM   919  N N   . LEU B 1 56 ? -6.822  2.055   -3.513  1.00 29.79 ? 352 LEU B N   1 
ATOM   920  C CA  . LEU B 1 56 ? -5.938  0.908   -3.686  1.00 31.07 ? 352 LEU B CA  1 
ATOM   921  C C   . LEU B 1 56 ? -6.245  0.070   -4.913  1.00 32.46 ? 352 LEU B C   1 
ATOM   922  O O   . LEU B 1 56 ? -7.403  -0.173  -5.168  1.00 31.37 ? 352 LEU B O   1 
ATOM   923  C CB  . LEU B 1 56 ? -6.071  -0.062  -2.555  1.00 30.96 ? 352 LEU B CB  1 
ATOM   924  C CG  . LEU B 1 56 ? -5.127  0.292   -1.425  1.00 33.89 ? 352 LEU B CG  1 
ATOM   925  C CD1 . LEU B 1 56 ? -5.645  -0.464  -0.263  1.00 39.89 ? 352 LEU B CD1 1 
ATOM   926  C CD2 . LEU B 1 56 ? -3.614  0.029   -1.714  1.00 32.83 ? 352 LEU B CD2 1 
ATOM   927  N N   . VAL B 1 57 ? -5.300  -0.347  -5.759  1.00 32.04 ? 353 VAL B N   1 
ATOM   928  C CA  . VAL B 1 57 ? -5.715  -1.085  -6.957  1.00 34.51 ? 353 VAL B CA  1 
ATOM   929  C C   . VAL B 1 57 ? -5.091  -2.467  -7.127  1.00 31.89 ? 353 VAL B C   1 
ATOM   930  O O   . VAL B 1 57 ? -5.653  -3.481  -7.506  1.00 37.17 ? 353 VAL B O   1 
ATOM   931  C CB  . VAL B 1 57 ? -5.399  -0.235  -8.191  1.00 30.21 ? 353 VAL B CB  1 
ATOM   932  C CG1 . VAL B 1 57 ? -5.647  -1.049  -9.456  1.00 39.27 ? 353 VAL B CG1 1 
ATOM   933  C CG2 . VAL B 1 57 ? -6.260  1.030   -8.182  1.00 33.97 ? 353 VAL B CG2 1 
ATOM   934  N N   . ALA B 1 58 ? -3.815  -2.496  -6.824  1.00 35.75 ? 354 ALA B N   1 
ATOM   935  C CA  . ALA B 1 58 ? -3.071  -3.737  -6.947  1.00 33.75 ? 354 ALA B CA  1 
ATOM   936  C C   . ALA B 1 58 ? -1.738  -3.699  -6.177  1.00 31.71 ? 354 ALA B C   1 
ATOM   937  O O   . ALA B 1 58 ? -1.019  -2.690  -6.145  1.00 29.13 ? 354 ALA B O   1 
ATOM   938  C CB  . ALA B 1 58 ? -2.861  -4.052  -8.453  1.00 34.01 ? 354 ALA B CB  1 
ATOM   939  N N   . LEU B 1 59 ? -1.376  -4.892  -5.708  1.00 34.07 ? 355 LEU B N   1 
ATOM   940  C CA  . LEU B 1 59 ? -0.081  -5.070  -5.113  1.00 30.67 ? 355 LEU B CA  1 
ATOM   941  C C   . LEU B 1 59 ? 0.686   -6.013  -6.016  1.00 32.05 ? 355 LEU B C   1 
ATOM   942  O O   . LEU B 1 59 ? 0.319   -7.196  -6.110  1.00 33.13 ? 355 LEU B O   1 
ATOM   943  C CB  . LEU B 1 59 ? -0.233  -5.625  -3.714  1.00 33.81 ? 355 LEU B CB  1 
ATOM   944  C CG  . LEU B 1 59 ? 0.939   -6.048  -2.822  1.00 39.07 ? 355 LEU B CG  1 
ATOM   945  C CD1 . LEU B 1 59 ? 2.149   -5.187  -2.844  1.00 40.21 ? 355 LEU B CD1 1 
ATOM   946  C CD2 . LEU B 1 59 ? 0.452   -6.159  -1.406  1.00 36.12 ? 355 LEU B CD2 1 
ATOM   947  N N   . ILE B 1 60 ? 1.797   -5.578  -6.602  1.00 29.63 ? 356 ILE B N   1 
ATOM   948  C CA  . ILE B 1 60 ? 2.575   -6.465  -7.459  1.00 26.94 ? 356 ILE B CA  1 
ATOM   949  C C   . ILE B 1 60 ? 4.008   -6.504  -7.031  1.00 31.95 ? 356 ILE B C   1 
ATOM   950  O O   . ILE B 1 60 ? 4.480   -5.651  -6.275  1.00 34.68 ? 356 ILE B O   1 
ATOM   951  C CB  . ILE B 1 60 ? 2.483   -5.942  -8.908  1.00 34.99 ? 356 ILE B CB  1 
ATOM   952  C CG1 . ILE B 1 60 ? 3.223   -4.605  -9.028  1.00 33.58 ? 356 ILE B CG1 1 
ATOM   953  C CG2 . ILE B 1 60 ? 1.007   -5.854  -9.376  1.00 36.62 ? 356 ILE B CG2 1 
ATOM   954  C CD1 . ILE B 1 60 ? 3.253   -4.089  -10.426 1.00 31.90 ? 356 ILE B CD1 1 
ATOM   955  N N   . GLU B 1 61 ? 4.710   -7.474  -7.624  1.00 30.58 ? 357 GLU B N   1 
ATOM   956  C CA  . GLU B 1 61 ? 6.127   -7.763  -7.286  1.00 32.82 ? 357 GLU B CA  1 
ATOM   957  C C   . GLU B 1 61 ? 6.949   -6.619  -7.844  1.00 31.44 ? 357 GLU B C   1 
ATOM   958  O O   . GLU B 1 61 ? 6.786   -6.229  -9.001  1.00 28.16 ? 357 GLU B O   1 
ATOM   959  C CB  . GLU B 1 61 ? 6.651   -9.071  -7.904  1.00 34.68 ? 357 GLU B CB  1 
ATOM   960  C CG  . GLU B 1 61 ? 8.031   -9.498  -7.457  1.00 32.90 ? 357 GLU B CG  1 
ATOM   961  C CD  . GLU B 1 61 ? 8.441   -10.879 -7.966  1.00 35.68 ? 357 GLU B CD  1 
ATOM   962  O OE1 . GLU B 1 61 ? 7.708   -11.670 -8.636  1.00 33.87 ? 357 GLU B OE1 1 
ATOM   963  O OE2 . GLU B 1 61 ? 9.594   -11.172 -7.644  1.00 41.95 ? 357 GLU B OE2 1 
ATOM   964  N N   . GLY B 1 62 ? 7.826   -6.079  -7.011  1.00 34.99 ? 358 GLY B N   1 
ATOM   965  C CA  . GLY B 1 62 ? 8.724   -5.026  -7.435  1.00 35.79 ? 358 GLY B CA  1 
ATOM   966  C C   . GLY B 1 62 ? 10.114  -5.603  -7.628  1.00 42.66 ? 358 GLY B C   1 
ATOM   967  O O   . GLY B 1 62 ? 11.066  -4.841  -7.710  1.00 42.75 ? 358 GLY B O   1 
ATOM   968  O OXT . GLY B 1 62 ? 10.289  -6.823  -7.718  1.00 47.07 ? 358 GLY B OXT 1 
HETATM 969  O O   . HOH C 2 .  ? -2.946  -7.407  -6.439  1.00 27.39 ? 1   HOH A O   1 
HETATM 970  O O   . HOH C 2 .  ? 4.597   -6.172  4.913   1.00 30.00 ? 3   HOH A O   1 
HETATM 971  O O   . HOH C 2 .  ? -0.270  -9.564  -0.310  1.00 25.81 ? 4   HOH A O   1 
HETATM 972  O O   . HOH C 2 .  ? 6.643   6.246   10.640  1.00 32.50 ? 6   HOH A O   1 
HETATM 973  O O   . HOH C 2 .  ? 12.397  0.928   8.207   1.00 40.81 ? 13  HOH A O   1 
HETATM 974  O O   . HOH C 2 .  ? 2.649   8.525   8.234   1.00 35.12 ? 17  HOH A O   1 
HETATM 975  O O   . HOH C 2 .  ? 2.142   -3.248  5.455   1.00 36.92 ? 22  HOH A O   1 
HETATM 976  O O   . HOH C 2 .  ? -0.756  -1.090  14.159  1.00 38.87 ? 24  HOH A O   1 
HETATM 977  O O   . HOH C 2 .  ? 5.068   -4.089  6.008   1.00 34.62 ? 25  HOH A O   1 
HETATM 978  O O   . HOH C 2 .  ? -4.183  -12.188 -11.974 1.00 38.46 ? 30  HOH A O   1 
HETATM 979  O O   . HOH C 2 .  ? -9.461  -17.143 -0.093  1.00 39.10 ? 32  HOH A O   1 
HETATM 980  O O   . HOH C 2 .  ? 4.206   -5.706  9.003   1.00 37.72 ? 34  HOH A O   1 
HETATM 981  O O   . HOH C 2 .  ? -13.646 -0.725  6.171   1.00 44.77 ? 35  HOH A O   1 
HETATM 982  O O   . HOH C 2 .  ? 7.469   -7.634  7.611   1.00 44.20 ? 38  HOH A O   1 
HETATM 983  O O   . HOH C 2 .  ? -5.040  -17.115 7.102   1.00 40.22 ? 40  HOH A O   1 
HETATM 984  O O   . HOH C 2 .  ? -4.382  8.537   9.473   1.00 48.33 ? 41  HOH A O   1 
HETATM 985  O O   . HOH C 2 .  ? -1.033  1.634   14.791  1.00 47.94 ? 43  HOH A O   1 
HETATM 986  O O   . HOH C 2 .  ? -12.976 -0.455  3.946   1.00 41.62 ? 45  HOH A O   1 
HETATM 987  O O   . HOH C 2 .  ? -8.375  5.456   1.496   1.00 46.45 ? 46  HOH A O   1 
HETATM 988  O O   . HOH C 2 .  ? -9.148  -14.862 3.070   1.00 45.26 ? 47  HOH A O   1 
HETATM 989  O O   . HOH C 2 .  ? -16.138 -6.292  10.460  1.00 49.37 ? 49  HOH A O   1 
HETATM 990  O O   . HOH C 2 .  ? 14.315  7.099   8.102   1.00 38.87 ? 51  HOH A O   1 
HETATM 991  O O   . HOH C 2 .  ? -15.776 -4.820  -4.784  1.00 49.24 ? 56  HOH A O   1 
HETATM 992  O O   . HOH C 2 .  ? 13.960  4.145   7.576   1.00 41.42 ? 57  HOH A O   1 
HETATM 993  O O   . HOH C 2 .  ? -11.896 1.182   -3.834  1.00 50.32 ? 58  HOH A O   1 
HETATM 994  O O   . HOH C 2 .  ? 3.010   -11.763 7.549   1.00 44.92 ? 63  HOH A O   1 
HETATM 995  O O   . HOH C 2 .  ? -14.368 -8.929  10.353  1.00 44.39 ? 64  HOH A O   1 
HETATM 996  O O   . HOH C 2 .  ? -9.709  0.515   -2.976  1.00 44.09 ? 65  HOH A O   1 
HETATM 997  O O   . HOH C 2 .  ? -7.450  -17.233 2.583   1.00 40.95 ? 66  HOH A O   1 
HETATM 998  O O   . HOH C 2 .  ? 10.111  -0.392  0.378   1.00 48.39 ? 67  HOH A O   1 
HETATM 999  O O   . HOH C 2 .  ? 12.515  -2.648  9.563   1.00 52.85 ? 70  HOH A O   1 
HETATM 1000 O O   . HOH C 2 .  ? -6.575  -14.272 15.041  1.00 50.20 ? 73  HOH A O   1 
HETATM 1001 O O   . HOH C 2 .  ? 14.189  -1.584  8.344   1.00 52.13 ? 74  HOH A O   1 
HETATM 1002 O O   . HOH C 2 .  ? -5.019  -4.466  -11.276 1.00 53.99 ? 76  HOH A O   1 
HETATM 1003 O O   . HOH C 2 .  ? -1.622  -4.331  17.403  1.00 42.81 ? 78  HOH A O   1 
HETATM 1004 O O   . HOH C 2 .  ? 8.744   -1.752  2.318   1.00 51.99 ? 79  HOH A O   1 
HETATM 1005 O O   . HOH C 2 .  ? -11.748 -11.097 2.445   1.00 45.88 ? 80  HOH A O   1 
HETATM 1006 O O   . HOH C 2 .  ? -4.108  -15.910 10.245  1.00 46.56 ? 82  HOH A O   1 
HETATM 1007 O O   . HOH C 2 .  ? 2.582   -6.859  7.357   1.00 52.78 ? 86  HOH A O   1 
HETATM 1008 O O   . HOH C 2 .  ? -13.525 3.249   -3.759  1.00 51.64 ? 87  HOH A O   1 
HETATM 1009 O O   . HOH C 2 .  ? -10.791 -4.117  15.550  1.00 48.47 ? 88  HOH A O   1 
HETATM 1010 O O   . HOH C 2 .  ? 6.918   -7.327  4.143   1.00 54.45 ? 89  HOH A O   1 
HETATM 1011 O O   . HOH C 2 .  ? 10.559  1.594   2.308   1.00 50.11 ? 90  HOH A O   1 
HETATM 1012 O O   . HOH C 2 .  ? -0.837  -14.344 12.051  1.00 49.18 ? 91  HOH A O   1 
HETATM 1013 O O   . HOH C 2 .  ? -14.280 -6.571  -6.817  1.00 49.45 ? 97  HOH A O   1 
HETATM 1014 O O   . HOH C 2 .  ? -6.593  8.422   5.847   1.00 52.66 ? 98  HOH A O   1 
HETATM 1015 O O   . HOH C 2 .  ? -6.494  -15.788 12.789  1.00 59.04 ? 100 HOH A O   1 
HETATM 1016 O O   . HOH C 2 .  ? -16.043 -2.487  0.487   1.00 57.51 ? 102 HOH A O   1 
HETATM 1017 O O   . HOH C 2 .  ? -5.245  -12.806 18.366  1.00 43.74 ? 103 HOH A O   1 
HETATM 1018 O O   . HOH C 2 .  ? 8.807   -14.674 -5.824  1.00 37.65 ? 105 HOH A O   1 
HETATM 1019 O O   . HOH C 2 .  ? -4.975  -10.968 -14.618 1.00 55.10 ? 106 HOH A O   1 
HETATM 1020 O O   . HOH C 2 .  ? -0.829  -11.948 -8.216  1.00 58.25 ? 107 HOH A O   1 
HETATM 1021 O O   . HOH C 2 .  ? -15.909 -7.785  13.106  1.00 52.04 ? 109 HOH A O   1 
HETATM 1022 O O   . HOH C 2 .  ? -8.848  -6.720  -10.669 1.00 49.62 ? 110 HOH A O   1 
HETATM 1023 O O   . HOH C 2 .  ? 1.386   -16.614 0.905   1.00 46.11 ? 111 HOH A O   1 
HETATM 1024 O O   . HOH C 2 .  ? 3.081   -9.593  7.797   1.00 56.66 ? 113 HOH A O   1 
HETATM 1025 O O   . HOH C 2 .  ? -5.306  -3.015  17.450  1.00 61.92 ? 115 HOH A O   1 
HETATM 1026 O O   . HOH C 2 .  ? -3.254  -4.148  -15.329 0.50 51.12 ? 120 HOH A O   1 
HETATM 1027 O O   . HOH C 2 .  ? -12.803 -10.782 6.992   0.50 41.15 ? 121 HOH A O   1 
HETATM 1028 O O   . HOH C 2 .  ? 13.847  1.872   10.956  0.50 28.30 ? 122 HOH A O   1 
HETATM 1029 O O   . HOH C 2 .  ? 4.596   -12.678 5.776   0.50 34.46 ? 124 HOH A O   1 
HETATM 1030 O O   . HOH D 2 .  ? 5.202   8.076   0.796   1.00 28.15 ? 2   HOH B O   1 
HETATM 1031 O O   . HOH D 2 .  ? 0.633   8.387   6.258   1.00 27.92 ? 5   HOH B O   1 
HETATM 1032 O O   . HOH D 2 .  ? 3.444   -9.442  -9.574  1.00 31.32 ? 7   HOH B O   1 
HETATM 1033 O O   . HOH D 2 .  ? 1.513   16.441  -11.298 1.00 33.75 ? 8   HOH B O   1 
HETATM 1034 O O   . HOH D 2 .  ? 4.693   1.295   -4.955  1.00 30.36 ? 9   HOH B O   1 
HETATM 1035 O O   . HOH D 2 .  ? 7.415   0.382   -5.100  1.00 28.05 ? 10  HOH B O   1 
HETATM 1036 O O   . HOH D 2 .  ? -0.114  2.338   -15.447 1.00 36.15 ? 11  HOH B O   1 
HETATM 1037 O O   . HOH D 2 .  ? 9.043   6.741   11.857  1.00 24.99 ? 12  HOH B O   1 
HETATM 1038 O O   . HOH D 2 .  ? -9.180  8.569   -8.501  1.00 35.34 ? 14  HOH B O   1 
HETATM 1039 O O   . HOH D 2 .  ? 8.259   2.442   -3.601  1.00 32.52 ? 15  HOH B O   1 
HETATM 1040 O O   . HOH D 2 .  ? 4.219   10.450  8.943   1.00 33.68 ? 16  HOH B O   1 
HETATM 1041 O O   . HOH D 2 .  ? -10.201 7.315   -15.291 1.00 33.50 ? 18  HOH B O   1 
HETATM 1042 O O   . HOH D 2 .  ? 8.658   -3.434  -0.984  1.00 39.44 ? 19  HOH B O   1 
HETATM 1043 O O   . HOH D 2 .  ? 1.374   10.837  14.375  1.00 39.74 ? 20  HOH B O   1 
HETATM 1044 O O   . HOH D 2 .  ? -8.560  -3.743  -7.567  1.00 43.52 ? 21  HOH B O   1 
HETATM 1045 O O   . HOH D 2 .  ? -6.062  10.984  5.494   1.00 40.61 ? 23  HOH B O   1 
HETATM 1046 O O   . HOH D 2 .  ? -3.405  1.920   -10.861 1.00 43.62 ? 26  HOH B O   1 
HETATM 1047 O O   . HOH D 2 .  ? 0.536   15.315  -13.557 1.00 38.08 ? 27  HOH B O   1 
HETATM 1048 O O   . HOH D 2 .  ? -8.693  11.201  -6.117  1.00 37.06 ? 28  HOH B O   1 
HETATM 1049 O O   . HOH D 2 .  ? 6.560   18.236  1.833   1.00 41.78 ? 29  HOH B O   1 
HETATM 1050 O O   . HOH D 2 .  ? 7.119   4.169   -6.524  1.00 40.55 ? 31  HOH B O   1 
HETATM 1051 O O   . HOH D 2 .  ? 2.063   17.507  -3.968  1.00 44.39 ? 33  HOH B O   1 
HETATM 1052 O O   . HOH D 2 .  ? 7.785   15.072  -10.023 1.00 35.78 ? 36  HOH B O   1 
HETATM 1053 O O   . HOH D 2 .  ? 5.578   -11.258 -10.201 1.00 35.33 ? 37  HOH B O   1 
HETATM 1054 O O   . HOH D 2 .  ? 5.926   -20.237 2.105   1.00 41.74 ? 39  HOH B O   1 
HETATM 1055 O O   . HOH D 2 .  ? 0.340   4.100   -17.269 1.00 33.70 ? 42  HOH B O   1 
HETATM 1056 O O   . HOH D 2 .  ? 4.528   3.608   -16.731 1.00 34.92 ? 44  HOH B O   1 
HETATM 1057 O O   . HOH D 2 .  ? -0.841  -8.834  -7.864  1.00 40.99 ? 48  HOH B O   1 
HETATM 1058 O O   . HOH D 2 .  ? 11.254  -8.146  -5.361  1.00 53.30 ? 50  HOH B O   1 
HETATM 1059 O O   . HOH D 2 .  ? 8.039   -6.825  -0.522  1.00 48.45 ? 52  HOH B O   1 
HETATM 1060 O O   . HOH D 2 .  ? 2.888   0.442   -13.955 1.00 40.48 ? 53  HOH B O   1 
HETATM 1061 O O   . HOH D 2 .  ? 10.610  -10.708 -5.248  1.00 48.21 ? 54  HOH B O   1 
HETATM 1062 O O   . HOH D 2 .  ? 12.387  -3.071  -0.787  1.00 49.57 ? 55  HOH B O   1 
HETATM 1063 O O   . HOH D 2 .  ? 9.546   5.549   -6.644  1.00 42.48 ? 59  HOH B O   1 
HETATM 1064 O O   . HOH D 2 .  ? -4.983  14.965  -1.357  1.00 40.64 ? 60  HOH B O   1 
HETATM 1065 O O   . HOH D 2 .  ? 0.921   -1.529  -14.397 1.00 47.14 ? 61  HOH B O   1 
HETATM 1066 O O   . HOH D 2 .  ? 8.208   1.670   -7.563  1.00 40.29 ? 62  HOH B O   1 
HETATM 1067 O O   . HOH D 2 .  ? 4.245   10.117  -20.256 1.00 47.11 ? 68  HOH B O   1 
HETATM 1068 O O   . HOH D 2 .  ? 8.401   -4.928  1.097   1.00 46.28 ? 69  HOH B O   1 
HETATM 1069 O O   . HOH D 2 .  ? 3.560   12.550  2.110   1.00 41.66 ? 71  HOH B O   1 
HETATM 1070 O O   . HOH D 2 .  ? -2.961  11.858  -17.980 1.00 45.85 ? 72  HOH B O   1 
HETATM 1071 O O   . HOH D 2 .  ? 5.039   18.741  -1.535  1.00 40.79 ? 75  HOH B O   1 
HETATM 1072 O O   . HOH D 2 .  ? 10.738  -1.994  -6.869  1.00 45.33 ? 77  HOH B O   1 
HETATM 1073 O O   . HOH D 2 .  ? 12.078  -3.930  -9.880  1.00 43.99 ? 81  HOH B O   1 
HETATM 1074 O O   . HOH D 2 .  ? -6.847  5.530   -13.433 1.00 50.74 ? 83  HOH B O   1 
HETATM 1075 O O   . HOH D 2 .  ? -1.872  15.921  -8.143  1.00 48.00 ? 84  HOH B O   1 
HETATM 1076 O O   . HOH D 2 .  ? 10.794  4.718   -4.572  1.00 52.47 ? 85  HOH B O   1 
HETATM 1077 O O   . HOH D 2 .  ? -8.560  2.355   -1.272  1.00 55.89 ? 92  HOH B O   1 
HETATM 1078 O O   . HOH D 2 .  ? 14.797  2.515   -0.810  1.00 53.31 ? 93  HOH B O   1 
HETATM 1079 O O   . HOH D 2 .  ? 12.368  -7.450  -9.350  1.00 47.32 ? 94  HOH B O   1 
HETATM 1080 O O   . HOH D 2 .  ? 12.235  -22.187 -5.673  1.00 50.85 ? 95  HOH B O   1 
HETATM 1081 O O   . HOH D 2 .  ? -8.590  1.706   -11.411 1.00 53.47 ? 96  HOH B O   1 
HETATM 1082 O O   . HOH D 2 .  ? 11.995  -20.323 -7.592  1.00 47.55 ? 99  HOH B O   1 
HETATM 1083 O O   . HOH D 2 .  ? -12.194 7.288   -13.583 1.00 48.75 ? 101 HOH B O   1 
HETATM 1084 O O   . HOH D 2 .  ? -9.715  -1.310  -6.737  1.00 62.84 ? 104 HOH B O   1 
HETATM 1085 O O   . HOH D 2 .  ? 4.588   -21.612 -3.680  1.00 40.83 ? 108 HOH B O   1 
HETATM 1086 O O   . HOH D 2 .  ? 3.414   -21.987 -1.401  1.00 52.71 ? 112 HOH B O   1 
HETATM 1087 O O   . HOH D 2 .  ? 2.500   7.874   11.528  1.00 49.38 ? 114 HOH B O   1 
HETATM 1088 O O   . HOH D 2 .  ? 12.080  -10.076 -8.556  1.00 50.80 ? 116 HOH B O   1 
HETATM 1089 O O   . HOH D 2 .  ? 2.282   -17.721 -4.344  1.00 51.83 ? 117 HOH B O   1 
HETATM 1090 O O   . HOH D 2 .  ? -9.485  7.664   -6.380  0.50 32.93 ? 118 HOH B O   1 
HETATM 1091 O O   . HOH D 2 .  ? 13.665  -5.716  -7.653  0.50 33.40 ? 119 HOH B O   1 
HETATM 1092 O O   . HOH D 2 .  ? 8.542   17.268  -12.251 0.50 34.70 ? 123 HOH B O   1 
HETATM 1093 O O   . HOH D 2 .  ? -11.187 13.630  -12.973 0.50 41.72 ? 125 HOH B O   1 
# 
loop_
_pdbx_poly_seq_scheme.asym_id 
_pdbx_poly_seq_scheme.entity_id 
_pdbx_poly_seq_scheme.seq_id 
_pdbx_poly_seq_scheme.mon_id 
_pdbx_poly_seq_scheme.ndb_seq_num 
_pdbx_poly_seq_scheme.pdb_seq_num 
_pdbx_poly_seq_scheme.auth_seq_num 
_pdbx_poly_seq_scheme.pdb_mon_id 
_pdbx_poly_seq_scheme.auth_mon_id 
_pdbx_poly_seq_scheme.pdb_strand_id 
_pdbx_poly_seq_scheme.pdb_ins_code 
_pdbx_poly_seq_scheme.hetero 
A 1 1  LYS 1  297 ?   ?   ?   A . n 
A 1 2  GLU 2  298 ?   ?   ?   A . n 
A 1 3  PRO 3  299 ?   ?   ?   A . n 
A 1 4  ASP 4  300 300 ASP ASP A . n 
A 1 5  PRO 5  301 301 PRO PRO A . n 
A 1 6  ASP 6  302 302 ASP ASP A . n 
A 1 7  LYS 7  303 303 LYS LYS A . n 
A 1 8  LEU 8  304 304 LEU LEU A . n 
A 1 9  LYS 9  305 305 LYS LYS A . n 
A 1 10 LYS 10 306 306 LYS LYS A . n 
A 1 11 ALA 11 307 307 ALA ALA A . n 
A 1 12 ILE 12 308 308 ILE ILE A . n 
A 1 13 VAL 13 309 309 VAL VAL A . n 
A 1 14 GLN 14 310 310 GLN GLN A . n 
A 1 15 VAL 15 311 311 VAL VAL A . n 
A 1 16 GLU 16 312 312 GLU GLU A . n 
A 1 17 HIS 17 313 313 HIS HIS A . n 
A 1 18 ASP 18 314 314 ASP ASP A . n 
A 1 19 GLU 19 315 315 GLU GLU A . n 
A 1 20 ARG 20 316 316 ARG ARG A . n 
A 1 21 PRO 21 317 317 PRO PRO A . n 
A 1 22 ALA 22 318 318 ALA ALA A . n 
A 1 23 ARG 23 319 319 ARG ARG A . n 
A 1 24 LEU 24 320 320 LEU LEU A . n 
A 1 25 ILE 25 321 321 ILE ILE A . n 
A 1 26 LEU 26 322 322 LEU LEU A . n 
A 1 27 ASN 27 323 323 ASN ASN A . n 
A 1 28 ARG 28 324 324 ARG ARG A . n 
A 1 29 ARG 29 325 325 ARG ARG A . n 
A 1 30 PRO 30 326 326 PRO PRO A . n 
A 1 31 PRO 31 327 327 PRO PRO A . n 
A 1 32 ALA 32 328 328 ALA ALA A . n 
A 1 33 GLU 33 329 329 GLU GLU A . n 
A 1 34 GLY 34 330 330 GLY GLY A . n 
A 1 35 TYR 35 331 331 TYR TYR A . n 
A 1 36 ALA 36 332 332 ALA ALA A . n 
A 1 37 TRP 37 333 333 TRP TRP A . n 
A 1 38 LEU 38 334 334 LEU LEU A . n 
A 1 39 LYS 39 335 335 LYS LYS A . n 
A 1 40 TYR 40 336 336 TYR TYR A . n 
A 1 41 GLU 41 337 337 GLU GLU A . n 
A 1 42 ASP 42 338 338 ASP ASP A . n 
A 1 43 ASP 43 339 339 ASP ASP A . n 
A 1 44 GLY 44 340 340 GLY GLY A . n 
A 1 45 GLN 45 341 341 GLN GLN A . n 
A 1 46 GLU 46 342 342 GLU GLU A . n 
A 1 47 PHE 47 343 343 PHE PHE A . n 
A 1 48 GLU 48 344 344 GLU GLU A . n 
A 1 49 ALA 49 345 345 ALA ALA A . n 
A 1 50 ASN 50 346 346 ASN ASN A . n 
A 1 51 LEU 51 347 347 LEU LEU A . n 
A 1 52 ALA 52 348 348 ALA ALA A . n 
A 1 53 ASP 53 349 349 ASP ASP A . n 
A 1 54 VAL 54 350 350 VAL VAL A . n 
A 1 55 LYS 55 351 351 LYS LYS A . n 
A 1 56 LEU 56 352 352 LEU LEU A . n 
A 1 57 VAL 57 353 353 VAL VAL A . n 
A 1 58 ALA 58 354 354 ALA ALA A . n 
A 1 59 LEU 59 355 355 LEU LEU A . n 
A 1 60 ILE 60 356 356 ILE ILE A . n 
A 1 61 GLU 61 357 357 GLU GLU A . n 
A 1 62 GLY 62 358 358 GLY GLY A . n 
B 1 1  LYS 1  297 ?   ?   ?   B . n 
B 1 2  GLU 2  298 ?   ?   ?   B . n 
B 1 3  PRO 3  299 299 PRO PRO B . n 
B 1 4  ASP 4  300 300 ASP ASP B . n 
B 1 5  PRO 5  301 301 PRO PRO B . n 
B 1 6  ASP 6  302 302 ASP ASP B . n 
B 1 7  LYS 7  303 303 LYS LYS B . n 
B 1 8  LEU 8  304 304 LEU LEU B . n 
B 1 9  LYS 9  305 305 LYS LYS B . n 
B 1 10 LYS 10 306 306 LYS LYS B . n 
B 1 11 ALA 11 307 307 ALA ALA B . n 
B 1 12 ILE 12 308 308 ILE ILE B . n 
B 1 13 VAL 13 309 309 VAL VAL B . n 
B 1 14 GLN 14 310 310 GLN GLN B . n 
B 1 15 VAL 15 311 311 VAL VAL B . n 
B 1 16 GLU 16 312 312 GLU GLU B . n 
B 1 17 HIS 17 313 313 HIS HIS B . n 
B 1 18 ASP 18 314 314 ASP ASP B . n 
B 1 19 GLU 19 315 315 GLU GLU B . n 
B 1 20 ARG 20 316 316 ARG ARG B . n 
B 1 21 PRO 21 317 317 PRO PRO B . n 
B 1 22 ALA 22 318 318 ALA ALA B . n 
B 1 23 ARG 23 319 319 ARG ARG B . n 
B 1 24 LEU 24 320 320 LEU LEU B . n 
B 1 25 ILE 25 321 321 ILE ILE B . n 
B 1 26 LEU 26 322 322 LEU LEU B . n 
B 1 27 ASN 27 323 323 ASN ASN B . n 
B 1 28 ARG 28 324 324 ARG ARG B . n 
B 1 29 ARG 29 325 325 ARG ARG B . n 
B 1 30 PRO 30 326 326 PRO PRO B . n 
B 1 31 PRO 31 327 327 PRO PRO B . n 
B 1 32 ALA 32 328 328 ALA ALA B . n 
B 1 33 GLU 33 329 329 GLU GLU B . n 
B 1 34 GLY 34 330 330 GLY GLY B . n 
B 1 35 TYR 35 331 331 TYR TYR B . n 
B 1 36 ALA 36 332 332 ALA ALA B . n 
B 1 37 TRP 37 333 333 TRP TRP B . n 
B 1 38 LEU 38 334 334 LEU LEU B . n 
B 1 39 LYS 39 335 335 LYS LYS B . n 
B 1 40 TYR 40 336 336 TYR TYR B . n 
B 1 41 GLU 41 337 337 GLU GLU B . n 
B 1 42 ASP 42 338 338 ASP ASP B . n 
B 1 43 ASP 43 339 339 ASP ASP B . n 
B 1 44 GLY 44 340 340 GLY GLY B . n 
B 1 45 GLN 45 341 341 GLN GLN B . n 
B 1 46 GLU 46 342 342 GLU GLU B . n 
B 1 47 PHE 47 343 343 PHE PHE B . n 
B 1 48 GLU 48 344 344 GLU GLU B . n 
B 1 49 ALA 49 345 345 ALA ALA B . n 
B 1 50 ASN 50 346 346 ASN ASN B . n 
B 1 51 LEU 51 347 347 LEU LEU B . n 
B 1 52 ALA 52 348 348 ALA ALA B . n 
B 1 53 ASP 53 349 349 ASP ASP B . n 
B 1 54 VAL 54 350 350 VAL VAL B . n 
B 1 55 LYS 55 351 351 LYS LYS B . n 
B 1 56 LEU 56 352 352 LEU LEU B . n 
B 1 57 VAL 57 353 353 VAL VAL B . n 
B 1 58 ALA 58 354 354 ALA ALA B . n 
B 1 59 LEU 59 355 355 LEU LEU B . n 
B 1 60 ILE 60 356 356 ILE ILE B . n 
B 1 61 GLU 61 357 357 GLU GLU B . n 
B 1 62 GLY 62 358 358 GLY GLY B . n 
# 
loop_
_pdbx_nonpoly_scheme.asym_id 
_pdbx_nonpoly_scheme.entity_id 
_pdbx_nonpoly_scheme.mon_id 
_pdbx_nonpoly_scheme.ndb_seq_num 
_pdbx_nonpoly_scheme.pdb_seq_num 
_pdbx_nonpoly_scheme.auth_seq_num 
_pdbx_nonpoly_scheme.pdb_mon_id 
_pdbx_nonpoly_scheme.auth_mon_id 
_pdbx_nonpoly_scheme.pdb_strand_id 
_pdbx_nonpoly_scheme.pdb_ins_code 
C 2 HOH 1  1   1   HOH HOH A . 
C 2 HOH 2  3   3   HOH HOH A . 
C 2 HOH 3  4   4   HOH HOH A . 
C 2 HOH 4  6   6   HOH HOH A . 
C 2 HOH 5  13  13  HOH HOH A . 
C 2 HOH 6  17  17  HOH HOH A . 
C 2 HOH 7  22  22  HOH HOH A . 
C 2 HOH 8  24  24  HOH HOH A . 
C 2 HOH 9  25  25  HOH HOH A . 
C 2 HOH 10 30  30  HOH HOH A . 
C 2 HOH 11 32  32  HOH HOH A . 
C 2 HOH 12 34  34  HOH HOH A . 
C 2 HOH 13 35  35  HOH HOH A . 
C 2 HOH 14 38  38  HOH HOH A . 
C 2 HOH 15 40  40  HOH HOH A . 
C 2 HOH 16 41  41  HOH HOH A . 
C 2 HOH 17 43  43  HOH HOH A . 
C 2 HOH 18 45  45  HOH HOH A . 
C 2 HOH 19 46  46  HOH HOH A . 
C 2 HOH 20 47  47  HOH HOH A . 
C 2 HOH 21 49  49  HOH HOH A . 
C 2 HOH 22 51  51  HOH HOH A . 
C 2 HOH 23 56  56  HOH HOH A . 
C 2 HOH 24 57  57  HOH HOH A . 
C 2 HOH 25 58  58  HOH HOH A . 
C 2 HOH 26 63  63  HOH HOH A . 
C 2 HOH 27 64  64  HOH HOH A . 
C 2 HOH 28 65  65  HOH HOH A . 
C 2 HOH 29 66  66  HOH HOH A . 
C 2 HOH 30 67  67  HOH HOH A . 
C 2 HOH 31 70  70  HOH HOH A . 
C 2 HOH 32 73  73  HOH HOH A . 
C 2 HOH 33 74  74  HOH HOH A . 
C 2 HOH 34 76  76  HOH HOH A . 
C 2 HOH 35 78  78  HOH HOH A . 
C 2 HOH 36 79  79  HOH HOH A . 
C 2 HOH 37 80  80  HOH HOH A . 
C 2 HOH 38 82  82  HOH HOH A . 
C 2 HOH 39 86  86  HOH HOH A . 
C 2 HOH 40 87  87  HOH HOH A . 
C 2 HOH 41 88  88  HOH HOH A . 
C 2 HOH 42 89  89  HOH HOH A . 
C 2 HOH 43 90  90  HOH HOH A . 
C 2 HOH 44 91  91  HOH HOH A . 
C 2 HOH 45 97  97  HOH HOH A . 
C 2 HOH 46 98  98  HOH HOH A . 
C 2 HOH 47 100 100 HOH HOH A . 
C 2 HOH 48 102 102 HOH HOH A . 
C 2 HOH 49 103 103 HOH HOH A . 
C 2 HOH 50 105 105 HOH HOH A . 
C 2 HOH 51 106 106 HOH HOH A . 
C 2 HOH 52 107 107 HOH HOH A . 
C 2 HOH 53 109 109 HOH HOH A . 
C 2 HOH 54 110 110 HOH HOH A . 
C 2 HOH 55 111 111 HOH HOH A . 
C 2 HOH 56 113 113 HOH HOH A . 
C 2 HOH 57 115 115 HOH HOH A . 
C 2 HOH 58 120 120 HOH HOH A . 
C 2 HOH 59 121 121 HOH HOH A . 
C 2 HOH 60 122 122 HOH HOH A . 
C 2 HOH 61 124 124 HOH HOH A . 
D 2 HOH 1  2   2   HOH HOH B . 
D 2 HOH 2  5   5   HOH HOH B . 
D 2 HOH 3  7   7   HOH HOH B . 
D 2 HOH 4  8   8   HOH HOH B . 
D 2 HOH 5  9   9   HOH HOH B . 
D 2 HOH 6  10  10  HOH HOH B . 
D 2 HOH 7  11  11  HOH HOH B . 
D 2 HOH 8  12  12  HOH HOH B . 
D 2 HOH 9  14  14  HOH HOH B . 
D 2 HOH 10 15  15  HOH HOH B . 
D 2 HOH 11 16  16  HOH HOH B . 
D 2 HOH 12 18  18  HOH HOH B . 
D 2 HOH 13 19  19  HOH HOH B . 
D 2 HOH 14 20  20  HOH HOH B . 
D 2 HOH 15 21  21  HOH HOH B . 
D 2 HOH 16 23  23  HOH HOH B . 
D 2 HOH 17 26  26  HOH HOH B . 
D 2 HOH 18 27  27  HOH HOH B . 
D 2 HOH 19 28  28  HOH HOH B . 
D 2 HOH 20 29  29  HOH HOH B . 
D 2 HOH 21 31  31  HOH HOH B . 
D 2 HOH 22 33  33  HOH HOH B . 
D 2 HOH 23 36  36  HOH HOH B . 
D 2 HOH 24 37  37  HOH HOH B . 
D 2 HOH 25 39  39  HOH HOH B . 
D 2 HOH 26 42  42  HOH HOH B . 
D 2 HOH 27 44  44  HOH HOH B . 
D 2 HOH 28 48  48  HOH HOH B . 
D 2 HOH 29 50  50  HOH HOH B . 
D 2 HOH 30 52  52  HOH HOH B . 
D 2 HOH 31 53  53  HOH HOH B . 
D 2 HOH 32 54  54  HOH HOH B . 
D 2 HOH 33 55  55  HOH HOH B . 
D 2 HOH 34 59  59  HOH HOH B . 
D 2 HOH 35 60  60  HOH HOH B . 
D 2 HOH 36 61  61  HOH HOH B . 
D 2 HOH 37 62  62  HOH HOH B . 
D 2 HOH 38 68  68  HOH HOH B . 
D 2 HOH 39 69  69  HOH HOH B . 
D 2 HOH 40 71  71  HOH HOH B . 
D 2 HOH 41 72  72  HOH HOH B . 
D 2 HOH 42 75  75  HOH HOH B . 
D 2 HOH 43 77  77  HOH HOH B . 
D 2 HOH 44 81  81  HOH HOH B . 
D 2 HOH 45 83  83  HOH HOH B . 
D 2 HOH 46 84  84  HOH HOH B . 
D 2 HOH 47 85  85  HOH HOH B . 
D 2 HOH 48 92  92  HOH HOH B . 
D 2 HOH 49 93  93  HOH HOH B . 
D 2 HOH 50 94  94  HOH HOH B . 
D 2 HOH 51 95  95  HOH HOH B . 
D 2 HOH 52 96  96  HOH HOH B . 
D 2 HOH 53 99  99  HOH HOH B . 
D 2 HOH 54 101 101 HOH HOH B . 
D 2 HOH 55 104 104 HOH HOH B . 
D 2 HOH 56 108 108 HOH HOH B . 
D 2 HOH 57 112 112 HOH HOH B . 
D 2 HOH 58 114 114 HOH HOH B . 
D 2 HOH 59 116 116 HOH HOH B . 
D 2 HOH 60 117 117 HOH HOH B . 
D 2 HOH 61 118 118 HOH HOH B . 
D 2 HOH 62 119 119 HOH HOH B . 
D 2 HOH 63 123 123 HOH HOH B . 
D 2 HOH 64 125 125 HOH HOH B . 
# 
_pdbx_struct_assembly.id                   1 
_pdbx_struct_assembly.details              author_and_software_defined_assembly 
_pdbx_struct_assembly.method_details       PISA 
_pdbx_struct_assembly.oligomeric_details   dimeric 
_pdbx_struct_assembly.oligomeric_count     2 
# 
_pdbx_struct_assembly_gen.assembly_id       1 
_pdbx_struct_assembly_gen.oper_expression   1 
_pdbx_struct_assembly_gen.asym_id_list      A,B,C,D 
# 
loop_
_pdbx_struct_assembly_prop.biol_id 
_pdbx_struct_assembly_prop.type 
_pdbx_struct_assembly_prop.value 
_pdbx_struct_assembly_prop.details 
1 'ABSA (A^2)' 2160 ? 
1 MORE         -12  ? 
1 'SSA (A^2)'  6830 ? 
# 
_pdbx_struct_oper_list.id                   1 
_pdbx_struct_oper_list.type                 'identity operation' 
_pdbx_struct_oper_list.name                 1_555 
_pdbx_struct_oper_list.symmetry_operation   x,y,z 
_pdbx_struct_oper_list.matrix[1][1]         1.0000000000 
_pdbx_struct_oper_list.matrix[1][2]         0.0000000000 
_pdbx_struct_oper_list.matrix[1][3]         0.0000000000 
_pdbx_struct_oper_list.vector[1]            0.0000000000 
_pdbx_struct_oper_list.matrix[2][1]         0.0000000000 
_pdbx_struct_oper_list.matrix[2][2]         1.0000000000 
_pdbx_struct_oper_list.matrix[2][3]         0.0000000000 
_pdbx_struct_oper_list.vector[2]            0.0000000000 
_pdbx_struct_oper_list.matrix[3][1]         0.0000000000 
_pdbx_struct_oper_list.matrix[3][2]         0.0000000000 
_pdbx_struct_oper_list.matrix[3][3]         1.0000000000 
_pdbx_struct_oper_list.vector[3]            0.0000000000 
# 
loop_
_pdbx_audit_revision_history.ordinal 
_pdbx_audit_revision_history.data_content_type 
_pdbx_audit_revision_history.major_revision 
_pdbx_audit_revision_history.minor_revision 
_pdbx_audit_revision_history.revision_date 
1 'Structure model' 1 0 2002-02-27 
2 'Structure model' 1 1 2008-04-27 
3 'Structure model' 1 2 2011-07-13 
4 'Structure model' 1 3 2018-04-04 
5 'Structure model' 1 4 2023-08-16 
# 
_pdbx_audit_revision_details.ordinal             1 
_pdbx_audit_revision_details.revision_ordinal    1 
_pdbx_audit_revision_details.data_content_type   'Structure model' 
_pdbx_audit_revision_details.provider            repository 
_pdbx_audit_revision_details.type                'Initial release' 
_pdbx_audit_revision_details.description         ? 
_pdbx_audit_revision_details.details             ? 
# 
loop_
_pdbx_audit_revision_group.ordinal 
_pdbx_audit_revision_group.revision_ordinal 
_pdbx_audit_revision_group.data_content_type 
_pdbx_audit_revision_group.group 
1 2 'Structure model' 'Version format compliance' 
2 3 'Structure model' 'Version format compliance' 
3 4 'Structure model' 'Data collection'           
4 5 'Structure model' 'Data collection'           
5 5 'Structure model' 'Database references'       
6 5 'Structure model' 'Refinement description'    
# 
loop_
_pdbx_audit_revision_category.ordinal 
_pdbx_audit_revision_category.revision_ordinal 
_pdbx_audit_revision_category.data_content_type 
_pdbx_audit_revision_category.category 
1 4 'Structure model' diffrn_source                 
2 5 'Structure model' chem_comp_atom                
3 5 'Structure model' chem_comp_bond                
4 5 'Structure model' database_2                    
5 5 'Structure model' pdbx_initial_refinement_model 
# 
loop_
_pdbx_audit_revision_item.ordinal 
_pdbx_audit_revision_item.revision_ordinal 
_pdbx_audit_revision_item.data_content_type 
_pdbx_audit_revision_item.item 
1 4 'Structure model' '_diffrn_source.type'                 
2 5 'Structure model' '_database_2.pdbx_DOI'                
3 5 'Structure model' '_database_2.pdbx_database_accession' 
# 
loop_
_software.name 
_software.classification 
_software.version 
_software.citation_id 
_software.pdbx_ordinal 
AMoRE  phasing          .         ? 1 
REFMAC refinement       .         ? 2 
DENZO  'data reduction' .         ? 3 
CCP4   'data scaling'   '(SCALA)' ? 4 
# 
_pdbx_validate_close_contact.id               1 
_pdbx_validate_close_contact.PDB_model_num    1 
_pdbx_validate_close_contact.auth_atom_id_1   O 
_pdbx_validate_close_contact.auth_asym_id_1   A 
_pdbx_validate_close_contact.auth_comp_id_1   HOH 
_pdbx_validate_close_contact.auth_seq_id_1    63 
_pdbx_validate_close_contact.PDB_ins_code_1   ? 
_pdbx_validate_close_contact.label_alt_id_1   ? 
_pdbx_validate_close_contact.auth_atom_id_2   O 
_pdbx_validate_close_contact.auth_asym_id_2   A 
_pdbx_validate_close_contact.auth_comp_id_2   HOH 
_pdbx_validate_close_contact.auth_seq_id_2    113 
_pdbx_validate_close_contact.PDB_ins_code_2   ? 
_pdbx_validate_close_contact.label_alt_id_2   ? 
_pdbx_validate_close_contact.dist             2.18 
# 
loop_
_pdbx_validate_rmsd_angle.id 
_pdbx_validate_rmsd_angle.PDB_model_num 
_pdbx_validate_rmsd_angle.auth_atom_id_1 
_pdbx_validate_rmsd_angle.auth_asym_id_1 
_pdbx_validate_rmsd_angle.auth_comp_id_1 
_pdbx_validate_rmsd_angle.auth_seq_id_1 
_pdbx_validate_rmsd_angle.PDB_ins_code_1 
_pdbx_validate_rmsd_angle.label_alt_id_1 
_pdbx_validate_rmsd_angle.auth_atom_id_2 
_pdbx_validate_rmsd_angle.auth_asym_id_2 
_pdbx_validate_rmsd_angle.auth_comp_id_2 
_pdbx_validate_rmsd_angle.auth_seq_id_2 
_pdbx_validate_rmsd_angle.PDB_ins_code_2 
_pdbx_validate_rmsd_angle.label_alt_id_2 
_pdbx_validate_rmsd_angle.auth_atom_id_3 
_pdbx_validate_rmsd_angle.auth_asym_id_3 
_pdbx_validate_rmsd_angle.auth_comp_id_3 
_pdbx_validate_rmsd_angle.auth_seq_id_3 
_pdbx_validate_rmsd_angle.PDB_ins_code_3 
_pdbx_validate_rmsd_angle.label_alt_id_3 
_pdbx_validate_rmsd_angle.angle_value 
_pdbx_validate_rmsd_angle.angle_target_value 
_pdbx_validate_rmsd_angle.angle_deviation 
_pdbx_validate_rmsd_angle.angle_standard_deviation 
_pdbx_validate_rmsd_angle.linker_flag 
1  1 CB A ASP 300 ? ? CG A ASP 300 ? ? OD2 A ASP 300 ? ? 124.28 118.30 5.98   0.90 N 
2  1 CB A ASP 302 ? A CG A ASP 302 ? A OD2 A ASP 302 ? A 125.94 118.30 7.64   0.90 N 
3  1 CB A ASP 338 ? ? CG A ASP 338 ? ? OD2 A ASP 338 ? ? 126.51 118.30 8.21   0.90 N 
4  1 CB A ASP 339 ? ? CG A ASP 339 ? ? OD2 A ASP 339 ? ? 123.96 118.30 5.66   0.90 N 
5  1 CB A LEU 352 ? ? CG A LEU 352 ? ? CD2 A LEU 352 ? ? 100.30 111.00 -10.70 1.70 N 
6  1 N  B PRO 299 ? ? CA B PRO 299 ? ? CB  B PRO 299 ? ? 110.61 103.30 7.31   1.20 N 
7  1 CB B ASP 302 ? ? CA B ASP 302 ? ? C   B ASP 302 ? ? 95.51  110.40 -14.89 2.00 N 
8  1 CB B ASP 314 ? ? CG B ASP 314 ? ? OD2 B ASP 314 ? ? 123.71 118.30 5.41   0.90 N 
9  1 CG B ARG 324 ? A CD B ARG 324 ? A NE  B ARG 324 ? A 94.37  111.80 -17.43 2.10 N 
10 1 CB B PHE 343 ? ? CG B PHE 343 ? ? CD1 B PHE 343 ? ? 125.39 120.80 4.59   0.70 N 
# 
loop_
_pdbx_unobs_or_zero_occ_atoms.id 
_pdbx_unobs_or_zero_occ_atoms.PDB_model_num 
_pdbx_unobs_or_zero_occ_atoms.polymer_flag 
_pdbx_unobs_or_zero_occ_atoms.occupancy_flag 
_pdbx_unobs_or_zero_occ_atoms.auth_asym_id 
_pdbx_unobs_or_zero_occ_atoms.auth_comp_id 
_pdbx_unobs_or_zero_occ_atoms.auth_seq_id 
_pdbx_unobs_or_zero_occ_atoms.PDB_ins_code 
_pdbx_unobs_or_zero_occ_atoms.auth_atom_id 
_pdbx_unobs_or_zero_occ_atoms.label_alt_id 
_pdbx_unobs_or_zero_occ_atoms.label_asym_id 
_pdbx_unobs_or_zero_occ_atoms.label_comp_id 
_pdbx_unobs_or_zero_occ_atoms.label_seq_id 
_pdbx_unobs_or_zero_occ_atoms.label_atom_id 
1  1 Y 1 A LYS 305 ? CG ? A LYS 9  CG 
2  1 Y 1 A LYS 305 ? CD ? A LYS 9  CD 
3  1 Y 1 A LYS 305 ? CE ? A LYS 9  CE 
4  1 Y 1 A LYS 305 ? NZ ? A LYS 9  NZ 
5  1 Y 1 B PRO 299 ? CG ? B PRO 3  CG 
6  1 Y 1 B PRO 299 ? CD ? B PRO 3  CD 
7  1 Y 1 B LYS 305 ? CG ? B LYS 9  CG 
8  1 Y 1 B LYS 305 ? CD ? B LYS 9  CD 
9  1 Y 1 B LYS 305 ? CE ? B LYS 9  CE 
10 1 Y 1 B LYS 305 ? NZ ? B LYS 9  NZ 
11 1 Y 1 B LYS 306 ? CG ? B LYS 10 CG 
12 1 Y 1 B LYS 306 ? CD ? B LYS 10 CD 
13 1 Y 1 B LYS 306 ? CE ? B LYS 10 CE 
14 1 Y 1 B LYS 306 ? NZ ? B LYS 10 NZ 
# 
loop_
_pdbx_unobs_or_zero_occ_residues.id 
_pdbx_unobs_or_zero_occ_residues.PDB_model_num 
_pdbx_unobs_or_zero_occ_residues.polymer_flag 
_pdbx_unobs_or_zero_occ_residues.occupancy_flag 
_pdbx_unobs_or_zero_occ_residues.auth_asym_id 
_pdbx_unobs_or_zero_occ_residues.auth_comp_id 
_pdbx_unobs_or_zero_occ_residues.auth_seq_id 
_pdbx_unobs_or_zero_occ_residues.PDB_ins_code 
_pdbx_unobs_or_zero_occ_residues.label_asym_id 
_pdbx_unobs_or_zero_occ_residues.label_comp_id 
_pdbx_unobs_or_zero_occ_residues.label_seq_id 
1 1 Y 1 A LYS 297 ? A LYS 1 
2 1 Y 1 A GLU 298 ? A GLU 2 
3 1 Y 1 A PRO 299 ? A PRO 3 
4 1 Y 1 B LYS 297 ? B LYS 1 
5 1 Y 1 B GLU 298 ? B GLU 2 
# 
loop_
_chem_comp_atom.comp_id 
_chem_comp_atom.atom_id 
_chem_comp_atom.type_symbol 
_chem_comp_atom.pdbx_aromatic_flag 
_chem_comp_atom.pdbx_stereo_config 
_chem_comp_atom.pdbx_ordinal 
ALA N    N N N 1   
ALA CA   C N S 2   
ALA C    C N N 3   
ALA O    O N N 4   
ALA CB   C N N 5   
ALA OXT  O N N 6   
ALA H    H N N 7   
ALA H2   H N N 8   
ALA HA   H N N 9   
ALA HB1  H N N 10  
ALA HB2  H N N 11  
ALA HB3  H N N 12  
ALA HXT  H N N 13  
ARG N    N N N 14  
ARG CA   C N S 15  
ARG C    C N N 16  
ARG O    O N N 17  
ARG CB   C N N 18  
ARG CG   C N N 19  
ARG CD   C N N 20  
ARG NE   N N N 21  
ARG CZ   C N N 22  
ARG NH1  N N N 23  
ARG NH2  N N N 24  
ARG OXT  O N N 25  
ARG H    H N N 26  
ARG H2   H N N 27  
ARG HA   H N N 28  
ARG HB2  H N N 29  
ARG HB3  H N N 30  
ARG HG2  H N N 31  
ARG HG3  H N N 32  
ARG HD2  H N N 33  
ARG HD3  H N N 34  
ARG HE   H N N 35  
ARG HH11 H N N 36  
ARG HH12 H N N 37  
ARG HH21 H N N 38  
ARG HH22 H N N 39  
ARG HXT  H N N 40  
ASN N    N N N 41  
ASN CA   C N S 42  
ASN C    C N N 43  
ASN O    O N N 44  
ASN CB   C N N 45  
ASN CG   C N N 46  
ASN OD1  O N N 47  
ASN ND2  N N N 48  
ASN OXT  O N N 49  
ASN H    H N N 50  
ASN H2   H N N 51  
ASN HA   H N N 52  
ASN HB2  H N N 53  
ASN HB3  H N N 54  
ASN HD21 H N N 55  
ASN HD22 H N N 56  
ASN HXT  H N N 57  
ASP N    N N N 58  
ASP CA   C N S 59  
ASP C    C N N 60  
ASP O    O N N 61  
ASP CB   C N N 62  
ASP CG   C N N 63  
ASP OD1  O N N 64  
ASP OD2  O N N 65  
ASP OXT  O N N 66  
ASP H    H N N 67  
ASP H2   H N N 68  
ASP HA   H N N 69  
ASP HB2  H N N 70  
ASP HB3  H N N 71  
ASP HD2  H N N 72  
ASP HXT  H N N 73  
GLN N    N N N 74  
GLN CA   C N S 75  
GLN C    C N N 76  
GLN O    O N N 77  
GLN CB   C N N 78  
GLN CG   C N N 79  
GLN CD   C N N 80  
GLN OE1  O N N 81  
GLN NE2  N N N 82  
GLN OXT  O N N 83  
GLN H    H N N 84  
GLN H2   H N N 85  
GLN HA   H N N 86  
GLN HB2  H N N 87  
GLN HB3  H N N 88  
GLN HG2  H N N 89  
GLN HG3  H N N 90  
GLN HE21 H N N 91  
GLN HE22 H N N 92  
GLN HXT  H N N 93  
GLU N    N N N 94  
GLU CA   C N S 95  
GLU C    C N N 96  
GLU O    O N N 97  
GLU CB   C N N 98  
GLU CG   C N N 99  
GLU CD   C N N 100 
GLU OE1  O N N 101 
GLU OE2  O N N 102 
GLU OXT  O N N 103 
GLU H    H N N 104 
GLU H2   H N N 105 
GLU HA   H N N 106 
GLU HB2  H N N 107 
GLU HB3  H N N 108 
GLU HG2  H N N 109 
GLU HG3  H N N 110 
GLU HE2  H N N 111 
GLU HXT  H N N 112 
GLY N    N N N 113 
GLY CA   C N N 114 
GLY C    C N N 115 
GLY O    O N N 116 
GLY OXT  O N N 117 
GLY H    H N N 118 
GLY H2   H N N 119 
GLY HA2  H N N 120 
GLY HA3  H N N 121 
GLY HXT  H N N 122 
HIS N    N N N 123 
HIS CA   C N S 124 
HIS C    C N N 125 
HIS O    O N N 126 
HIS CB   C N N 127 
HIS CG   C Y N 128 
HIS ND1  N Y N 129 
HIS CD2  C Y N 130 
HIS CE1  C Y N 131 
HIS NE2  N Y N 132 
HIS OXT  O N N 133 
HIS H    H N N 134 
HIS H2   H N N 135 
HIS HA   H N N 136 
HIS HB2  H N N 137 
HIS HB3  H N N 138 
HIS HD1  H N N 139 
HIS HD2  H N N 140 
HIS HE1  H N N 141 
HIS HE2  H N N 142 
HIS HXT  H N N 143 
HOH O    O N N 144 
HOH H1   H N N 145 
HOH H2   H N N 146 
ILE N    N N N 147 
ILE CA   C N S 148 
ILE C    C N N 149 
ILE O    O N N 150 
ILE CB   C N S 151 
ILE CG1  C N N 152 
ILE CG2  C N N 153 
ILE CD1  C N N 154 
ILE OXT  O N N 155 
ILE H    H N N 156 
ILE H2   H N N 157 
ILE HA   H N N 158 
ILE HB   H N N 159 
ILE HG12 H N N 160 
ILE HG13 H N N 161 
ILE HG21 H N N 162 
ILE HG22 H N N 163 
ILE HG23 H N N 164 
ILE HD11 H N N 165 
ILE HD12 H N N 166 
ILE HD13 H N N 167 
ILE HXT  H N N 168 
LEU N    N N N 169 
LEU CA   C N S 170 
LEU C    C N N 171 
LEU O    O N N 172 
LEU CB   C N N 173 
LEU CG   C N N 174 
LEU CD1  C N N 175 
LEU CD2  C N N 176 
LEU OXT  O N N 177 
LEU H    H N N 178 
LEU H2   H N N 179 
LEU HA   H N N 180 
LEU HB2  H N N 181 
LEU HB3  H N N 182 
LEU HG   H N N 183 
LEU HD11 H N N 184 
LEU HD12 H N N 185 
LEU HD13 H N N 186 
LEU HD21 H N N 187 
LEU HD22 H N N 188 
LEU HD23 H N N 189 
LEU HXT  H N N 190 
LYS N    N N N 191 
LYS CA   C N S 192 
LYS C    C N N 193 
LYS O    O N N 194 
LYS CB   C N N 195 
LYS CG   C N N 196 
LYS CD   C N N 197 
LYS CE   C N N 198 
LYS NZ   N N N 199 
LYS OXT  O N N 200 
LYS H    H N N 201 
LYS H2   H N N 202 
LYS HA   H N N 203 
LYS HB2  H N N 204 
LYS HB3  H N N 205 
LYS HG2  H N N 206 
LYS HG3  H N N 207 
LYS HD2  H N N 208 
LYS HD3  H N N 209 
LYS HE2  H N N 210 
LYS HE3  H N N 211 
LYS HZ1  H N N 212 
LYS HZ2  H N N 213 
LYS HZ3  H N N 214 
LYS HXT  H N N 215 
PHE N    N N N 216 
PHE CA   C N S 217 
PHE C    C N N 218 
PHE O    O N N 219 
PHE CB   C N N 220 
PHE CG   C Y N 221 
PHE CD1  C Y N 222 
PHE CD2  C Y N 223 
PHE CE1  C Y N 224 
PHE CE2  C Y N 225 
PHE CZ   C Y N 226 
PHE OXT  O N N 227 
PHE H    H N N 228 
PHE H2   H N N 229 
PHE HA   H N N 230 
PHE HB2  H N N 231 
PHE HB3  H N N 232 
PHE HD1  H N N 233 
PHE HD2  H N N 234 
PHE HE1  H N N 235 
PHE HE2  H N N 236 
PHE HZ   H N N 237 
PHE HXT  H N N 238 
PRO N    N N N 239 
PRO CA   C N S 240 
PRO C    C N N 241 
PRO O    O N N 242 
PRO CB   C N N 243 
PRO CG   C N N 244 
PRO CD   C N N 245 
PRO OXT  O N N 246 
PRO H    H N N 247 
PRO HA   H N N 248 
PRO HB2  H N N 249 
PRO HB3  H N N 250 
PRO HG2  H N N 251 
PRO HG3  H N N 252 
PRO HD2  H N N 253 
PRO HD3  H N N 254 
PRO HXT  H N N 255 
TRP N    N N N 256 
TRP CA   C N S 257 
TRP C    C N N 258 
TRP O    O N N 259 
TRP CB   C N N 260 
TRP CG   C Y N 261 
TRP CD1  C Y N 262 
TRP CD2  C Y N 263 
TRP NE1  N Y N 264 
TRP CE2  C Y N 265 
TRP CE3  C Y N 266 
TRP CZ2  C Y N 267 
TRP CZ3  C Y N 268 
TRP CH2  C Y N 269 
TRP OXT  O N N 270 
TRP H    H N N 271 
TRP H2   H N N 272 
TRP HA   H N N 273 
TRP HB2  H N N 274 
TRP HB3  H N N 275 
TRP HD1  H N N 276 
TRP HE1  H N N 277 
TRP HE3  H N N 278 
TRP HZ2  H N N 279 
TRP HZ3  H N N 280 
TRP HH2  H N N 281 
TRP HXT  H N N 282 
TYR N    N N N 283 
TYR CA   C N S 284 
TYR C    C N N 285 
TYR O    O N N 286 
TYR CB   C N N 287 
TYR CG   C Y N 288 
TYR CD1  C Y N 289 
TYR CD2  C Y N 290 
TYR CE1  C Y N 291 
TYR CE2  C Y N 292 
TYR CZ   C Y N 293 
TYR OH   O N N 294 
TYR OXT  O N N 295 
TYR H    H N N 296 
TYR H2   H N N 297 
TYR HA   H N N 298 
TYR HB2  H N N 299 
TYR HB3  H N N 300 
TYR HD1  H N N 301 
TYR HD2  H N N 302 
TYR HE1  H N N 303 
TYR HE2  H N N 304 
TYR HH   H N N 305 
TYR HXT  H N N 306 
VAL N    N N N 307 
VAL CA   C N S 308 
VAL C    C N N 309 
VAL O    O N N 310 
VAL CB   C N N 311 
VAL CG1  C N N 312 
VAL CG2  C N N 313 
VAL OXT  O N N 314 
VAL H    H N N 315 
VAL H2   H N N 316 
VAL HA   H N N 317 
VAL HB   H N N 318 
VAL HG11 H N N 319 
VAL HG12 H N N 320 
VAL HG13 H N N 321 
VAL HG21 H N N 322 
VAL HG22 H N N 323 
VAL HG23 H N N 324 
VAL HXT  H N N 325 
# 
loop_
_chem_comp_bond.comp_id 
_chem_comp_bond.atom_id_1 
_chem_comp_bond.atom_id_2 
_chem_comp_bond.value_order 
_chem_comp_bond.pdbx_aromatic_flag 
_chem_comp_bond.pdbx_stereo_config 
_chem_comp_bond.pdbx_ordinal 
ALA N   CA   sing N N 1   
ALA N   H    sing N N 2   
ALA N   H2   sing N N 3   
ALA CA  C    sing N N 4   
ALA CA  CB   sing N N 5   
ALA CA  HA   sing N N 6   
ALA C   O    doub N N 7   
ALA C   OXT  sing N N 8   
ALA CB  HB1  sing N N 9   
ALA CB  HB2  sing N N 10  
ALA CB  HB3  sing N N 11  
ALA OXT HXT  sing N N 12  
ARG N   CA   sing N N 13  
ARG N   H    sing N N 14  
ARG N   H2   sing N N 15  
ARG CA  C    sing N N 16  
ARG CA  CB   sing N N 17  
ARG CA  HA   sing N N 18  
ARG C   O    doub N N 19  
ARG C   OXT  sing N N 20  
ARG CB  CG   sing N N 21  
ARG CB  HB2  sing N N 22  
ARG CB  HB3  sing N N 23  
ARG CG  CD   sing N N 24  
ARG CG  HG2  sing N N 25  
ARG CG  HG3  sing N N 26  
ARG CD  NE   sing N N 27  
ARG CD  HD2  sing N N 28  
ARG CD  HD3  sing N N 29  
ARG NE  CZ   sing N N 30  
ARG NE  HE   sing N N 31  
ARG CZ  NH1  sing N N 32  
ARG CZ  NH2  doub N N 33  
ARG NH1 HH11 sing N N 34  
ARG NH1 HH12 sing N N 35  
ARG NH2 HH21 sing N N 36  
ARG NH2 HH22 sing N N 37  
ARG OXT HXT  sing N N 38  
ASN N   CA   sing N N 39  
ASN N   H    sing N N 40  
ASN N   H2   sing N N 41  
ASN CA  C    sing N N 42  
ASN CA  CB   sing N N 43  
ASN CA  HA   sing N N 44  
ASN C   O    doub N N 45  
ASN C   OXT  sing N N 46  
ASN CB  CG   sing N N 47  
ASN CB  HB2  sing N N 48  
ASN CB  HB3  sing N N 49  
ASN CG  OD1  doub N N 50  
ASN CG  ND2  sing N N 51  
ASN ND2 HD21 sing N N 52  
ASN ND2 HD22 sing N N 53  
ASN OXT HXT  sing N N 54  
ASP N   CA   sing N N 55  
ASP N   H    sing N N 56  
ASP N   H2   sing N N 57  
ASP CA  C    sing N N 58  
ASP CA  CB   sing N N 59  
ASP CA  HA   sing N N 60  
ASP C   O    doub N N 61  
ASP C   OXT  sing N N 62  
ASP CB  CG   sing N N 63  
ASP CB  HB2  sing N N 64  
ASP CB  HB3  sing N N 65  
ASP CG  OD1  doub N N 66  
ASP CG  OD2  sing N N 67  
ASP OD2 HD2  sing N N 68  
ASP OXT HXT  sing N N 69  
GLN N   CA   sing N N 70  
GLN N   H    sing N N 71  
GLN N   H2   sing N N 72  
GLN CA  C    sing N N 73  
GLN CA  CB   sing N N 74  
GLN CA  HA   sing N N 75  
GLN C   O    doub N N 76  
GLN C   OXT  sing N N 77  
GLN CB  CG   sing N N 78  
GLN CB  HB2  sing N N 79  
GLN CB  HB3  sing N N 80  
GLN CG  CD   sing N N 81  
GLN CG  HG2  sing N N 82  
GLN CG  HG3  sing N N 83  
GLN CD  OE1  doub N N 84  
GLN CD  NE2  sing N N 85  
GLN NE2 HE21 sing N N 86  
GLN NE2 HE22 sing N N 87  
GLN OXT HXT  sing N N 88  
GLU N   CA   sing N N 89  
GLU N   H    sing N N 90  
GLU N   H2   sing N N 91  
GLU CA  C    sing N N 92  
GLU CA  CB   sing N N 93  
GLU CA  HA   sing N N 94  
GLU C   O    doub N N 95  
GLU C   OXT  sing N N 96  
GLU CB  CG   sing N N 97  
GLU CB  HB2  sing N N 98  
GLU CB  HB3  sing N N 99  
GLU CG  CD   sing N N 100 
GLU CG  HG2  sing N N 101 
GLU CG  HG3  sing N N 102 
GLU CD  OE1  doub N N 103 
GLU CD  OE2  sing N N 104 
GLU OE2 HE2  sing N N 105 
GLU OXT HXT  sing N N 106 
GLY N   CA   sing N N 107 
GLY N   H    sing N N 108 
GLY N   H2   sing N N 109 
GLY CA  C    sing N N 110 
GLY CA  HA2  sing N N 111 
GLY CA  HA3  sing N N 112 
GLY C   O    doub N N 113 
GLY C   OXT  sing N N 114 
GLY OXT HXT  sing N N 115 
HIS N   CA   sing N N 116 
HIS N   H    sing N N 117 
HIS N   H2   sing N N 118 
HIS CA  C    sing N N 119 
HIS CA  CB   sing N N 120 
HIS CA  HA   sing N N 121 
HIS C   O    doub N N 122 
HIS C   OXT  sing N N 123 
HIS CB  CG   sing N N 124 
HIS CB  HB2  sing N N 125 
HIS CB  HB3  sing N N 126 
HIS CG  ND1  sing Y N 127 
HIS CG  CD2  doub Y N 128 
HIS ND1 CE1  doub Y N 129 
HIS ND1 HD1  sing N N 130 
HIS CD2 NE2  sing Y N 131 
HIS CD2 HD2  sing N N 132 
HIS CE1 NE2  sing Y N 133 
HIS CE1 HE1  sing N N 134 
HIS NE2 HE2  sing N N 135 
HIS OXT HXT  sing N N 136 
HOH O   H1   sing N N 137 
HOH O   H2   sing N N 138 
ILE N   CA   sing N N 139 
ILE N   H    sing N N 140 
ILE N   H2   sing N N 141 
ILE CA  C    sing N N 142 
ILE CA  CB   sing N N 143 
ILE CA  HA   sing N N 144 
ILE C   O    doub N N 145 
ILE C   OXT  sing N N 146 
ILE CB  CG1  sing N N 147 
ILE CB  CG2  sing N N 148 
ILE CB  HB   sing N N 149 
ILE CG1 CD1  sing N N 150 
ILE CG1 HG12 sing N N 151 
ILE CG1 HG13 sing N N 152 
ILE CG2 HG21 sing N N 153 
ILE CG2 HG22 sing N N 154 
ILE CG2 HG23 sing N N 155 
ILE CD1 HD11 sing N N 156 
ILE CD1 HD12 sing N N 157 
ILE CD1 HD13 sing N N 158 
ILE OXT HXT  sing N N 159 
LEU N   CA   sing N N 160 
LEU N   H    sing N N 161 
LEU N   H2   sing N N 162 
LEU CA  C    sing N N 163 
LEU CA  CB   sing N N 164 
LEU CA  HA   sing N N 165 
LEU C   O    doub N N 166 
LEU C   OXT  sing N N 167 
LEU CB  CG   sing N N 168 
LEU CB  HB2  sing N N 169 
LEU CB  HB3  sing N N 170 
LEU CG  CD1  sing N N 171 
LEU CG  CD2  sing N N 172 
LEU CG  HG   sing N N 173 
LEU CD1 HD11 sing N N 174 
LEU CD1 HD12 sing N N 175 
LEU CD1 HD13 sing N N 176 
LEU CD2 HD21 sing N N 177 
LEU CD2 HD22 sing N N 178 
LEU CD2 HD23 sing N N 179 
LEU OXT HXT  sing N N 180 
LYS N   CA   sing N N 181 
LYS N   H    sing N N 182 
LYS N   H2   sing N N 183 
LYS CA  C    sing N N 184 
LYS CA  CB   sing N N 185 
LYS CA  HA   sing N N 186 
LYS C   O    doub N N 187 
LYS C   OXT  sing N N 188 
LYS CB  CG   sing N N 189 
LYS CB  HB2  sing N N 190 
LYS CB  HB3  sing N N 191 
LYS CG  CD   sing N N 192 
LYS CG  HG2  sing N N 193 
LYS CG  HG3  sing N N 194 
LYS CD  CE   sing N N 195 
LYS CD  HD2  sing N N 196 
LYS CD  HD3  sing N N 197 
LYS CE  NZ   sing N N 198 
LYS CE  HE2  sing N N 199 
LYS CE  HE3  sing N N 200 
LYS NZ  HZ1  sing N N 201 
LYS NZ  HZ2  sing N N 202 
LYS NZ  HZ3  sing N N 203 
LYS OXT HXT  sing N N 204 
PHE N   CA   sing N N 205 
PHE N   H    sing N N 206 
PHE N   H2   sing N N 207 
PHE CA  C    sing N N 208 
PHE CA  CB   sing N N 209 
PHE CA  HA   sing N N 210 
PHE C   O    doub N N 211 
PHE C   OXT  sing N N 212 
PHE CB  CG   sing N N 213 
PHE CB  HB2  sing N N 214 
PHE CB  HB3  sing N N 215 
PHE CG  CD1  doub Y N 216 
PHE CG  CD2  sing Y N 217 
PHE CD1 CE1  sing Y N 218 
PHE CD1 HD1  sing N N 219 
PHE CD2 CE2  doub Y N 220 
PHE CD2 HD2  sing N N 221 
PHE CE1 CZ   doub Y N 222 
PHE CE1 HE1  sing N N 223 
PHE CE2 CZ   sing Y N 224 
PHE CE2 HE2  sing N N 225 
PHE CZ  HZ   sing N N 226 
PHE OXT HXT  sing N N 227 
PRO N   CA   sing N N 228 
PRO N   CD   sing N N 229 
PRO N   H    sing N N 230 
PRO CA  C    sing N N 231 
PRO CA  CB   sing N N 232 
PRO CA  HA   sing N N 233 
PRO C   O    doub N N 234 
PRO C   OXT  sing N N 235 
PRO CB  CG   sing N N 236 
PRO CB  HB2  sing N N 237 
PRO CB  HB3  sing N N 238 
PRO CG  CD   sing N N 239 
PRO CG  HG2  sing N N 240 
PRO CG  HG3  sing N N 241 
PRO CD  HD2  sing N N 242 
PRO CD  HD3  sing N N 243 
PRO OXT HXT  sing N N 244 
TRP N   CA   sing N N 245 
TRP N   H    sing N N 246 
TRP N   H2   sing N N 247 
TRP CA  C    sing N N 248 
TRP CA  CB   sing N N 249 
TRP CA  HA   sing N N 250 
TRP C   O    doub N N 251 
TRP C   OXT  sing N N 252 
TRP CB  CG   sing N N 253 
TRP CB  HB2  sing N N 254 
TRP CB  HB3  sing N N 255 
TRP CG  CD1  doub Y N 256 
TRP CG  CD2  sing Y N 257 
TRP CD1 NE1  sing Y N 258 
TRP CD1 HD1  sing N N 259 
TRP CD2 CE2  doub Y N 260 
TRP CD2 CE3  sing Y N 261 
TRP NE1 CE2  sing Y N 262 
TRP NE1 HE1  sing N N 263 
TRP CE2 CZ2  sing Y N 264 
TRP CE3 CZ3  doub Y N 265 
TRP CE3 HE3  sing N N 266 
TRP CZ2 CH2  doub Y N 267 
TRP CZ2 HZ2  sing N N 268 
TRP CZ3 CH2  sing Y N 269 
TRP CZ3 HZ3  sing N N 270 
TRP CH2 HH2  sing N N 271 
TRP OXT HXT  sing N N 272 
TYR N   CA   sing N N 273 
TYR N   H    sing N N 274 
TYR N   H2   sing N N 275 
TYR CA  C    sing N N 276 
TYR CA  CB   sing N N 277 
TYR CA  HA   sing N N 278 
TYR C   O    doub N N 279 
TYR C   OXT  sing N N 280 
TYR CB  CG   sing N N 281 
TYR CB  HB2  sing N N 282 
TYR CB  HB3  sing N N 283 
TYR CG  CD1  doub Y N 284 
TYR CG  CD2  sing Y N 285 
TYR CD1 CE1  sing Y N 286 
TYR CD1 HD1  sing N N 287 
TYR CD2 CE2  doub Y N 288 
TYR CD2 HD2  sing N N 289 
TYR CE1 CZ   doub Y N 290 
TYR CE1 HE1  sing N N 291 
TYR CE2 CZ   sing Y N 292 
TYR CE2 HE2  sing N N 293 
TYR CZ  OH   sing N N 294 
TYR OH  HH   sing N N 295 
TYR OXT HXT  sing N N 296 
VAL N   CA   sing N N 297 
VAL N   H    sing N N 298 
VAL N   H2   sing N N 299 
VAL CA  C    sing N N 300 
VAL CA  CB   sing N N 301 
VAL CA  HA   sing N N 302 
VAL C   O    doub N N 303 
VAL C   OXT  sing N N 304 
VAL CB  CG1  sing N N 305 
VAL CB  CG2  sing N N 306 
VAL CB  HB   sing N N 307 
VAL CG1 HG11 sing N N 308 
VAL CG1 HG12 sing N N 309 
VAL CG1 HG13 sing N N 310 
VAL CG2 HG21 sing N N 311 
VAL CG2 HG22 sing N N 312 
VAL CG2 HG23 sing N N 313 
VAL OXT HXT  sing N N 314 
# 
_pdbx_entity_nonpoly.entity_id   2 
_pdbx_entity_nonpoly.name        water 
_pdbx_entity_nonpoly.comp_id     HOH 
# 
_pdbx_initial_refinement_model.id               1 
_pdbx_initial_refinement_model.entity_id_list   ? 
_pdbx_initial_refinement_model.type             'experimental model' 
_pdbx_initial_refinement_model.source_name      PDB 
_pdbx_initial_refinement_model.accession_code   1IGQ 
_pdbx_initial_refinement_model.details          'PDB ENTRY 1IGQ' 
# 
